data_6X1R
# 
_entry.id   6X1R 
# 
_audit_conform.dict_name       mmcif_pdbx.dic 
_audit_conform.dict_version    5.380 
_audit_conform.dict_location   http://mmcif.pdb.org/dictionaries/ascii/mmcif_pdbx.dic 
# 
loop_
_database_2.database_id 
_database_2.database_code 
_database_2.pdbx_database_accession 
_database_2.pdbx_DOI 
PDB   6X1R         pdb_00006x1r 10.2210/pdb6x1r/pdb 
WWPDB D_1000249419 ?            ?                   
# 
_pdbx_database_status.status_code                     REL 
_pdbx_database_status.status_code_sf                  REL 
_pdbx_database_status.status_code_mr                  ? 
_pdbx_database_status.entry_id                        6X1R 
_pdbx_database_status.recvd_initial_deposition_date   2020-05-19 
_pdbx_database_status.SG_entry                        N 
_pdbx_database_status.deposit_site                    RCSB 
_pdbx_database_status.process_site                    RCSB 
_pdbx_database_status.status_code_cs                  ? 
_pdbx_database_status.status_code_nmr_data            ? 
_pdbx_database_status.methods_development_category    ? 
_pdbx_database_status.pdb_format_compatible           Y 
# 
loop_
_audit_author.name 
_audit_author.pdbx_ordinal 
_audit_author.identifier_ORCID 
'Bamonte, H.A.' 1 0000-0002-7692-9671 
'Amacher, J.F.' 2 0000-0002-3646-7521 
# 
_citation.abstract                  ? 
_citation.abstract_id_CAS           ? 
_citation.book_id_ISBN              ? 
_citation.book_publisher            ? 
_citation.book_publisher_city       ? 
_citation.book_title                ? 
_citation.coordinate_linkage        ? 
_citation.country                   US 
_citation.database_id_Medline       ? 
_citation.details                   ? 
_citation.id                        primary 
_citation.journal_abbrev            'Protein Sci.' 
_citation.journal_id_ASTM           PRCIEI 
_citation.journal_id_CSD            0795 
_citation.journal_id_ISSN           1469-896X 
_citation.journal_full              ? 
_citation.journal_issue             ? 
_citation.journal_volume            29 
_citation.language                  ? 
_citation.page_first                2226 
_citation.page_last                 2244 
_citation.title                     
'Structural characterization and computational analysis of PDZ domains in Monosiga brevicollis.' 
_citation.year                      2020 
_citation.database_id_CSD           ? 
_citation.pdbx_database_id_DOI      10.1002/pro.3947 
_citation.pdbx_database_id_PubMed   32914530 
_citation.unpublished_flag          ? 
# 
loop_
_citation_author.citation_id 
_citation_author.name 
_citation_author.ordinal 
_citation_author.identifier_ORCID 
primary 'Gao, M.'            1  ?                   
primary 'Mackley, I.G.P.'    2  ?                   
primary 'Mesbahi-Vasey, S.'  3  ?                   
primary 'Bamonte, H.A.'      4  ?                   
primary 'Struyvenberg, S.A.' 5  ?                   
primary 'Landolt, L.'        6  ?                   
primary 'Pederson, N.J.'     7  ?                   
primary 'Williams, L.I.'     8  ?                   
primary 'Bahl, C.D.'         9  0000-0002-3652-3693 
primary 'Brooks 3rd, L.'     10 ?                   
primary 'Amacher, J.F.'      11 0000-0002-3646-7521 
# 
_cell.angle_alpha                  90.000 
_cell.angle_alpha_esd              ? 
_cell.angle_beta                   90.000 
_cell.angle_beta_esd               ? 
_cell.angle_gamma                  90.000 
_cell.angle_gamma_esd              ? 
_cell.entry_id                     6X1R 
_cell.details                      ? 
_cell.formula_units_Z              ? 
_cell.length_a                     35.091 
_cell.length_a_esd                 ? 
_cell.length_b                     56.107 
_cell.length_b_esd                 ? 
_cell.length_c                     57.918 
_cell.length_c_esd                 ? 
_cell.volume                       ? 
_cell.volume_esd                   ? 
_cell.Z_PDB                        4 
_cell.reciprocal_angle_alpha       ? 
_cell.reciprocal_angle_beta        ? 
_cell.reciprocal_angle_gamma       ? 
_cell.reciprocal_angle_alpha_esd   ? 
_cell.reciprocal_angle_beta_esd    ? 
_cell.reciprocal_angle_gamma_esd   ? 
_cell.reciprocal_length_a          ? 
_cell.reciprocal_length_b          ? 
_cell.reciprocal_length_c          ? 
_cell.reciprocal_length_a_esd      ? 
_cell.reciprocal_length_b_esd      ? 
_cell.reciprocal_length_c_esd      ? 
_cell.pdbx_unique_axis             ? 
# 
_symmetry.entry_id                         6X1R 
_symmetry.cell_setting                     ? 
_symmetry.Int_Tables_number                19 
_symmetry.space_group_name_Hall            ? 
_symmetry.space_group_name_H-M             'P 21 21 21' 
_symmetry.pdbx_full_space_group_name_H-M   ? 
# 
loop_
_entity.id 
_entity.type 
_entity.src_method 
_entity.pdbx_description 
_entity.formula_weight 
_entity.pdbx_number_of_molecules 
_entity.pdbx_ec 
_entity.pdbx_mutation 
_entity.pdbx_fragment 
_entity.details 
1 polymer     man 'mbDLG protein' 10847.223 1   ? ? 'second PDZ domain (UNP residues 93-192)' ? 
2 non-polymer syn GLYCEROL        92.094    1   ? ? ?                                         ? 
3 water       nat water           18.015    123 ? ? ?                                         ? 
# 
_entity_poly.entity_id                      1 
_entity_poly.type                           'polypeptide(L)' 
_entity_poly.nstd_linkage                   no 
_entity_poly.nstd_monomer                   no 
_entity_poly.pdbx_seq_one_letter_code       
;GPETISLHRQHGRGLGFTIAGGQGSPHIAGDDGIFISKIIPDSAAKEDGRLAVGDRVLSVQGESCEKITHERAVEMLRNP
ASPIVLVVEHNAFHKATAELSR
;
_entity_poly.pdbx_seq_one_letter_code_can   
;GPETISLHRQHGRGLGFTIAGGQGSPHIAGDDGIFISKIIPDSAAKEDGRLAVGDRVLSVQGESCEKITHERAVEMLRNP
ASPIVLVVEHNAFHKATAELSR
;
_entity_poly.pdbx_strand_id                 A 
_entity_poly.pdbx_target_identifier         ? 
# 
loop_
_entity_poly_seq.entity_id 
_entity_poly_seq.num 
_entity_poly_seq.mon_id 
_entity_poly_seq.hetero 
1 1   GLY n 
1 2   PRO n 
1 3   GLU n 
1 4   THR n 
1 5   ILE n 
1 6   SER n 
1 7   LEU n 
1 8   HIS n 
1 9   ARG n 
1 10  GLN n 
1 11  HIS n 
1 12  GLY n 
1 13  ARG n 
1 14  GLY n 
1 15  LEU n 
1 16  GLY n 
1 17  PHE n 
1 18  THR n 
1 19  ILE n 
1 20  ALA n 
1 21  GLY n 
1 22  GLY n 
1 23  GLN n 
1 24  GLY n 
1 25  SER n 
1 26  PRO n 
1 27  HIS n 
1 28  ILE n 
1 29  ALA n 
1 30  GLY n 
1 31  ASP n 
1 32  ASP n 
1 33  GLY n 
1 34  ILE n 
1 35  PHE n 
1 36  ILE n 
1 37  SER n 
1 38  LYS n 
1 39  ILE n 
1 40  ILE n 
1 41  PRO n 
1 42  ASP n 
1 43  SER n 
1 44  ALA n 
1 45  ALA n 
1 46  LYS n 
1 47  GLU n 
1 48  ASP n 
1 49  GLY n 
1 50  ARG n 
1 51  LEU n 
1 52  ALA n 
1 53  VAL n 
1 54  GLY n 
1 55  ASP n 
1 56  ARG n 
1 57  VAL n 
1 58  LEU n 
1 59  SER n 
1 60  VAL n 
1 61  GLN n 
1 62  GLY n 
1 63  GLU n 
1 64  SER n 
1 65  CYS n 
1 66  GLU n 
1 67  LYS n 
1 68  ILE n 
1 69  THR n 
1 70  HIS n 
1 71  GLU n 
1 72  ARG n 
1 73  ALA n 
1 74  VAL n 
1 75  GLU n 
1 76  MET n 
1 77  LEU n 
1 78  ARG n 
1 79  ASN n 
1 80  PRO n 
1 81  ALA n 
1 82  SER n 
1 83  PRO n 
1 84  ILE n 
1 85  VAL n 
1 86  LEU n 
1 87  VAL n 
1 88  VAL n 
1 89  GLU n 
1 90  HIS n 
1 91  ASN n 
1 92  ALA n 
1 93  PHE n 
1 94  HIS n 
1 95  LYS n 
1 96  ALA n 
1 97  THR n 
1 98  ALA n 
1 99  GLU n 
1 100 LEU n 
1 101 SER n 
1 102 ARG n 
# 
_entity_src_gen.entity_id                          1 
_entity_src_gen.pdbx_src_id                        1 
_entity_src_gen.pdbx_alt_source_flag               sample 
_entity_src_gen.pdbx_seq_type                      'Biological sequence' 
_entity_src_gen.pdbx_beg_seq_num                   1 
_entity_src_gen.pdbx_end_seq_num                   102 
_entity_src_gen.gene_src_common_name               Choanoflagellate 
_entity_src_gen.gene_src_genus                     ? 
_entity_src_gen.pdbx_gene_src_gene                 209 
_entity_src_gen.gene_src_species                   ? 
_entity_src_gen.gene_src_strain                    ? 
_entity_src_gen.gene_src_tissue                    ? 
_entity_src_gen.gene_src_tissue_fraction           ? 
_entity_src_gen.gene_src_details                   ? 
_entity_src_gen.pdbx_gene_src_fragment             ? 
_entity_src_gen.pdbx_gene_src_scientific_name      'Monosiga brevicollis' 
_entity_src_gen.pdbx_gene_src_ncbi_taxonomy_id     81824 
_entity_src_gen.pdbx_gene_src_variant              ? 
_entity_src_gen.pdbx_gene_src_cell_line            ? 
_entity_src_gen.pdbx_gene_src_atcc                 ? 
_entity_src_gen.pdbx_gene_src_organ                ? 
_entity_src_gen.pdbx_gene_src_organelle            ? 
_entity_src_gen.pdbx_gene_src_cell                 ? 
_entity_src_gen.pdbx_gene_src_cellular_location    ? 
_entity_src_gen.host_org_common_name               ? 
_entity_src_gen.pdbx_host_org_scientific_name      'Escherichia coli BL21(DE3)' 
_entity_src_gen.pdbx_host_org_ncbi_taxonomy_id     469008 
_entity_src_gen.host_org_genus                     ? 
_entity_src_gen.pdbx_host_org_gene                 ? 
_entity_src_gen.pdbx_host_org_organ                ? 
_entity_src_gen.host_org_species                   ? 
_entity_src_gen.pdbx_host_org_tissue               ? 
_entity_src_gen.pdbx_host_org_tissue_fraction      ? 
_entity_src_gen.pdbx_host_org_strain               ? 
_entity_src_gen.pdbx_host_org_variant              ? 
_entity_src_gen.pdbx_host_org_cell_line            ? 
_entity_src_gen.pdbx_host_org_atcc                 ? 
_entity_src_gen.pdbx_host_org_culture_collection   ? 
_entity_src_gen.pdbx_host_org_cell                 ? 
_entity_src_gen.pdbx_host_org_organelle            ? 
_entity_src_gen.pdbx_host_org_cellular_location    ? 
_entity_src_gen.pdbx_host_org_vector_type          plasmid 
_entity_src_gen.pdbx_host_org_vector               ? 
_entity_src_gen.host_org_details                   ? 
_entity_src_gen.expression_system_id               ? 
_entity_src_gen.plasmid_name                       pET28a+ 
_entity_src_gen.plasmid_details                    ? 
_entity_src_gen.pdbx_description                   ? 
# 
_struct_ref.id                         1 
_struct_ref.db_name                    UNP 
_struct_ref.db_code                    A9UT73_MONBE 
_struct_ref.pdbx_db_accession          A9UT73 
_struct_ref.pdbx_db_isoform            ? 
_struct_ref.entity_id                  1 
_struct_ref.pdbx_seq_one_letter_code   
;ETISLHRQHGRGLGFTIAGGQGSPHIAGDDGIFISKIIPDSAAKEDGRLAVGDRVLSVQGESCEKITHERAVEMLRNPAS
PIVLVVEHNAFHKATAELSR
;
_struct_ref.pdbx_align_begin           93 
# 
_struct_ref_seq.align_id                      1 
_struct_ref_seq.ref_id                        1 
_struct_ref_seq.pdbx_PDB_id_code              6X1R 
_struct_ref_seq.pdbx_strand_id                A 
_struct_ref_seq.seq_align_beg                 3 
_struct_ref_seq.pdbx_seq_align_beg_ins_code   ? 
_struct_ref_seq.seq_align_end                 102 
_struct_ref_seq.pdbx_seq_align_end_ins_code   ? 
_struct_ref_seq.pdbx_db_accession             A9UT73 
_struct_ref_seq.db_align_beg                  93 
_struct_ref_seq.pdbx_db_align_beg_ins_code    ? 
_struct_ref_seq.db_align_end                  192 
_struct_ref_seq.pdbx_db_align_end_ins_code    ? 
_struct_ref_seq.pdbx_auth_seq_align_beg       93 
_struct_ref_seq.pdbx_auth_seq_align_end       192 
# 
loop_
_struct_ref_seq_dif.align_id 
_struct_ref_seq_dif.pdbx_pdb_id_code 
_struct_ref_seq_dif.mon_id 
_struct_ref_seq_dif.pdbx_pdb_strand_id 
_struct_ref_seq_dif.seq_num 
_struct_ref_seq_dif.pdbx_pdb_ins_code 
_struct_ref_seq_dif.pdbx_seq_db_name 
_struct_ref_seq_dif.pdbx_seq_db_accession_code 
_struct_ref_seq_dif.db_mon_id 
_struct_ref_seq_dif.pdbx_seq_db_seq_num 
_struct_ref_seq_dif.details 
_struct_ref_seq_dif.pdbx_auth_seq_num 
_struct_ref_seq_dif.pdbx_ordinal 
1 6X1R GLY A 1 ? UNP A9UT73 ? ? 'expression tag' 91 1 
1 6X1R PRO A 2 ? UNP A9UT73 ? ? 'expression tag' 92 2 
# 
loop_
_chem_comp.id 
_chem_comp.type 
_chem_comp.mon_nstd_flag 
_chem_comp.name 
_chem_comp.pdbx_synonyms 
_chem_comp.formula 
_chem_comp.formula_weight 
ALA 'L-peptide linking' y ALANINE         ?                               'C3 H7 N O2'     89.093  
ARG 'L-peptide linking' y ARGININE        ?                               'C6 H15 N4 O2 1' 175.209 
ASN 'L-peptide linking' y ASPARAGINE      ?                               'C4 H8 N2 O3'    132.118 
ASP 'L-peptide linking' y 'ASPARTIC ACID' ?                               'C4 H7 N O4'     133.103 
CYS 'L-peptide linking' y CYSTEINE        ?                               'C3 H7 N O2 S'   121.158 
GLN 'L-peptide linking' y GLUTAMINE       ?                               'C5 H10 N2 O3'   146.144 
GLU 'L-peptide linking' y 'GLUTAMIC ACID' ?                               'C5 H9 N O4'     147.129 
GLY 'peptide linking'   y GLYCINE         ?                               'C2 H5 N O2'     75.067  
GOL non-polymer         . GLYCEROL        'GLYCERIN; PROPANE-1,2,3-TRIOL' 'C3 H8 O3'       92.094  
HIS 'L-peptide linking' y HISTIDINE       ?                               'C6 H10 N3 O2 1' 156.162 
HOH non-polymer         . WATER           ?                               'H2 O'           18.015  
ILE 'L-peptide linking' y ISOLEUCINE      ?                               'C6 H13 N O2'    131.173 
LEU 'L-peptide linking' y LEUCINE         ?                               'C6 H13 N O2'    131.173 
LYS 'L-peptide linking' y LYSINE          ?                               'C6 H15 N2 O2 1' 147.195 
MET 'L-peptide linking' y METHIONINE      ?                               'C5 H11 N O2 S'  149.211 
PHE 'L-peptide linking' y PHENYLALANINE   ?                               'C9 H11 N O2'    165.189 
PRO 'L-peptide linking' y PROLINE         ?                               'C5 H9 N O2'     115.130 
SER 'L-peptide linking' y SERINE          ?                               'C3 H7 N O3'     105.093 
THR 'L-peptide linking' y THREONINE       ?                               'C4 H9 N O3'     119.119 
VAL 'L-peptide linking' y VALINE          ?                               'C5 H11 N O2'    117.146 
# 
_exptl.absorpt_coefficient_mu     ? 
_exptl.absorpt_correction_T_max   ? 
_exptl.absorpt_correction_T_min   ? 
_exptl.absorpt_correction_type    ? 
_exptl.absorpt_process_details    ? 
_exptl.entry_id                   6X1R 
_exptl.crystals_number            1 
_exptl.details                    ? 
_exptl.method                     'X-RAY DIFFRACTION' 
_exptl.method_details             ? 
# 
_exptl_crystal.colour                      ? 
_exptl_crystal.density_diffrn              ? 
_exptl_crystal.density_Matthews            2.63 
_exptl_crystal.density_method              ? 
_exptl_crystal.density_percent_sol         53.28 
_exptl_crystal.description                 ? 
_exptl_crystal.F_000                       ? 
_exptl_crystal.id                          1 
_exptl_crystal.preparation                 ? 
_exptl_crystal.size_max                    ? 
_exptl_crystal.size_mid                    ? 
_exptl_crystal.size_min                    ? 
_exptl_crystal.size_rad                    ? 
_exptl_crystal.colour_lustre               ? 
_exptl_crystal.colour_modifier             ? 
_exptl_crystal.colour_primary              ? 
_exptl_crystal.density_meas                ? 
_exptl_crystal.density_meas_esd            ? 
_exptl_crystal.density_meas_gt             ? 
_exptl_crystal.density_meas_lt             ? 
_exptl_crystal.density_meas_temp           ? 
_exptl_crystal.density_meas_temp_esd       ? 
_exptl_crystal.density_meas_temp_gt        ? 
_exptl_crystal.density_meas_temp_lt        ? 
_exptl_crystal.pdbx_crystal_image_url      ? 
_exptl_crystal.pdbx_crystal_image_format   ? 
_exptl_crystal.pdbx_mosaicity              ? 
_exptl_crystal.pdbx_mosaicity_esd          ? 
# 
_exptl_crystal_grow.apparatus       ? 
_exptl_crystal_grow.atmosphere      ? 
_exptl_crystal_grow.crystal_id      1 
_exptl_crystal_grow.details         ? 
_exptl_crystal_grow.method          'VAPOR DIFFUSION, HANGING DROP' 
_exptl_crystal_grow.method_ref      ? 
_exptl_crystal_grow.pH              5 
_exptl_crystal_grow.pressure        ? 
_exptl_crystal_grow.pressure_esd    ? 
_exptl_crystal_grow.seeding         ? 
_exptl_crystal_grow.seeding_ref     ? 
_exptl_crystal_grow.temp            298 
_exptl_crystal_grow.temp_details    ? 
_exptl_crystal_grow.temp_esd        ? 
_exptl_crystal_grow.time            ? 
_exptl_crystal_grow.pdbx_details    '0.2 M sodium malonate, pH 5, 20% w/v PEG3350' 
_exptl_crystal_grow.pdbx_pH_range   ? 
# 
_diffrn.ambient_environment              ? 
_diffrn.ambient_temp                     80 
_diffrn.ambient_temp_details             ? 
_diffrn.ambient_temp_esd                 ? 
_diffrn.crystal_id                       1 
_diffrn.crystal_support                  ? 
_diffrn.crystal_treatment                ? 
_diffrn.details                          ? 
_diffrn.id                               1 
_diffrn.ambient_pressure                 ? 
_diffrn.ambient_pressure_esd             ? 
_diffrn.ambient_pressure_gt              ? 
_diffrn.ambient_pressure_lt              ? 
_diffrn.ambient_temp_gt                  ? 
_diffrn.ambient_temp_lt                  ? 
_diffrn.pdbx_serial_crystal_experiment   N 
# 
_diffrn_detector.details                      ? 
_diffrn_detector.detector                     PIXEL 
_diffrn_detector.diffrn_id                    1 
_diffrn_detector.type                         'DECTRIS PILATUS3 6M' 
_diffrn_detector.area_resol_mean              ? 
_diffrn_detector.dtime                        ? 
_diffrn_detector.pdbx_frames_total            ? 
_diffrn_detector.pdbx_collection_time_total   ? 
_diffrn_detector.pdbx_collection_date         2020-03-12 
_diffrn_detector.pdbx_frequency               ? 
# 
_diffrn_radiation.collimation                      ? 
_diffrn_radiation.diffrn_id                        1 
_diffrn_radiation.filter_edge                      ? 
_diffrn_radiation.inhomogeneity                    ? 
_diffrn_radiation.monochromator                    'Si(220)' 
_diffrn_radiation.polarisn_norm                    ? 
_diffrn_radiation.polarisn_ratio                   ? 
_diffrn_radiation.probe                            ? 
_diffrn_radiation.type                             ? 
_diffrn_radiation.xray_symbol                      ? 
_diffrn_radiation.wavelength_id                    1 
_diffrn_radiation.pdbx_monochromatic_or_laue_m_l   M 
_diffrn_radiation.pdbx_wavelength_list             ? 
_diffrn_radiation.pdbx_wavelength                  ? 
_diffrn_radiation.pdbx_diffrn_protocol             'SINGLE WAVELENGTH' 
_diffrn_radiation.pdbx_analyzer                    ? 
_diffrn_radiation.pdbx_scattering_type             x-ray 
# 
_diffrn_radiation_wavelength.id           1 
_diffrn_radiation_wavelength.wavelength   0.977410 
_diffrn_radiation_wavelength.wt           1.0 
# 
_diffrn_source.current                     ? 
_diffrn_source.details                     ? 
_diffrn_source.diffrn_id                   1 
_diffrn_source.power                       ? 
_diffrn_source.size                        ? 
_diffrn_source.source                      SYNCHROTRON 
_diffrn_source.target                      ? 
_diffrn_source.type                        'ALS BEAMLINE 5.0.1' 
_diffrn_source.voltage                     ? 
_diffrn_source.take-off_angle              ? 
_diffrn_source.pdbx_wavelength_list        0.977410 
_diffrn_source.pdbx_wavelength             ? 
_diffrn_source.pdbx_synchrotron_beamline   5.0.1 
_diffrn_source.pdbx_synchrotron_site       ALS 
# 
_reflns.B_iso_Wilson_estimate            24.3 
_reflns.entry_id                         6X1R 
_reflns.data_reduction_details           ? 
_reflns.data_reduction_method            ? 
_reflns.d_resolution_high                1.300 
_reflns.d_resolution_low                 40.300 
_reflns.details                          ? 
_reflns.limit_h_max                      ? 
_reflns.limit_h_min                      ? 
_reflns.limit_k_max                      ? 
_reflns.limit_k_min                      ? 
_reflns.limit_l_max                      ? 
_reflns.limit_l_min                      ? 
_reflns.number_all                       ? 
_reflns.number_obs                       28809 
_reflns.observed_criterion               ? 
_reflns.observed_criterion_F_max         ? 
_reflns.observed_criterion_F_min         ? 
_reflns.observed_criterion_I_max         ? 
_reflns.observed_criterion_I_min         ? 
_reflns.observed_criterion_sigma_F       ? 
_reflns.observed_criterion_sigma_I       ? 
_reflns.percent_possible_obs             99.4 
_reflns.R_free_details                   ? 
_reflns.Rmerge_F_all                     ? 
_reflns.Rmerge_F_obs                     ? 
_reflns.Friedel_coverage                 ? 
_reflns.number_gt                        ? 
_reflns.threshold_expression             ? 
_reflns.pdbx_redundancy                  6.04 
_reflns.pdbx_Rmerge_I_obs                ? 
_reflns.pdbx_Rmerge_I_all                ? 
_reflns.pdbx_Rsym_value                  0.033 
_reflns.pdbx_netI_over_av_sigmaI         ? 
_reflns.pdbx_netI_over_sigmaI            24.04 
_reflns.pdbx_res_netI_over_av_sigmaI_2   ? 
_reflns.pdbx_res_netI_over_sigmaI_2      ? 
_reflns.pdbx_chi_squared                 ? 
_reflns.pdbx_scaling_rejects             ? 
_reflns.pdbx_d_res_high_opt              ? 
_reflns.pdbx_d_res_low_opt               ? 
_reflns.pdbx_d_res_opt_method            ? 
_reflns.phase_calculation_details        ? 
_reflns.pdbx_Rrim_I_all                  ? 
_reflns.pdbx_Rpim_I_all                  ? 
_reflns.pdbx_d_opt                       ? 
_reflns.pdbx_number_measured_all         ? 
_reflns.pdbx_diffrn_id                   1 
_reflns.pdbx_ordinal                     1 
_reflns.pdbx_CC_half                     1.000 
_reflns.pdbx_CC_star                     ? 
_reflns.pdbx_R_split                     ? 
# 
loop_
_reflns_shell.d_res_high 
_reflns_shell.d_res_low 
_reflns_shell.meanI_over_sigI_all 
_reflns_shell.meanI_over_sigI_obs 
_reflns_shell.number_measured_all 
_reflns_shell.number_measured_obs 
_reflns_shell.number_possible 
_reflns_shell.number_unique_all 
_reflns_shell.number_unique_obs 
_reflns_shell.percent_possible_all 
_reflns_shell.percent_possible_obs 
_reflns_shell.Rmerge_F_all 
_reflns_shell.Rmerge_F_obs 
_reflns_shell.Rmerge_I_all 
_reflns_shell.Rmerge_I_obs 
_reflns_shell.meanI_over_sigI_gt 
_reflns_shell.meanI_over_uI_all 
_reflns_shell.meanI_over_uI_gt 
_reflns_shell.number_measured_gt 
_reflns_shell.number_unique_gt 
_reflns_shell.percent_possible_gt 
_reflns_shell.Rmerge_F_gt 
_reflns_shell.Rmerge_I_gt 
_reflns_shell.pdbx_redundancy 
_reflns_shell.pdbx_Rsym_value 
_reflns_shell.pdbx_chi_squared 
_reflns_shell.pdbx_netI_over_sigmaI_all 
_reflns_shell.pdbx_netI_over_sigmaI_obs 
_reflns_shell.pdbx_Rrim_I_all 
_reflns_shell.pdbx_Rpim_I_all 
_reflns_shell.pdbx_rejects 
_reflns_shell.pdbx_ordinal 
_reflns_shell.pdbx_diffrn_id 
_reflns_shell.pdbx_CC_half 
_reflns_shell.pdbx_CC_star 
_reflns_shell.pdbx_R_split 
1.300 1.38 ? 2.48 ? ? ? ? 8463 96.5 ? ? ? ? ? ? ? ? ? ? ? ? ? 3.61 0.36  ? ? ? ? ? ? 1 1 0.866 ? ? 
1.38  1.47 ? 5.42 ? ? ? ? 8241 99.9 ? ? ? ? ? ? ? ? ? ? ? ? ? 6.0  0.243 ? ? ? ? ? ? 2 1 0.866 ? ? 
# 
_refine.aniso_B[1][1]                            ? 
_refine.aniso_B[1][2]                            ? 
_refine.aniso_B[1][3]                            ? 
_refine.aniso_B[2][2]                            ? 
_refine.aniso_B[2][3]                            ? 
_refine.aniso_B[3][3]                            ? 
_refine.B_iso_max                                75.480 
_refine.B_iso_mean                               24.4252 
_refine.B_iso_min                                11.850 
_refine.correlation_coeff_Fo_to_Fc               ? 
_refine.correlation_coeff_Fo_to_Fc_free          ? 
_refine.details                                  ? 
_refine.diff_density_max                         ? 
_refine.diff_density_max_esd                     ? 
_refine.diff_density_min                         ? 
_refine.diff_density_min_esd                     ? 
_refine.diff_density_rms                         ? 
_refine.diff_density_rms_esd                     ? 
_refine.entry_id                                 6X1R 
_refine.pdbx_refine_id                           'X-RAY DIFFRACTION' 
_refine.ls_abs_structure_details                 ? 
_refine.ls_abs_structure_Flack                   ? 
_refine.ls_abs_structure_Flack_esd               ? 
_refine.ls_abs_structure_Rogers                  ? 
_refine.ls_abs_structure_Rogers_esd              ? 
_refine.ls_d_res_high                            1.3000 
_refine.ls_d_res_low                             40.2990 
_refine.ls_extinction_coef                       ? 
_refine.ls_extinction_coef_esd                   ? 
_refine.ls_extinction_expression                 ? 
_refine.ls_extinction_method                     ? 
_refine.ls_goodness_of_fit_all                   ? 
_refine.ls_goodness_of_fit_all_esd               ? 
_refine.ls_goodness_of_fit_obs                   ? 
_refine.ls_goodness_of_fit_obs_esd               ? 
_refine.ls_hydrogen_treatment                    ? 
_refine.ls_matrix_type                           ? 
_refine.ls_number_constraints                    ? 
_refine.ls_number_parameters                     ? 
_refine.ls_number_reflns_all                     ? 
_refine.ls_number_reflns_obs                     28680 
_refine.ls_number_reflns_R_free                  1432 
_refine.ls_number_reflns_R_work                  27248 
_refine.ls_number_restraints                     ? 
_refine.ls_percent_reflns_obs                    99.6100 
_refine.ls_percent_reflns_R_free                 4.9900 
_refine.ls_R_factor_all                          ? 
_refine.ls_R_factor_obs                          0.1956 
_refine.ls_R_factor_R_free                       0.2072 
_refine.ls_R_factor_R_free_error                 ? 
_refine.ls_R_factor_R_free_error_details         ? 
_refine.ls_R_factor_R_work                       0.1950 
_refine.ls_R_Fsqd_factor_obs                     ? 
_refine.ls_R_I_factor_obs                        ? 
_refine.ls_redundancy_reflns_all                 ? 
_refine.ls_redundancy_reflns_obs                 ? 
_refine.ls_restrained_S_all                      ? 
_refine.ls_restrained_S_obs                      ? 
_refine.ls_shift_over_esd_max                    ? 
_refine.ls_shift_over_esd_mean                   ? 
_refine.ls_structure_factor_coef                 ? 
_refine.ls_weighting_details                     ? 
_refine.ls_weighting_scheme                      ? 
_refine.ls_wR_factor_all                         ? 
_refine.ls_wR_factor_obs                         ? 
_refine.ls_wR_factor_R_free                      ? 
_refine.ls_wR_factor_R_work                      ? 
_refine.occupancy_max                            ? 
_refine.occupancy_min                            ? 
_refine.solvent_model_details                    'FLAT BULK SOLVENT MODEL' 
_refine.solvent_model_param_bsol                 ? 
_refine.solvent_model_param_ksol                 ? 
_refine.pdbx_R_complete                          ? 
_refine.ls_R_factor_gt                           ? 
_refine.ls_goodness_of_fit_gt                    ? 
_refine.ls_goodness_of_fit_ref                   ? 
_refine.ls_shift_over_su_max                     ? 
_refine.ls_shift_over_su_max_lt                  ? 
_refine.ls_shift_over_su_mean                    ? 
_refine.ls_shift_over_su_mean_lt                 ? 
_refine.pdbx_ls_sigma_I                          ? 
_refine.pdbx_ls_sigma_F                          1.350 
_refine.pdbx_ls_sigma_Fsqd                       ? 
_refine.pdbx_data_cutoff_high_absF               ? 
_refine.pdbx_data_cutoff_high_rms_absF           ? 
_refine.pdbx_data_cutoff_low_absF                ? 
_refine.pdbx_isotropic_thermal_model             ? 
_refine.pdbx_ls_cross_valid_method               THROUGHOUT 
_refine.pdbx_method_to_determine_struct          'MOLECULAR REPLACEMENT' 
_refine.pdbx_starting_model                      'PDB entry 2BYG' 
_refine.pdbx_stereochemistry_target_values       ML 
_refine.pdbx_R_Free_selection_details            ? 
_refine.pdbx_stereochem_target_val_spec_case     ? 
_refine.pdbx_overall_ESU_R                       ? 
_refine.pdbx_overall_ESU_R_Free                  ? 
_refine.pdbx_solvent_vdw_probe_radii             1.1100 
_refine.pdbx_solvent_ion_probe_radii             ? 
_refine.pdbx_solvent_shrinkage_radii             0.9000 
_refine.pdbx_real_space_R                        ? 
_refine.pdbx_density_correlation                 ? 
_refine.pdbx_pd_number_of_powder_patterns        ? 
_refine.pdbx_pd_number_of_points                 ? 
_refine.pdbx_pd_meas_number_of_points            ? 
_refine.pdbx_pd_proc_ls_prof_R_factor            ? 
_refine.pdbx_pd_proc_ls_prof_wR_factor           ? 
_refine.pdbx_pd_Marquardt_correlation_coeff      ? 
_refine.pdbx_pd_Fsqrd_R_factor                   ? 
_refine.pdbx_pd_ls_matrix_band_width             ? 
_refine.pdbx_overall_phase_error                 21.6600 
_refine.pdbx_overall_SU_R_free_Cruickshank_DPI   ? 
_refine.pdbx_overall_SU_R_free_Blow_DPI          ? 
_refine.pdbx_overall_SU_R_Blow_DPI               ? 
_refine.pdbx_TLS_residual_ADP_flag               ? 
_refine.pdbx_diffrn_id                           1 
_refine.overall_SU_B                             ? 
_refine.overall_SU_ML                            0.1300 
_refine.overall_SU_R_Cruickshank_DPI             ? 
_refine.overall_SU_R_free                        ? 
_refine.overall_FOM_free_R_set                   ? 
_refine.overall_FOM_work_R_set                   ? 
_refine.pdbx_average_fsc_overall                 ? 
_refine.pdbx_average_fsc_work                    ? 
_refine.pdbx_average_fsc_free                    ? 
# 
_refine_hist.pdbx_refine_id                   'X-RAY DIFFRACTION' 
_refine_hist.cycle_id                         final 
_refine_hist.details                          ? 
_refine_hist.d_res_high                       1.3000 
_refine_hist.d_res_low                        40.2990 
_refine_hist.number_atoms_solvent             123 
_refine_hist.number_atoms_total               826 
_refine_hist.number_reflns_all                ? 
_refine_hist.number_reflns_obs                ? 
_refine_hist.number_reflns_R_free             ? 
_refine_hist.number_reflns_R_work             ? 
_refine_hist.R_factor_all                     ? 
_refine_hist.R_factor_obs                     ? 
_refine_hist.R_factor_R_free                  ? 
_refine_hist.R_factor_R_work                  ? 
_refine_hist.pdbx_number_residues_total       94 
_refine_hist.pdbx_B_iso_mean_ligand           44.96 
_refine_hist.pdbx_B_iso_mean_solvent          33.14 
_refine_hist.pdbx_number_atoms_protein        697 
_refine_hist.pdbx_number_atoms_nucleic_acid   0 
_refine_hist.pdbx_number_atoms_ligand         6 
_refine_hist.pdbx_number_atoms_lipid          ? 
_refine_hist.pdbx_number_atoms_carb           ? 
_refine_hist.pdbx_pseudo_atom_details         ? 
# 
loop_
_refine_ls_restr.pdbx_refine_id 
_refine_ls_restr.criterion 
_refine_ls_restr.dev_ideal 
_refine_ls_restr.dev_ideal_target 
_refine_ls_restr.number 
_refine_ls_restr.rejects 
_refine_ls_restr.type 
_refine_ls_restr.weight 
_refine_ls_restr.pdbx_restraint_function 
'X-RAY DIFFRACTION' ? 0.005  ? 732 ? f_bond_d           ? ? 
'X-RAY DIFFRACTION' ? 0.769  ? 989 ? f_angle_d          ? ? 
'X-RAY DIFFRACTION' ? 0.083  ? 112 ? f_chiral_restr     ? ? 
'X-RAY DIFFRACTION' ? 0.004  ? 132 ? f_plane_restr      ? ? 
'X-RAY DIFFRACTION' ? 25.536 ? 271 ? f_dihedral_angle_d ? ? 
# 
loop_
_refine_ls_shell.pdbx_refine_id 
_refine_ls_shell.d_res_high 
_refine_ls_shell.d_res_low 
_refine_ls_shell.number_reflns_all 
_refine_ls_shell.number_reflns_obs 
_refine_ls_shell.number_reflns_R_free 
_refine_ls_shell.number_reflns_R_work 
_refine_ls_shell.percent_reflns_obs 
_refine_ls_shell.percent_reflns_R_free 
_refine_ls_shell.R_factor_all 
_refine_ls_shell.R_factor_obs 
_refine_ls_shell.R_factor_R_free 
_refine_ls_shell.R_factor_R_free_error 
_refine_ls_shell.R_factor_R_work 
_refine_ls_shell.redundancy_reflns_all 
_refine_ls_shell.redundancy_reflns_obs 
_refine_ls_shell.wR_factor_all 
_refine_ls_shell.wR_factor_obs 
_refine_ls_shell.wR_factor_R_free 
_refine_ls_shell.wR_factor_R_work 
_refine_ls_shell.pdbx_R_complete 
_refine_ls_shell.pdbx_total_number_of_bins_used 
_refine_ls_shell.pdbx_phase_error 
_refine_ls_shell.pdbx_fsc_work 
_refine_ls_shell.pdbx_fsc_free 
'X-RAY DIFFRACTION' 1.3003 1.3468 . . 152 2564 96.0000  . . . 0.2619 0.0000 0.2667 . . . . . . . . . . . 
'X-RAY DIFFRACTION' 1.3468 1.4007 . . 138 2681 100.0000 . . . 0.2410 0.0000 0.2259 . . . . . . . . . . . 
'X-RAY DIFFRACTION' 1.4007 1.4645 . . 128 2720 100.0000 . . . 0.2385 0.0000 0.2145 . . . . . . . . . . . 
'X-RAY DIFFRACTION' 1.4645 1.5417 . . 142 2699 100.0000 . . . 0.2498 0.0000 0.2127 . . . . . . . . . . . 
'X-RAY DIFFRACTION' 1.5417 1.6383 . . 151 2676 100.0000 . . . 0.2410 0.0000 0.2067 . . . . . . . . . . . 
'X-RAY DIFFRACTION' 1.6383 1.7648 . . 129 2741 100.0000 . . . 0.2157 0.0000 0.2067 . . . . . . . . . . . 
'X-RAY DIFFRACTION' 1.7648 1.9424 . . 162 2720 100.0000 . . . 0.2143 0.0000 0.1997 . . . . . . . . . . . 
'X-RAY DIFFRACTION' 1.9424 2.2234 . . 150 2742 100.0000 . . . 0.2050 0.0000 0.1794 . . . . . . . . . . . 
'X-RAY DIFFRACTION' 2.2234 2.8012 . . 125 2799 100.0000 . . . 0.2279 0.0000 0.1990 . . . . . . . . . . . 
'X-RAY DIFFRACTION' 2.8012 40.299 . . 155 2906 100.0000 . . . 0.1803 0.0000 0.1864 . . . . . . . . . . . 
# 
_struct.entry_id                     6X1R 
_struct.title                        
'Crystal Structure of Choanoflagellate (Monosiga brevicollis) Dlg1 PDZ2 (mbDLG-2) in spacegroup P212121' 
_struct.pdbx_model_details           ? 
_struct.pdbx_formula_weight          ? 
_struct.pdbx_formula_weight_method   ? 
_struct.pdbx_model_type_details      ? 
_struct.pdbx_CASP_flag               N 
# 
_struct_keywords.entry_id        6X1R 
_struct_keywords.text            
'PDZ, protein-protein interaction, choanoflagellates, Monosiga brevicollis, peptide-binding domain, SIGNALING PROTEIN' 
_struct_keywords.pdbx_keywords   'SIGNALING PROTEIN' 
# 
loop_
_struct_asym.id 
_struct_asym.pdbx_blank_PDB_chainid_flag 
_struct_asym.pdbx_modified 
_struct_asym.entity_id 
_struct_asym.details 
A N N 1 ? 
B N N 2 ? 
C N N 3 ? 
# 
loop_
_struct_conf.conf_type_id 
_struct_conf.id 
_struct_conf.pdbx_PDB_helix_id 
_struct_conf.beg_label_comp_id 
_struct_conf.beg_label_asym_id 
_struct_conf.beg_label_seq_id 
_struct_conf.pdbx_beg_PDB_ins_code 
_struct_conf.end_label_comp_id 
_struct_conf.end_label_asym_id 
_struct_conf.end_label_seq_id 
_struct_conf.pdbx_end_PDB_ins_code 
_struct_conf.beg_auth_comp_id 
_struct_conf.beg_auth_asym_id 
_struct_conf.beg_auth_seq_id 
_struct_conf.end_auth_comp_id 
_struct_conf.end_auth_asym_id 
_struct_conf.end_auth_seq_id 
_struct_conf.pdbx_PDB_helix_class 
_struct_conf.details 
_struct_conf.pdbx_PDB_helix_length 
HELX_P HELX_P1 AA1 SER A 43 ? GLY A 49 ? SER A 133 GLY A 139 1 ? 7  
HELX_P HELX_P2 AA2 THR A 69 ? ARG A 78 ? THR A 159 ARG A 168 1 ? 10 
HELX_P HELX_P3 AA3 ASN A 91 ? THR A 97 ? ASN A 181 THR A 187 1 ? 7  
# 
_struct_conf_type.id          HELX_P 
_struct_conf_type.criteria    ? 
_struct_conf_type.reference   ? 
# 
_struct_mon_prot_cis.pdbx_id                1 
_struct_mon_prot_cis.label_comp_id          SER 
_struct_mon_prot_cis.label_seq_id           82 
_struct_mon_prot_cis.label_asym_id          A 
_struct_mon_prot_cis.label_alt_id           . 
_struct_mon_prot_cis.pdbx_PDB_ins_code      ? 
_struct_mon_prot_cis.auth_comp_id           SER 
_struct_mon_prot_cis.auth_seq_id            172 
_struct_mon_prot_cis.auth_asym_id           A 
_struct_mon_prot_cis.pdbx_label_comp_id_2   PRO 
_struct_mon_prot_cis.pdbx_label_seq_id_2    83 
_struct_mon_prot_cis.pdbx_label_asym_id_2   A 
_struct_mon_prot_cis.pdbx_PDB_ins_code_2    ? 
_struct_mon_prot_cis.pdbx_auth_comp_id_2    PRO 
_struct_mon_prot_cis.pdbx_auth_seq_id_2     173 
_struct_mon_prot_cis.pdbx_auth_asym_id_2    A 
_struct_mon_prot_cis.pdbx_PDB_model_num     1 
_struct_mon_prot_cis.pdbx_omega_angle       -0.09 
# 
loop_
_struct_sheet.id 
_struct_sheet.type 
_struct_sheet.number_strands 
_struct_sheet.details 
AA1 ? 5 ? 
AA2 ? 4 ? 
# 
loop_
_struct_sheet_order.sheet_id 
_struct_sheet_order.range_id_1 
_struct_sheet_order.range_id_2 
_struct_sheet_order.offset 
_struct_sheet_order.sense 
AA1 1 2 ? anti-parallel 
AA1 2 3 ? anti-parallel 
AA1 3 4 ? anti-parallel 
AA1 4 5 ? anti-parallel 
AA2 1 2 ? anti-parallel 
AA2 2 3 ? anti-parallel 
AA2 3 4 ? anti-parallel 
# 
loop_
_struct_sheet_range.sheet_id 
_struct_sheet_range.id 
_struct_sheet_range.beg_label_comp_id 
_struct_sheet_range.beg_label_asym_id 
_struct_sheet_range.beg_label_seq_id 
_struct_sheet_range.pdbx_beg_PDB_ins_code 
_struct_sheet_range.end_label_comp_id 
_struct_sheet_range.end_label_asym_id 
_struct_sheet_range.end_label_seq_id 
_struct_sheet_range.pdbx_end_PDB_ins_code 
_struct_sheet_range.beg_auth_comp_id 
_struct_sheet_range.beg_auth_asym_id 
_struct_sheet_range.beg_auth_seq_id 
_struct_sheet_range.end_auth_comp_id 
_struct_sheet_range.end_auth_asym_id 
_struct_sheet_range.end_auth_seq_id 
AA1 1 GLU A 3  ? LEU A 7  ? GLU A 93  LEU A 97  
AA1 2 ILE A 84 ? GLU A 89 ? ILE A 174 GLU A 179 
AA1 3 ARG A 56 ? VAL A 60 ? ARG A 146 VAL A 150 
AA1 4 ILE A 34 ? ILE A 39 ? ILE A 124 ILE A 129 
AA1 5 PHE A 17 ? GLY A 21 ? PHE A 107 GLY A 111 
AA2 1 GLU A 3  ? LEU A 7  ? GLU A 93  LEU A 97  
AA2 2 ILE A 84 ? GLU A 89 ? ILE A 174 GLU A 179 
AA2 3 ARG A 56 ? VAL A 60 ? ARG A 146 VAL A 150 
AA2 4 GLU A 63 ? SER A 64 ? GLU A 153 SER A 154 
# 
loop_
_pdbx_struct_sheet_hbond.sheet_id 
_pdbx_struct_sheet_hbond.range_id_1 
_pdbx_struct_sheet_hbond.range_id_2 
_pdbx_struct_sheet_hbond.range_1_label_atom_id 
_pdbx_struct_sheet_hbond.range_1_label_comp_id 
_pdbx_struct_sheet_hbond.range_1_label_asym_id 
_pdbx_struct_sheet_hbond.range_1_label_seq_id 
_pdbx_struct_sheet_hbond.range_1_PDB_ins_code 
_pdbx_struct_sheet_hbond.range_1_auth_atom_id 
_pdbx_struct_sheet_hbond.range_1_auth_comp_id 
_pdbx_struct_sheet_hbond.range_1_auth_asym_id 
_pdbx_struct_sheet_hbond.range_1_auth_seq_id 
_pdbx_struct_sheet_hbond.range_2_label_atom_id 
_pdbx_struct_sheet_hbond.range_2_label_comp_id 
_pdbx_struct_sheet_hbond.range_2_label_asym_id 
_pdbx_struct_sheet_hbond.range_2_label_seq_id 
_pdbx_struct_sheet_hbond.range_2_PDB_ins_code 
_pdbx_struct_sheet_hbond.range_2_auth_atom_id 
_pdbx_struct_sheet_hbond.range_2_auth_comp_id 
_pdbx_struct_sheet_hbond.range_2_auth_asym_id 
_pdbx_struct_sheet_hbond.range_2_auth_seq_id 
AA1 1 2 N ILE A 5  ? N ILE A 95  O LEU A 86 ? O LEU A 176 
AA1 2 3 O VAL A 87 ? O VAL A 177 N LEU A 58 ? N LEU A 148 
AA1 3 4 O VAL A 57 ? O VAL A 147 N ILE A 34 ? N ILE A 124 
AA1 4 5 O PHE A 35 ? O PHE A 125 N ALA A 20 ? N ALA A 110 
AA2 1 2 N ILE A 5  ? N ILE A 95  O LEU A 86 ? O LEU A 176 
AA2 2 3 O VAL A 87 ? O VAL A 177 N LEU A 58 ? N LEU A 148 
AA2 3 4 N VAL A 60 ? N VAL A 150 O GLU A 63 ? O GLU A 153 
# 
_struct_site.id                   AC1 
_struct_site.pdbx_evidence_code   Software 
_struct_site.pdbx_auth_asym_id    A 
_struct_site.pdbx_auth_comp_id    GOL 
_struct_site.pdbx_auth_seq_id     201 
_struct_site.pdbx_auth_ins_code   ? 
_struct_site.pdbx_num_residues    6 
_struct_site.details              'binding site for residue GOL A 201' 
# 
loop_
_struct_site_gen.id 
_struct_site_gen.site_id 
_struct_site_gen.pdbx_num_res 
_struct_site_gen.label_comp_id 
_struct_site_gen.label_asym_id 
_struct_site_gen.label_seq_id 
_struct_site_gen.pdbx_auth_ins_code 
_struct_site_gen.auth_comp_id 
_struct_site_gen.auth_asym_id 
_struct_site_gen.auth_seq_id 
_struct_site_gen.label_atom_id 
_struct_site_gen.label_alt_id 
_struct_site_gen.symmetry 
_struct_site_gen.details 
1 AC1 6 SER A 6  ? SER A 96  . ? 1_555 ? 
2 AC1 6 HIS A 8  ? HIS A 98  . ? 1_555 ? 
3 AC1 6 ARG A 56 ? ARG A 146 . ? 4_557 ? 
4 AC1 6 GLU A 89 ? GLU A 179 . ? 4_557 ? 
5 AC1 6 HOH C .  ? HOH A 301 . ? 1_555 ? 
6 AC1 6 HOH C .  ? HOH A 321 . ? 1_555 ? 
# 
_atom_sites.entry_id                    6X1R 
_atom_sites.Cartn_transf_matrix[1][1]   ? 
_atom_sites.Cartn_transf_matrix[1][2]   ? 
_atom_sites.Cartn_transf_matrix[1][3]   ? 
_atom_sites.Cartn_transf_matrix[2][1]   ? 
_atom_sites.Cartn_transf_matrix[2][2]   ? 
_atom_sites.Cartn_transf_matrix[2][3]   ? 
_atom_sites.Cartn_transf_matrix[3][1]   ? 
_atom_sites.Cartn_transf_matrix[3][2]   ? 
_atom_sites.Cartn_transf_matrix[3][3]   ? 
_atom_sites.Cartn_transf_vector[1]      ? 
_atom_sites.Cartn_transf_vector[2]      ? 
_atom_sites.Cartn_transf_vector[3]      ? 
_atom_sites.fract_transf_matrix[1][1]   0.01408910 
_atom_sites.fract_transf_matrix[1][2]   0.02283650 
_atom_sites.fract_transf_matrix[1][3]   0.00959534 
_atom_sites.fract_transf_matrix[2][1]   -0.00526466 
_atom_sites.fract_transf_matrix[2][2]   -0.00373256 
_atom_sites.fract_transf_matrix[2][3]   0.01661357 
_atom_sites.fract_transf_matrix[3][1]   0.01411499 
_atom_sites.fract_transf_matrix[3][2]   -0.00967444 
_atom_sites.fract_transf_matrix[3][3]   0.00229933 
_atom_sites.fract_transf_vector[1]      1.119384 
_atom_sites.fract_transf_vector[2]      0.250589 
_atom_sites.fract_transf_vector[3]      1.152522 
_atom_sites.solution_primary            ? 
_atom_sites.solution_secondary          ? 
_atom_sites.solution_hydrogens          ? 
_atom_sites.special_details             ? 
# 
loop_
_atom_type.symbol 
C 
N 
O 
S 
# 
loop_
_atom_site.group_PDB 
_atom_site.id 
_atom_site.type_symbol 
_atom_site.label_atom_id 
_atom_site.label_alt_id 
_atom_site.label_comp_id 
_atom_site.label_asym_id 
_atom_site.label_entity_id 
_atom_site.label_seq_id 
_atom_site.pdbx_PDB_ins_code 
_atom_site.Cartn_x 
_atom_site.Cartn_y 
_atom_site.Cartn_z 
_atom_site.occupancy 
_atom_site.B_iso_or_equiv 
_atom_site.pdbx_formal_charge 
_atom_site.auth_seq_id 
_atom_site.auth_comp_id 
_atom_site.auth_asym_id 
_atom_site.auth_atom_id 
_atom_site.pdbx_PDB_model_num 
ATOM   1   N N   . GLY A 1 1  ? -12.061 5.114   7.662   1.00 32.27 ? 91  GLY A N   1 
ATOM   2   C CA  . GLY A 1 1  ? -12.534 4.786   6.329   1.00 23.02 ? 91  GLY A CA  1 
ATOM   3   C C   . GLY A 1 1  ? -11.443 4.879   5.280   1.00 22.73 ? 91  GLY A C   1 
ATOM   4   O O   . GLY A 1 1  ? -10.303 5.229   5.585   1.00 23.23 ? 91  GLY A O   1 
ATOM   5   N N   . PRO A 1 2  ? -11.773 4.548   4.036   1.00 17.35 ? 92  PRO A N   1 
ATOM   6   C CA  . PRO A 1 2  ? -10.747 4.592   2.987   1.00 15.65 ? 92  PRO A CA  1 
ATOM   7   C C   . PRO A 1 2  ? -10.282 6.016   2.752   1.00 15.63 ? 92  PRO A C   1 
ATOM   8   O O   . PRO A 1 2  ? -11.084 6.950   2.676   1.00 18.84 ? 92  PRO A O   1 
ATOM   9   C CB  . PRO A 1 2  ? -11.469 4.045   1.753   1.00 17.96 ? 92  PRO A CB  1 
ATOM   10  C CG  . PRO A 1 2  ? -12.660 3.314   2.280   1.00 19.93 ? 92  PRO A CG  1 
ATOM   11  C CD  . PRO A 1 2  ? -13.059 4.030   3.543   1.00 21.15 ? 92  PRO A CD  1 
ATOM   12  N N   . GLU A 1 3  ? -8.973  6.181   2.639   1.00 13.61 ? 93  GLU A N   1 
ATOM   13  C CA  . GLU A 1 3  ? -8.391  7.482   2.360   1.00 14.34 ? 93  GLU A CA  1 
ATOM   14  C C   . GLU A 1 3  ? -7.574  7.438   1.078   1.00 13.21 ? 93  GLU A C   1 
ATOM   15  O O   . GLU A 1 3  ? -6.844  6.471   0.816   1.00 14.08 ? 93  GLU A O   1 
ATOM   16  C CB  . GLU A 1 3  ? -7.533  7.963   3.520   1.00 16.92 ? 93  GLU A CB  1 
ATOM   17  C CG  . GLU A 1 3  ? -8.375  8.201   4.764   1.00 18.59 ? 93  GLU A CG  1 
ATOM   18  C CD  . GLU A 1 3  ? -7.601  8.758   5.913   1.00 22.62 ? 93  GLU A CD  1 
ATOM   19  O OE1 . GLU A 1 3  ? -6.772  9.659   5.708   1.00 18.45 ? 93  GLU A OE1 1 
ATOM   20  O OE2 . GLU A 1 3  ? -7.833  8.284   7.052   1.00 27.68 ? 93  GLU A OE2 1 
ATOM   21  N N   . THR A 1 4  ? -7.698  8.495   0.287   1.00 13.35 ? 94  THR A N   1 
ATOM   22  C CA  . THR A 1 4  ? -7.023  8.602   -1.000  1.00 13.19 ? 94  THR A CA  1 
ATOM   23  C C   . THR A 1 4  ? -5.728  9.372   -0.828  1.00 13.19 ? 94  THR A C   1 
ATOM   24  O O   . THR A 1 4  ? -5.720  10.470  -0.268  1.00 14.11 ? 94  THR A O   1 
ATOM   25  C CB  . THR A 1 4  ? -7.927  9.339   -1.985  1.00 15.66 ? 94  THR A CB  1 
ATOM   26  O OG1 . THR A 1 4  ? -9.099  8.554   -2.204  1.00 17.62 ? 94  THR A OG1 1 
ATOM   27  C CG2 . THR A 1 4  ? -7.229  9.546   -3.323  1.00 15.62 ? 94  THR A CG2 1 
ATOM   28  N N   . ILE A 1 5  ? -4.637  8.807   -1.329  1.00 12.89 ? 95  ILE A N   1 
ATOM   29  C CA  . ILE A 1 5  ? -3.307  9.382   -1.192  1.00 12.97 ? 95  ILE A CA  1 
ATOM   30  C C   . ILE A 1 5  ? -2.637  9.311   -2.556  1.00 13.60 ? 95  ILE A C   1 
ATOM   31  O O   . ILE A 1 5  ? -2.333  8.212   -3.044  1.00 13.51 ? 95  ILE A O   1 
ATOM   32  C CB  . ILE A 1 5  ? -2.470  8.627   -0.151  1.00 14.05 ? 95  ILE A CB  1 
ATOM   33  C CG1 . ILE A 1 5  ? -3.130  8.696   1.234   1.00 15.36 ? 95  ILE A CG1 1 
ATOM   34  C CG2 . ILE A 1 5  ? -1.054  9.175   -0.094  1.00 15.20 ? 95  ILE A CG2 1 
ATOM   35  C CD1 . ILE A 1 5  ? -2.510  7.744   2.258   1.00 17.31 ? 95  ILE A CD1 1 
ATOM   36  N N   . SER A 1 6  ? -2.381  10.465  -3.157  1.00 12.95 ? 96  SER A N   1 
ATOM   37  C CA  . SER A 1 6  ? -1.694  10.555  -4.446  1.00 13.08 ? 96  SER A CA  1 
ATOM   38  C C   . SER A 1 6  ? -0.238  10.894  -4.182  1.00 14.89 ? 96  SER A C   1 
ATOM   39  O O   . SER A 1 6  ? 0.053   11.887  -3.511  1.00 17.52 ? 96  SER A O   1 
ATOM   40  C CB  . SER A 1 6  ? -2.314  11.639  -5.324  1.00 16.39 ? 96  SER A CB  1 
ATOM   41  O OG  . SER A 1 6  ? -3.650  11.327  -5.636  1.00 16.79 ? 96  SER A OG  1 
ATOM   42  N N   . LEU A 1 7  ? 0.670   10.063  -4.686  1.00 14.91 ? 97  LEU A N   1 
ATOM   43  C CA  . LEU A 1 7  ? 2.102   10.278  -4.534  1.00 15.92 ? 97  LEU A CA  1 
ATOM   44  C C   . LEU A 1 7  ? 2.720   10.550  -5.897  1.00 17.08 ? 97  LEU A C   1 
ATOM   45  O O   . LEU A 1 7  ? 2.496   9.798   -6.850  1.00 17.89 ? 97  LEU A O   1 
ATOM   46  C CB  . LEU A 1 7  ? 2.766   9.055   -3.913  1.00 16.94 ? 97  LEU A CB  1 
ATOM   47  C CG  . LEU A 1 7  ? 2.341   8.759   -2.484  1.00 16.49 ? 97  LEU A CG  1 
ATOM   48  C CD1 . LEU A 1 7  ? 3.090   7.524   -2.012  1.00 19.59 ? 97  LEU A CD1 1 
ATOM   49  C CD2 . LEU A 1 7  ? 2.597   9.945   -1.561  1.00 19.47 ? 97  LEU A CD2 1 
ATOM   50  N N   . HIS A 1 8  ? 3.512   11.611  -5.978  1.00 17.21 ? 98  HIS A N   1 
ATOM   51  C CA  . HIS A 1 8  ? 4.155   11.995  -7.223  1.00 16.89 ? 98  HIS A CA  1 
ATOM   52  C C   . HIS A 1 8  ? 5.554   11.405  -7.283  1.00 18.85 ? 98  HIS A C   1 
ATOM   53  O O   . HIS A 1 8  ? 6.304   11.440  -6.304  1.00 21.33 ? 98  HIS A O   1 
ATOM   54  C CB  . HIS A 1 8  ? 4.228   13.519  -7.303  1.00 21.40 ? 98  HIS A CB  1 
ATOM   55  C CG  . HIS A 1 8  ? 2.890   14.168  -7.440  1.00 21.44 ? 98  HIS A CG  1 
ATOM   56  N ND1 . HIS A 1 8  ? 2.312   14.430  -8.662  1.00 21.75 ? 98  HIS A ND1 1 
ATOM   57  C CD2 . HIS A 1 8  ? 1.994   14.568  -6.506  1.00 22.68 ? 98  HIS A CD2 1 
ATOM   58  C CE1 . HIS A 1 8  ? 1.126   14.982  -8.478  1.00 22.67 ? 98  HIS A CE1 1 
ATOM   59  N NE2 . HIS A 1 8  ? 0.908   15.075  -7.179  1.00 25.31 ? 98  HIS A NE2 1 
ATOM   60  N N   . ARG A 1 9  ? 5.894   10.851  -8.441  1.00 19.77 ? 99  ARG A N   1 
ATOM   61  C CA  . ARG A 1 9  ? 7.221   10.303  -8.650  1.00 23.54 ? 99  ARG A CA  1 
ATOM   62  C C   . ARG A 1 9  ? 8.208   11.435  -8.910  1.00 25.69 ? 99  ARG A C   1 
ATOM   63  O O   . ARG A 1 9  ? 7.845   12.491  -9.437  1.00 26.97 ? 99  ARG A O   1 
ATOM   64  C CB  . ARG A 1 9  ? 7.211   9.349   -9.842  1.00 20.11 ? 99  ARG A CB  1 
ATOM   65  C CG  . ARG A 1 9  ? 6.292   8.139   -9.646  1.00 20.39 ? 99  ARG A CG  1 
ATOM   66  C CD  . ARG A 1 9  ? 6.516   7.121   -10.757 1.00 17.21 ? 99  ARG A CD  1 
ATOM   67  N NE  . ARG A 1 9  ? 5.686   5.935   -10.599 1.00 16.60 ? 99  ARG A NE  1 
ATOM   68  C CZ  . ARG A 1 9  ? 5.945   4.955   -9.739  1.00 15.63 ? 99  ARG A CZ  1 
ATOM   69  N NH1 . ARG A 1 9  ? 5.125   3.921   -9.678  1.00 16.64 ? 99  ARG A NH1 1 
ATOM   70  N NH2 . ARG A 1 9  ? 6.997   5.027   -8.924  1.00 16.18 ? 99  ARG A NH2 1 
ATOM   71  N N   . GLN A 1 10 ? 9.460   11.210  -8.521  1.00 32.09 ? 100 GLN A N   1 
ATOM   72  C CA  . GLN A 1 10 ? 10.518  12.191  -8.757  1.00 40.82 ? 100 GLN A CA  1 
ATOM   73  C C   . GLN A 1 10 ? 11.577  11.650  -9.712  1.00 41.54 ? 100 GLN A C   1 
ATOM   74  O O   . GLN A 1 10 ? 12.065  10.535  -9.542  1.00 40.02 ? 100 GLN A O   1 
ATOM   75  C CB  . GLN A 1 10 ? 11.167  12.620  -7.439  1.00 45.68 ? 100 GLN A CB  1 
ATOM   76  C CG  . GLN A 1 10 ? 10.407  13.709  -6.699  1.00 53.18 ? 100 GLN A CG  1 
ATOM   77  C CD  . GLN A 1 10 ? 11.316  14.824  -6.213  1.00 71.23 ? 100 GLN A CD  1 
ATOM   78  O OE1 . GLN A 1 10 ? 11.818  14.787  -5.089  1.00 73.41 ? 100 GLN A OE1 1 
ATOM   79  N NE2 . GLN A 1 10 ? 11.534  15.823  -7.064  1.00 68.15 ? 100 GLN A NE2 1 
ATOM   80  N N   . GLY A 1 14 ? 10.866  6.040   -7.205  1.00 32.33 ? 104 GLY A N   1 
ATOM   81  C CA  . GLY A 1 14 ? 10.177  5.209   -6.230  1.00 23.80 ? 104 GLY A CA  1 
ATOM   82  C C   . GLY A 1 14 ? 9.191   5.987   -5.380  1.00 23.93 ? 104 GLY A C   1 
ATOM   83  O O   . GLY A 1 14 ? 9.319   7.196   -5.211  1.00 26.80 ? 104 GLY A O   1 
ATOM   84  N N   . LEU A 1 15 ? 8.187   5.299   -4.847  1.00 21.00 ? 105 LEU A N   1 
ATOM   85  C CA  . LEU A 1 15 ? 7.174   5.993   -4.064  1.00 19.85 ? 105 LEU A CA  1 
ATOM   86  C C   . LEU A 1 15 ? 7.563   6.162   -2.602  1.00 19.99 ? 105 LEU A C   1 
ATOM   87  O O   . LEU A 1 15 ? 7.020   7.048   -1.928  1.00 22.91 ? 105 LEU A O   1 
ATOM   88  C CB  . LEU A 1 15 ? 5.828   5.274   -4.170  1.00 19.42 ? 105 LEU A CB  1 
ATOM   89  C CG  . LEU A 1 15 ? 5.261   5.157   -5.591  1.00 17.41 ? 105 LEU A CG  1 
ATOM   90  C CD1 . LEU A 1 15 ? 3.962   4.366   -5.547  1.00 20.43 ? 105 LEU A CD1 1 
ATOM   91  C CD2 . LEU A 1 15 ? 5.029   6.512   -6.254  1.00 19.31 ? 105 LEU A CD2 1 
ATOM   92  N N   . GLY A 1 16 ? 8.463   5.333   -2.093  1.00 18.81 ? 106 GLY A N   1 
ATOM   93  C CA  . GLY A 1 16 ? 8.941   5.452   -0.737  1.00 19.07 ? 106 GLY A CA  1 
ATOM   94  C C   . GLY A 1 16 ? 8.355   4.494   0.276   1.00 18.68 ? 106 GLY A C   1 
ATOM   95  O O   . GLY A 1 16 ? 8.300   4.836   1.461   1.00 18.93 ? 106 GLY A O   1 
ATOM   96  N N   . PHE A 1 17 ? 7.921   3.308   -0.139  1.00 17.47 ? 107 PHE A N   1 
ATOM   97  C CA  . PHE A 1 17 ? 7.398   2.355   0.826   1.00 18.41 ? 107 PHE A CA  1 
ATOM   98  C C   . PHE A 1 17 ? 7.556   0.942   0.293   1.00 18.98 ? 107 PHE A C   1 
ATOM   99  O O   . PHE A 1 17 ? 7.736   0.718   -0.902  1.00 18.41 ? 107 PHE A O   1 
ATOM   100 C CB  . PHE A 1 17 ? 5.945   2.656   1.221   1.00 18.24 ? 107 PHE A CB  1 
ATOM   101 C CG  . PHE A 1 17 ? 4.962   2.544   0.088   1.00 18.77 ? 107 PHE A CG  1 
ATOM   102 C CD1 . PHE A 1 17 ? 4.341   1.337   -0.189  1.00 20.24 ? 107 PHE A CD1 1 
ATOM   103 C CD2 . PHE A 1 17 ? 4.659   3.647   -0.703  1.00 18.06 ? 107 PHE A CD2 1 
ATOM   104 C CE1 . PHE A 1 17 ? 3.422   1.231   -1.228  1.00 20.85 ? 107 PHE A CE1 1 
ATOM   105 C CE2 . PHE A 1 17 ? 3.744   3.553   -1.729  1.00 17.27 ? 107 PHE A CE2 1 
ATOM   106 C CZ  . PHE A 1 17 ? 3.120   2.339   -1.999  1.00 20.60 ? 107 PHE A CZ  1 
ATOM   107 N N   . THR A 1 18 ? 7.497   -0.013  1.208   1.00 18.57 ? 108 THR A N   1 
ATOM   108 C CA  . THR A 1 18 ? 7.499   -1.424  0.864   1.00 18.79 ? 108 THR A CA  1 
ATOM   109 C C   . THR A 1 18 ? 6.177   -2.028  1.314   1.00 17.20 ? 108 THR A C   1 
ATOM   110 O O   . THR A 1 18 ? 5.484   -1.466  2.165   1.00 16.45 ? 108 THR A O   1 
ATOM   111 C CB  . THR A 1 18 ? 8.671   -2.160  1.534   1.00 21.98 ? 108 THR A CB  1 
ATOM   112 O OG1 . THR A 1 18 ? 8.586   -2.020  2.954   1.00 23.32 ? 108 THR A OG1 1 
ATOM   113 C CG2 . THR A 1 18 ? 9.993   -1.585  1.060   1.00 26.64 ? 108 THR A CG2 1 
ATOM   114 N N   . ILE A 1 19 ? 5.833   -3.180  0.739   1.00 16.72 ? 109 ILE A N   1 
ATOM   115 C CA  . ILE A 1 19 ? 4.579   -3.857  1.054   1.00 16.50 ? 109 ILE A CA  1 
ATOM   116 C C   . ILE A 1 19 ? 4.846   -5.288  1.493   1.00 18.48 ? 109 ILE A C   1 
ATOM   117 O O   . ILE A 1 19 ? 5.824   -5.921  1.082   1.00 19.46 ? 109 ILE A O   1 
ATOM   118 C CB  . ILE A 1 19 ? 3.591   -3.859  -0.133  1.00 15.81 ? 109 ILE A CB  1 
ATOM   119 C CG1 . ILE A 1 19 ? 4.255   -4.444  -1.382  1.00 17.54 ? 109 ILE A CG1 1 
ATOM   120 C CG2 . ILE A 1 19 ? 3.061   -2.445  -0.385  1.00 18.21 ? 109 ILE A CG2 1 
ATOM   121 C CD1 . ILE A 1 19 ? 3.265   -4.816  -2.458  1.00 18.85 ? 109 ILE A CD1 1 
ATOM   122 N N   . ALA A 1 20 ? 3.937   -5.802  2.314   1.00 16.31 ? 110 ALA A N   1 
ATOM   123 C CA  . ALA A 1 20 ? 3.902   -7.205  2.696   1.00 17.13 ? 110 ALA A CA  1 
ATOM   124 C C   . ALA A 1 20 ? 2.508   -7.745  2.411   1.00 17.70 ? 110 ALA A C   1 
ATOM   125 O O   . ALA A 1 20 ? 1.532   -6.991  2.356   1.00 20.41 ? 110 ALA A O   1 
ATOM   126 C CB  . ALA A 1 20 ? 4.234   -7.374  4.183   1.00 19.79 ? 110 ALA A CB  1 
ATOM   127 N N   . GLY A 1 21 ? 2.407   -9.052  2.228   1.00 15.61 ? 111 GLY A N   1 
ATOM   128 C CA  . GLY A 1 21 ? 1.121   -9.702  2.116   1.00 15.95 ? 111 GLY A CA  1 
ATOM   129 C C   . GLY A 1 21 ? 0.856   -10.251 0.732   1.00 15.14 ? 111 GLY A C   1 
ATOM   130 O O   . GLY A 1 21 ? 1.765   -10.489 -0.069  1.00 18.46 ? 111 GLY A O   1 
ATOM   131 N N   . GLY A 1 22 ? -0.423  -10.466 0.455   1.00 15.32 ? 112 GLY A N   1 
ATOM   132 C CA  . GLY A 1 22 ? -0.853  -10.996 -0.817  1.00 16.04 ? 112 GLY A CA  1 
ATOM   133 C C   . GLY A 1 22 ? -1.232  -12.463 -0.723  1.00 17.57 ? 112 GLY A C   1 
ATOM   134 O O   . GLY A 1 22 ? -0.779  -13.203 0.160   1.00 18.64 ? 112 GLY A O   1 
ATOM   135 N N   . GLN A 1 23 ? -2.097  -12.878 -1.645  1.00 19.91 ? 113 GLN A N   1 
ATOM   136 C CA  . GLN A 1 23 ? -2.511  -14.267 -1.743  1.00 21.75 ? 113 GLN A CA  1 
ATOM   137 C C   . GLN A 1 23 ? -1.302  -15.156 -1.989  1.00 24.29 ? 113 GLN A C   1 
ATOM   138 O O   . GLN A 1 23 ? -0.506  -14.907 -2.900  1.00 22.70 ? 113 GLN A O   1 
ATOM   139 C CB  . GLN A 1 23 ? -3.497  -14.399 -2.902  1.00 24.96 ? 113 GLN A CB  1 
ATOM   140 C CG  . GLN A 1 23 ? -3.870  -15.817 -3.263  1.00 37.04 ? 113 GLN A CG  1 
ATOM   141 C CD  . GLN A 1 23 ? -4.556  -15.890 -4.611  1.00 45.86 ? 113 GLN A CD  1 
ATOM   142 O OE1 . GLN A 1 23 ? -5.382  -15.039 -4.945  1.00 38.56 ? 113 GLN A OE1 1 
ATOM   143 N NE2 . GLN A 1 23 ? -4.205  -16.901 -5.402  1.00 33.25 ? 113 GLN A NE2 1 
ATOM   144 N N   . GLY A 1 24 ? -1.164  -16.201 -1.170  1.00 24.12 ? 114 GLY A N   1 
ATOM   145 C CA  . GLY A 1 24 ? -0.015  -17.076 -1.229  1.00 26.88 ? 114 GLY A CA  1 
ATOM   146 C C   . GLY A 1 24 ? 1.168   -16.624 -0.401  1.00 25.59 ? 114 GLY A C   1 
ATOM   147 O O   . GLY A 1 24 ? 2.129   -17.392 -0.246  1.00 26.43 ? 114 GLY A O   1 
ATOM   148 N N   . SER A 1 25 ? 1.146   -15.398 0.108   1.00 22.26 ? 115 SER A N   1 
ATOM   149 C CA  . SER A 1 25 ? 2.179   -14.938 1.022   1.00 19.72 ? 115 SER A CA  1 
ATOM   150 C C   . SER A 1 25 ? 1.564   -13.998 2.050   1.00 19.42 ? 115 SER A C   1 
ATOM   151 O O   . SER A 1 25 ? 2.008   -12.850 2.175   1.00 18.14 ? 115 SER A O   1 
ATOM   152 C CB  . SER A 1 25 ? 3.309   -14.247 0.256   1.00 21.86 ? 115 SER A CB  1 
ATOM   153 O OG  . SER A 1 25 ? 2.833   -13.118 -0.470  1.00 20.96 ? 115 SER A OG  1 
ATOM   154 N N   . PRO A 1 26 ? 0.563   -14.440 2.806   1.00 17.84 ? 116 PRO A N   1 
ATOM   155 C CA  . PRO A 1 26 ? -0.139  -13.518 3.699   1.00 17.74 ? 116 PRO A CA  1 
ATOM   156 C C   . PRO A 1 26 ? 0.767   -12.982 4.798   1.00 16.63 ? 116 PRO A C   1 
ATOM   157 O O   . PRO A 1 26 ? 1.663   -13.668 5.302   1.00 17.62 ? 116 PRO A O   1 
ATOM   158 C CB  . PRO A 1 26 ? -1.270  -14.376 4.281   1.00 20.07 ? 116 PRO A CB  1 
ATOM   159 C CG  . PRO A 1 26 ? -0.763  -15.779 4.186   1.00 22.35 ? 116 PRO A CG  1 
ATOM   160 C CD  . PRO A 1 26 ? 0.053   -15.821 2.928   1.00 21.24 ? 116 PRO A CD  1 
ATOM   161 N N   . HIS A 1 27 ? 0.515   -11.739 5.170   1.00 16.07 ? 117 HIS A N   1 
ATOM   162 C CA  . HIS A 1 27 ? 1.222   -11.104 6.267   1.00 16.50 ? 117 HIS A CA  1 
ATOM   163 C C   . HIS A 1 27 ? 0.558   -11.364 7.606   1.00 16.52 ? 117 HIS A C   1 
ATOM   164 O O   . HIS A 1 27 ? 1.213   -11.219 8.642   1.00 17.90 ? 117 HIS A O   1 
ATOM   165 C CB  . HIS A 1 27 ? 1.297   -9.591  6.012   1.00 17.58 ? 117 HIS A CB  1 
ATOM   166 C CG  . HIS A 1 27 ? 2.051   -8.839  7.062   1.00 22.59 ? 117 HIS A CG  1 
ATOM   167 N ND1 . HIS A 1 27 ? 3.394   -9.039  7.296   1.00 25.96 ? 117 HIS A ND1 1 
ATOM   168 C CD2 . HIS A 1 27 ? 1.648   -7.904  7.953   1.00 29.56 ? 117 HIS A CD2 1 
ATOM   169 C CE1 . HIS A 1 27 ? 3.787   -8.254  8.283   1.00 32.29 ? 117 HIS A CE1 1 
ATOM   170 N NE2 . HIS A 1 27 ? 2.747   -7.556  8.700   1.00 30.87 ? 117 HIS A NE2 1 
ATOM   171 N N   . ILE A 1 28 ? -0.719  -11.732 7.597   1.00 15.94 ? 118 ILE A N   1 
ATOM   172 C CA  . ILE A 1 28 ? -1.513  -12.017 8.782   1.00 16.76 ? 118 ILE A CA  1 
ATOM   173 C C   . ILE A 1 28 ? -2.273  -13.296 8.481   1.00 17.85 ? 118 ILE A C   1 
ATOM   174 O O   . ILE A 1 28 ? -2.768  -13.477 7.365   1.00 17.42 ? 118 ILE A O   1 
ATOM   175 C CB  . ILE A 1 28 ? -2.515  -10.863 9.022   1.00 20.05 ? 118 ILE A CB  1 
ATOM   176 C CG1 . ILE A 1 28 ? -1.779  -9.541  9.250   1.00 25.02 ? 118 ILE A CG1 1 
ATOM   177 C CG2 . ILE A 1 28 ? -3.450  -11.175 10.183  1.00 24.06 ? 118 ILE A CG2 1 
ATOM   178 C CD1 . ILE A 1 28 ? -2.701  -8.334  9.272   1.00 32.44 ? 118 ILE A CD1 1 
ATOM   179 N N   . ALA A 1 29 ? -2.348  -14.197 9.458   1.00 16.06 ? 119 ALA A N   1 
ATOM   180 C CA  . ALA A 1 29 ? -3.079  -15.435 9.243   1.00 16.10 ? 119 ALA A CA  1 
ATOM   181 C C   . ALA A 1 29 ? -4.517  -15.125 8.851   1.00 17.62 ? 119 ALA A C   1 
ATOM   182 O O   . ALA A 1 29 ? -5.200  -14.342 9.513   1.00 20.26 ? 119 ALA A O   1 
ATOM   183 C CB  . ALA A 1 29 ? -3.058  -16.296 10.508  1.00 17.60 ? 119 ALA A CB  1 
ATOM   184 N N   . GLY A 1 30 ? -4.972  -15.743 7.771   1.00 18.85 ? 120 GLY A N   1 
ATOM   185 C CA  . GLY A 1 30 ? -6.349  -15.583 7.356   1.00 22.55 ? 120 GLY A CA  1 
ATOM   186 C C   . GLY A 1 30 ? -6.663  -14.281 6.652   1.00 23.81 ? 120 GLY A C   1 
ATOM   187 O O   . GLY A 1 30 ? -7.842  -14.002 6.402   1.00 26.25 ? 120 GLY A O   1 
ATOM   188 N N   . ASP A 1 31 ? -5.656  -13.476 6.313   1.00 20.21 ? 121 ASP A N   1 
ATOM   189 C CA  . ASP A 1 31 ? -5.873  -12.162 5.706   1.00 19.98 ? 121 ASP A CA  1 
ATOM   190 C C   . ASP A 1 31 ? -4.809  -11.974 4.635   1.00 20.86 ? 121 ASP A C   1 
ATOM   191 O O   . ASP A 1 31 ? -3.644  -11.724 4.954   1.00 19.04 ? 121 ASP A O   1 
ATOM   192 C CB  . ASP A 1 31 ? -5.781  -11.068 6.770   1.00 21.87 ? 121 ASP A CB  1 
ATOM   193 C CG  . ASP A 1 31 ? -6.190  -9.701  6.256   1.00 20.52 ? 121 ASP A CG  1 
ATOM   194 O OD1 . ASP A 1 31 ? -6.041  -9.432  5.037   1.00 18.16 ? 121 ASP A OD1 1 
ATOM   195 O OD2 . ASP A 1 31 ? -6.637  -8.882  7.081   1.00 22.85 ? 121 ASP A OD2 1 
ATOM   196 N N   . ASP A 1 32 ? -5.211  -12.074 3.371   1.00 18.72 ? 122 ASP A N   1 
ATOM   197 C CA  . ASP A 1 32 ? -4.301  -11.965 2.238   1.00 19.77 ? 122 ASP A CA  1 
ATOM   198 C C   . ASP A 1 32 ? -4.016  -10.522 1.821   1.00 15.57 ? 122 ASP A C   1 
ATOM   199 O O   . ASP A 1 32 ? -3.446  -10.314 0.742   1.00 16.74 ? 122 ASP A O   1 
ATOM   200 C CB  . ASP A 1 32 ? -4.875  -12.720 1.036   1.00 23.76 ? 122 ASP A CB  1 
ATOM   201 C CG  . ASP A 1 32 ? -4.760  -14.221 1.172   1.00 38.87 ? 122 ASP A CG  1 
ATOM   202 O OD1 . ASP A 1 32 ? -3.974  -14.691 2.023   1.00 49.12 ? 122 ASP A OD1 1 
ATOM   203 O OD2 . ASP A 1 32 ? -5.454  -14.931 0.412   1.00 47.91 ? 122 ASP A OD2 1 
ATOM   204 N N   . GLY A 1 33 ? -4.400  -9.538  2.627   1.00 15.19 ? 123 GLY A N   1 
ATOM   205 C CA  . GLY A 1 33 ? -4.310  -8.155  2.193   1.00 15.49 ? 123 GLY A CA  1 
ATOM   206 C C   . GLY A 1 33 ? -2.885  -7.704  1.935   1.00 15.14 ? 123 GLY A C   1 
ATOM   207 O O   . GLY A 1 33 ? -1.900  -8.318  2.357   1.00 15.87 ? 123 GLY A O   1 
ATOM   208 N N   . ILE A 1 34 ? -2.785  -6.621  1.170   1.00 14.06 ? 124 ILE A N   1 
ATOM   209 C CA  . ILE A 1 34 ? -1.525  -5.930  0.932   1.00 13.69 ? 124 ILE A CA  1 
ATOM   210 C C   . ILE A 1 34 ? -1.399  -4.852  1.998   1.00 14.83 ? 124 ILE A C   1 
ATOM   211 O O   . ILE A 1 34 ? -2.281  -3.993  2.122   1.00 15.45 ? 124 ILE A O   1 
ATOM   212 C CB  . ILE A 1 34 ? -1.502  -5.306  -0.473  1.00 13.59 ? 124 ILE A CB  1 
ATOM   213 C CG1 . ILE A 1 34 ? -1.702  -6.366  -1.562  1.00 14.83 ? 124 ILE A CG1 1 
ATOM   214 C CG2 . ILE A 1 34 ? -0.223  -4.498  -0.670  1.00 15.12 ? 124 ILE A CG2 1 
ATOM   215 C CD1 . ILE A 1 34 ? -0.628  -7.424  -1.630  1.00 16.45 ? 124 ILE A CD1 1 
ATOM   216 N N   . PHE A 1 35 ? -0.305  -4.891  2.764   1.00 13.48 ? 125 PHE A N   1 
ATOM   217 C CA  . PHE A 1 35 ? -0.083  -3.944  3.842   1.00 13.67 ? 125 PHE A CA  1 
ATOM   218 C C   . PHE A 1 35 ? 1.222   -3.192  3.633   1.00 16.12 ? 125 PHE A C   1 
ATOM   219 O O   . PHE A 1 35 ? 2.201   -3.741  3.121   1.00 15.81 ? 125 PHE A O   1 
ATOM   220 C CB  . PHE A 1 35 ? -0.010  -4.672  5.191   1.00 14.93 ? 125 PHE A CB  1 
ATOM   221 C CG  . PHE A 1 35 ? -1.291  -5.363  5.577   1.00 16.64 ? 125 PHE A CG  1 
ATOM   222 C CD1 . PHE A 1 35 ? -2.289  -4.679  6.253   1.00 17.68 ? 125 PHE A CD1 1 
ATOM   223 C CD2 . PHE A 1 35 ? -1.502  -6.695  5.242   1.00 17.63 ? 125 PHE A CD2 1 
ATOM   224 C CE1 . PHE A 1 35 ? -3.473  -5.314  6.601   1.00 17.76 ? 125 PHE A CE1 1 
ATOM   225 C CE2 . PHE A 1 35 ? -2.683  -7.333  5.591   1.00 15.74 ? 125 PHE A CE2 1 
ATOM   226 C CZ  . PHE A 1 35 ? -3.663  -6.637  6.261   1.00 19.04 ? 125 PHE A CZ  1 
ATOM   227 N N   . ILE A 1 36 ? 1.230   -1.926  4.036   1.00 15.51 ? 126 ILE A N   1 
ATOM   228 C CA  . ILE A 1 36 ? 2.473   -1.170  4.040   1.00 16.40 ? 126 ILE A CA  1 
ATOM   229 C C   . ILE A 1 36 ? 3.360   -1.694  5.158   1.00 17.02 ? 126 ILE A C   1 
ATOM   230 O O   . ILE A 1 36 ? 2.942   -1.751  6.325   1.00 17.85 ? 126 ILE A O   1 
ATOM   231 C CB  . ILE A 1 36 ? 2.179   0.321   4.246   1.00 15.85 ? 126 ILE A CB  1 
ATOM   232 C CG1 . ILE A 1 36 ? 1.189   0.836   3.190   1.00 16.82 ? 126 ILE A CG1 1 
ATOM   233 C CG2 . ILE A 1 36 ? 3.474   1.117   4.296   1.00 16.47 ? 126 ILE A CG2 1 
ATOM   234 C CD1 . ILE A 1 36 ? 1.672   0.715   1.784   1.00 20.64 ? 126 ILE A CD1 1 
ATOM   235 N N   . SER A 1 37 ? 4.590   -2.078  4.810   1.00 17.75 ? 127 SER A N   1 
ATOM   236 C CA  . SER A 1 37 ? 5.503   -2.640  5.800   1.00 19.00 ? 127 SER A CA  1 
ATOM   237 C C   . SER A 1 37 ? 6.594   -1.678  6.248   1.00 21.51 ? 127 SER A C   1 
ATOM   238 O O   . SER A 1 37 ? 7.150   -1.863  7.335   1.00 24.02 ? 127 SER A O   1 
ATOM   239 C CB  . SER A 1 37 ? 6.124   -3.948  5.291   1.00 21.76 ? 127 SER A CB  1 
ATOM   240 O OG  . SER A 1 37 ? 6.752   -3.771  4.041   1.00 22.62 ? 127 SER A OG  1 
ATOM   241 N N   . LYS A 1 38 ? 6.911   -0.658  5.457   1.00 20.45 ? 128 LYS A N   1 
ATOM   242 C CA  . LYS A 1 38 ? 7.938   0.295   5.844   1.00 23.16 ? 128 LYS A CA  1 
ATOM   243 C C   . LYS A 1 38 ? 7.722   1.570   5.045   1.00 21.05 ? 128 LYS A C   1 
ATOM   244 O O   . LYS A 1 38 ? 7.380   1.507   3.863   1.00 19.44 ? 128 LYS A O   1 
ATOM   245 C CB  . LYS A 1 38 ? 9.324   -0.282  5.538   1.00 24.83 ? 128 LYS A CB  1 
ATOM   246 C CG  . LYS A 1 38 ? 10.477  0.679   5.749   1.00 29.80 ? 128 LYS A CG  1 
ATOM   247 C CD  . LYS A 1 38 ? 11.812  -0.047  5.598   1.00 34.09 ? 128 LYS A CD  1 
ATOM   248 C CE  . LYS A 1 38 ? 12.978  0.914   5.755   1.00 42.03 ? 128 LYS A CE  1 
ATOM   249 N NZ  . LYS A 1 38 ? 12.837  1.751   6.984   1.00 60.10 ? 128 LYS A NZ  1 
ATOM   250 N N   . ILE A 1 39 ? 7.905   2.713   5.700   1.00 20.66 ? 129 ILE A N   1 
ATOM   251 C CA  . ILE A 1 39 ? 8.001   4.002   5.026   1.00 21.81 ? 129 ILE A CA  1 
ATOM   252 C C   . ILE A 1 39 ? 9.487   4.326   4.929   1.00 21.80 ? 129 ILE A C   1 
ATOM   253 O O   . ILE A 1 39 ? 10.177  4.413   5.953   1.00 25.11 ? 129 ILE A O   1 
ATOM   254 C CB  . ILE A 1 39 ? 7.245   5.104   5.788   1.00 21.45 ? 129 ILE A CB  1 
ATOM   255 C CG1 . ILE A 1 39 ? 5.755   4.761   5.961   1.00 20.65 ? 129 ILE A CG1 1 
ATOM   256 C CG2 . ILE A 1 39 ? 7.418   6.454   5.092   1.00 21.66 ? 129 ILE A CG2 1 
ATOM   257 C CD1 . ILE A 1 39 ? 4.972   4.644   4.670   1.00 20.44 ? 129 ILE A CD1 1 
ATOM   258 N N   . ILE A 1 40 ? 9.982   4.465   3.708   1.00 20.48 ? 130 ILE A N   1 
ATOM   259 C CA  . ILE A 1 40 ? 11.408  4.733   3.477   1.00 24.99 ? 130 ILE A CA  1 
ATOM   260 C C   . ILE A 1 40 ? 11.716  6.178   3.861   1.00 23.77 ? 130 ILE A C   1 
ATOM   261 O O   . ILE A 1 40 ? 10.966  7.092   3.473   1.00 22.25 ? 130 ILE A O   1 
ATOM   262 C CB  . ILE A 1 40 ? 11.757  4.476   2.011   1.00 23.30 ? 130 ILE A CB  1 
ATOM   263 C CG1 . ILE A 1 40 ? 11.365  3.056   1.601   1.00 25.29 ? 130 ILE A CG1 1 
ATOM   264 C CG2 . ILE A 1 40 ? 13.238  4.731   1.754   1.00 26.98 ? 130 ILE A CG2 1 
ATOM   265 C CD1 . ILE A 1 40 ? 12.140  1.979   2.309   1.00 29.93 ? 130 ILE A CD1 1 
ATOM   266 N N   . PRO A 1 41 ? 12.786  6.441   4.612   1.00 25.93 ? 131 PRO A N   1 
ATOM   267 C CA  . PRO A 1 41 ? 13.117  7.831   4.952   1.00 25.85 ? 131 PRO A CA  1 
ATOM   268 C C   . PRO A 1 41 ? 13.452  8.633   3.705   1.00 25.52 ? 131 PRO A C   1 
ATOM   269 O O   . PRO A 1 41 ? 13.918  8.093   2.701   1.00 26.23 ? 131 PRO A O   1 
ATOM   270 C CB  . PRO A 1 41 ? 14.350  7.690   5.855   1.00 28.79 ? 131 PRO A CB  1 
ATOM   271 C CG  . PRO A 1 41 ? 14.274  6.294   6.396   1.00 31.40 ? 131 PRO A CG  1 
ATOM   272 C CD  . PRO A 1 41 ? 13.654  5.472   5.301   1.00 25.37 ? 131 PRO A CD  1 
ATOM   273 N N   . ASP A 1 42 ? 13.199  9.944   3.780   1.00 25.82 ? 132 ASP A N   1 
ATOM   274 C CA  . ASP A 1 42 ? 13.609  10.879  2.732   1.00 27.06 ? 132 ASP A CA  1 
ATOM   275 C C   . ASP A 1 42 ? 13.018  10.484  1.376   1.00 28.10 ? 132 ASP A C   1 
ATOM   276 O O   . ASP A 1 42 ? 13.716  10.393  0.365   1.00 28.74 ? 132 ASP A O   1 
ATOM   277 C CB  . ASP A 1 42 ? 15.139  11.003  2.680   1.00 29.13 ? 132 ASP A CB  1 
ATOM   278 C CG  . ASP A 1 42 ? 15.612  12.191  1.859   1.00 32.04 ? 132 ASP A CG  1 
ATOM   279 O OD1 . ASP A 1 42 ? 14.872  13.187  1.753   1.00 31.81 ? 132 ASP A OD1 1 
ATOM   280 O OD2 . ASP A 1 42 ? 16.742  12.130  1.330   1.00 38.29 ? 132 ASP A OD2 1 
ATOM   281 N N   . SER A 1 43 ? 11.705  10.249  1.365   1.00 23.96 ? 133 SER A N   1 
ATOM   282 C CA  . SER A 1 43 ? 11.008  9.726   0.199   1.00 23.93 ? 133 SER A CA  1 
ATOM   283 C C   . SER A 1 43 ? 9.700   10.478  0.005   1.00 19.76 ? 133 SER A C   1 
ATOM   284 O O   . SER A 1 43 ? 9.253   11.229  0.874   1.00 21.68 ? 133 SER A O   1 
ATOM   285 C CB  . SER A 1 43 ? 10.688  8.238   0.380   1.00 21.03 ? 133 SER A CB  1 
ATOM   286 O OG  . SER A 1 43 ? 9.681   8.052   1.368   1.00 20.20 ? 133 SER A OG  1 
ATOM   287 N N   . ALA A 1 44 ? 9.066   10.237  -1.145  1.00 21.81 ? 134 ALA A N   1 
ATOM   288 C CA  . ALA A 1 44 ? 7.764   10.841  -1.415  1.00 23.12 ? 134 ALA A CA  1 
ATOM   289 C C   . ALA A 1 44 ? 6.744   10.454  -0.352  1.00 20.84 ? 134 ALA A C   1 
ATOM   290 O O   . ALA A 1 44 ? 6.029   11.310  0.181   1.00 19.62 ? 134 ALA A O   1 
ATOM   291 C CB  . ALA A 1 44 ? 7.270   10.428  -2.802  1.00 22.33 ? 134 ALA A CB  1 
ATOM   292 N N   . ALA A 1 45 ? 6.657   9.161   -0.032  1.00 17.66 ? 135 ALA A N   1 
ATOM   293 C CA  . ALA A 1 45 ? 5.681   8.723   0.957   1.00 16.65 ? 135 ALA A CA  1 
ATOM   294 C C   . ALA A 1 45 ? 5.938   9.374   2.313   1.00 16.23 ? 135 ALA A C   1 
ATOM   295 O O   . ALA A 1 45 ? 4.995   9.746   3.022   1.00 17.55 ? 135 ALA A O   1 
ATOM   296 C CB  . ALA A 1 45 ? 5.692   7.200   1.066   1.00 17.21 ? 135 ALA A CB  1 
ATOM   297 N N   . LYS A 1 46 ? 7.210   9.502   2.695   1.00 18.82 ? 136 LYS A N   1 
ATOM   298 C CA  . LYS A 1 46 ? 7.553   10.088  3.987   1.00 24.29 ? 136 LYS A CA  1 
ATOM   299 C C   . LYS A 1 46 ? 7.208   11.570  4.022   1.00 18.41 ? 136 LYS A C   1 
ATOM   300 O O   . LYS A 1 46 ? 6.542   12.040  4.956   1.00 19.88 ? 136 LYS A O   1 
ATOM   301 C CB  . LYS A 1 46 ? 9.041   9.864   4.267   1.00 23.70 ? 136 LYS A CB  1 
ATOM   302 C CG  . LYS A 1 46 ? 9.521   10.345  5.628   1.00 26.88 ? 136 LYS A CG  1 
ATOM   303 C CD  . LYS A 1 46 ? 8.737   9.704   6.749   1.00 28.98 ? 136 LYS A CD  1 
ATOM   304 C CE  . LYS A 1 46 ? 9.353   10.025  8.099   1.00 39.19 ? 136 LYS A CE  1 
ATOM   305 N NZ  . LYS A 1 46 ? 10.589  9.224   8.329   1.00 49.14 ? 136 LYS A NZ  1 
ATOM   306 N N   . GLU A 1 47 ? 7.625   12.316  2.998   1.00 20.62 ? 137 GLU A N   1 
ATOM   307 C CA  . GLU A 1 47 ? 7.343   13.748  2.947   1.00 22.24 ? 137 GLU A CA  1 
ATOM   308 C C   . GLU A 1 47 ? 5.848   14.014  2.977   1.00 22.98 ? 137 GLU A C   1 
ATOM   309 O O   . GLU A 1 47 ? 5.384   14.949  3.641   1.00 23.15 ? 137 GLU A O   1 
ATOM   310 C CB  . GLU A 1 47 ? 7.930   14.347  1.675   1.00 25.48 ? 137 GLU A CB  1 
ATOM   311 C CG  . GLU A 1 47 ? 9.438   14.302  1.591   1.00 32.12 ? 137 GLU A CG  1 
ATOM   312 C CD  . GLU A 1 47 ? 9.943   14.748  0.234   1.00 40.64 ? 137 GLU A CD  1 
ATOM   313 O OE1 . GLU A 1 47 ? 9.158   15.377  -0.511  1.00 36.23 ? 137 GLU A OE1 1 
ATOM   314 O OE2 . GLU A 1 47 ? 11.117  14.464  -0.088  1.00 42.28 ? 137 GLU A OE2 1 
ATOM   315 N N   . ASP A 1 48 ? 5.082   13.217  2.236   1.00 19.32 ? 138 ASP A N   1 
ATOM   316 C CA  . ASP A 1 48 ? 3.640   13.394  2.193   1.00 18.19 ? 138 ASP A CA  1 
ATOM   317 C C   . ASP A 1 48 ? 3.002   13.137  3.556   1.00 17.69 ? 138 ASP A C   1 
ATOM   318 O O   . ASP A 1 48 ? 2.082   13.860  3.959   1.00 18.77 ? 138 ASP A O   1 
ATOM   319 C CB  . ASP A 1 48 ? 3.080   12.471  1.121   1.00 16.92 ? 138 ASP A CB  1 
ATOM   320 C CG  . ASP A 1 48 ? 1.599   12.506  1.056   1.00 17.87 ? 138 ASP A CG  1 
ATOM   321 O OD1 . ASP A 1 48 ? 0.962   11.763  1.824   1.00 16.99 ? 138 ASP A OD1 1 
ATOM   322 O OD2 . ASP A 1 48 ? 1.081   13.279  0.224   1.00 17.83 ? 138 ASP A OD2 1 
ATOM   323 N N   . GLY A 1 49 ? 3.479   12.119  4.278   1.00 17.76 ? 139 GLY A N   1 
ATOM   324 C CA  . GLY A 1 49 ? 3.126   11.916  5.670   1.00 18.72 ? 139 GLY A CA  1 
ATOM   325 C C   . GLY A 1 49 ? 1.860   11.130  5.931   1.00 20.39 ? 139 GLY A C   1 
ATOM   326 O O   . GLY A 1 49 ? 1.626   10.737  7.080   1.00 20.50 ? 139 GLY A O   1 
ATOM   327 N N   . ARG A 1 50 ? 1.032   10.887  4.916   1.00 15.54 ? 140 ARG A N   1 
ATOM   328 C CA  . ARG A 1 50 ? -0.248  10.243  5.167   1.00 17.24 ? 140 ARG A CA  1 
ATOM   329 C C   . ARG A 1 50 ? -0.104  8.733   5.299   1.00 16.37 ? 140 ARG A C   1 
ATOM   330 O O   . ARG A 1 50 ? -0.733  8.130   6.168   1.00 18.59 ? 140 ARG A O   1 
ATOM   331 C CB  . ARG A 1 50 ? -1.237  10.587  4.053   1.00 15.18 ? 140 ARG A CB  1 
ATOM   332 C CG  . ARG A 1 50 ? -1.807  11.997  4.160   1.00 14.76 ? 140 ARG A CG  1 
ATOM   333 C CD  . ARG A 1 50 ? -2.663  12.348  2.941   1.00 15.55 ? 140 ARG A CD  1 
ATOM   334 N NE  . ARG A 1 50 ? -1.844  12.490  1.737   1.00 15.92 ? 140 ARG A NE  1 
ATOM   335 C CZ  . ARG A 1 50 ? -2.322  12.773  0.529   1.00 15.12 ? 140 ARG A CZ  1 
ATOM   336 N NH1 . ARG A 1 50 ? -3.619  12.928  0.354   1.00 14.84 ? 140 ARG A NH1 1 
ATOM   337 N NH2 . ARG A 1 50 ? -1.495  12.885  -0.505  1.00 16.17 ? 140 ARG A NH2 1 
ATOM   338 N N   A LEU A 1 51 ? 0.713   8.112   4.451   0.66 16.57 ? 141 LEU A N   1 
ATOM   339 N N   B LEU A 1 51 ? 0.687   8.114   4.426   0.34 16.55 ? 141 LEU A N   1 
ATOM   340 C CA  A LEU A 1 51 ? 0.844   6.662   4.451   0.66 16.85 ? 141 LEU A CA  1 
ATOM   341 C CA  B LEU A 1 51 ? 0.877   6.673   4.477   0.34 16.93 ? 141 LEU A CA  1 
ATOM   342 C C   A LEU A 1 51 ? 1.589   6.198   5.698   0.66 17.72 ? 141 LEU A C   1 
ATOM   343 C C   B LEU A 1 51 ? 1.498   6.272   5.807   0.34 17.80 ? 141 LEU A C   1 
ATOM   344 O O   A LEU A 1 51 ? 2.566   6.822   6.119   0.66 17.68 ? 141 LEU A O   1 
ATOM   345 O O   B LEU A 1 51 ? 2.287   7.012   6.401   0.34 17.19 ? 141 LEU A O   1 
ATOM   346 C CB  A LEU A 1 51 ? 1.610   6.225   3.205   0.66 16.36 ? 141 LEU A CB  1 
ATOM   347 C CB  B LEU A 1 51 ? 1.785   6.219   3.336   0.34 16.35 ? 141 LEU A CB  1 
ATOM   348 C CG  A LEU A 1 51 ? 1.520   4.760   2.786   0.66 14.44 ? 141 LEU A CG  1 
ATOM   349 C CG  B LEU A 1 51 ? 1.158   6.165   1.946   0.34 17.50 ? 141 LEU A CG  1 
ATOM   350 C CD1 A LEU A 1 51 ? 0.115   4.416   2.302   0.66 17.06 ? 141 LEU A CD1 1 
ATOM   351 C CD1 B LEU A 1 51 ? 2.190   5.692   0.951   0.34 16.92 ? 141 LEU A CD1 1 
ATOM   352 C CD2 A LEU A 1 51 ? 2.534   4.487   1.706   0.66 17.25 ? 141 LEU A CD2 1 
ATOM   353 C CD2 B LEU A 1 51 ? -0.038  5.233   1.944   0.34 16.62 ? 141 LEU A CD2 1 
ATOM   354 N N   . ALA A 1 52 ? 1.126   5.092   6.285   1.00 17.17 ? 142 ALA A N   1 
ATOM   355 C CA  . ALA A 1 52 ? 1.662   4.603   7.544   1.00 17.77 ? 142 ALA A CA  1 
ATOM   356 C C   . ALA A 1 52 ? 1.882   3.102   7.473   1.00 19.35 ? 142 ALA A C   1 
ATOM   357 O O   . ALA A 1 52 ? 1.151   2.374   6.791   1.00 17.35 ? 142 ALA A O   1 
ATOM   358 C CB  . ALA A 1 52 ? 0.736   4.934   8.723   1.00 20.96 ? 142 ALA A CB  1 
ATOM   359 N N   . VAL A 1 53 ? 2.900   2.645   8.205   1.00 19.44 ? 143 VAL A N   1 
ATOM   360 C CA  . VAL A 1 53 ? 3.103   1.213   8.377   1.00 19.39 ? 143 VAL A CA  1 
ATOM   361 C C   . VAL A 1 53 ? 1.832   0.594   8.929   1.00 17.99 ? 143 VAL A C   1 
ATOM   362 O O   . VAL A 1 53 ? 1.207   1.132   9.855   1.00 20.33 ? 143 VAL A O   1 
ATOM   363 C CB  . VAL A 1 53 ? 4.307   0.951   9.294   1.00 20.40 ? 143 VAL A CB  1 
ATOM   364 C CG1 . VAL A 1 53 ? 4.410   -0.535  9.634   1.00 22.13 ? 143 VAL A CG1 1 
ATOM   365 C CG2 . VAL A 1 53 ? 5.584   1.415   8.618   1.00 22.13 ? 143 VAL A CG2 1 
ATOM   366 N N   . GLY A 1 54 ? 1.424   -0.528  8.337   1.00 17.80 ? 144 GLY A N   1 
ATOM   367 C CA  . GLY A 1 54 ? 0.216   -1.207  8.737   1.00 20.87 ? 144 GLY A CA  1 
ATOM   368 C C   . GLY A 1 54 ? -1.020  -0.842  7.939   1.00 21.12 ? 144 GLY A C   1 
ATOM   369 O O   . GLY A 1 54 ? -2.053  -1.506  8.085   1.00 20.72 ? 144 GLY A O   1 
ATOM   370 N N   . ASP A 1 55 ? -0.951  0.194   7.104   1.00 17.54 ? 145 ASP A N   1 
ATOM   371 C CA  . ASP A 1 55 ? -2.078  0.516   6.240   1.00 19.10 ? 145 ASP A CA  1 
ATOM   372 C C   . ASP A 1 55 ? -2.372  -0.653  5.310   1.00 14.12 ? 145 ASP A C   1 
ATOM   373 O O   . ASP A 1 55 ? -1.459  -1.283  4.771   1.00 14.99 ? 145 ASP A O   1 
ATOM   374 C CB  . ASP A 1 55 ? -1.735  1.714   5.357   1.00 16.67 ? 145 ASP A CB  1 
ATOM   375 C CG  . ASP A 1 55 ? -1.716  3.018   6.101   1.00 19.28 ? 145 ASP A CG  1 
ATOM   376 O OD1 . ASP A 1 55 ? -2.087  3.031   7.293   1.00 20.02 ? 145 ASP A OD1 1 
ATOM   377 O OD2 . ASP A 1 55 ? -1.343  4.028   5.465   1.00 17.73 ? 145 ASP A OD2 1 
ATOM   378 N N   . ARG A 1 56 ? -3.655  -0.930  5.114   1.00 14.62 ? 146 ARG A N   1 
ATOM   379 C CA  . ARG A 1 56 ? -4.091  -1.875  4.098   1.00 13.73 ? 146 ARG A CA  1 
ATOM   380 C C   . ARG A 1 56 ? -4.294  -1.125  2.793   1.00 14.24 ? 146 ARG A C   1 
ATOM   381 O O   . ARG A 1 56 ? -5.027  -0.130  2.750   1.00 14.57 ? 146 ARG A O   1 
ATOM   382 C CB  . ARG A 1 56 ? -5.410  -2.529  4.492   1.00 14.25 ? 146 ARG A CB  1 
ATOM   383 C CG  . ARG A 1 56 ? -5.949  -3.507  3.465   1.00 14.40 ? 146 ARG A CG  1 
ATOM   384 C CD  . ARG A 1 56 ? -7.372  -3.973  3.839   1.00 15.97 ? 146 ARG A CD  1 
ATOM   385 N NE  . ARG A 1 56 ? -7.442  -4.541  5.187   1.00 18.39 ? 146 ARG A NE  1 
ATOM   386 C CZ  . ARG A 1 56 ? -7.174  -5.808  5.485   1.00 18.42 ? 146 ARG A CZ  1 
ATOM   387 N NH1 . ARG A 1 56 ? -6.829  -6.674  4.539   1.00 16.08 ? 146 ARG A NH1 1 
ATOM   388 N NH2 . ARG A 1 56 ? -7.262  -6.214  6.750   1.00 19.69 ? 146 ARG A NH2 1 
ATOM   389 N N   . VAL A 1 57 ? -3.654  -1.597  1.728   1.00 14.19 ? 147 VAL A N   1 
ATOM   390 C CA  . VAL A 1 57 ? -3.809  -0.963  0.422   1.00 13.18 ? 147 VAL A CA  1 
ATOM   391 C C   . VAL A 1 57 ? -5.045  -1.538  -0.245  1.00 13.68 ? 147 VAL A C   1 
ATOM   392 O O   . VAL A 1 57 ? -5.129  -2.748  -0.477  1.00 13.79 ? 147 VAL A O   1 
ATOM   393 C CB  . VAL A 1 57 ? -2.563  -1.161  -0.451  1.00 13.72 ? 147 VAL A CB  1 
ATOM   394 C CG1 . VAL A 1 57 ? -2.773  -0.463  -1.791  1.00 15.15 ? 147 VAL A CG1 1 
ATOM   395 C CG2 . VAL A 1 57 ? -1.318  -0.633  0.256   1.00 16.58 ? 147 VAL A CG2 1 
ATOM   396 N N   . LEU A 1 58 ? -6.014  -0.676  -0.533  1.00 12.84 ? 148 LEU A N   1 
ATOM   397 C CA  . LEU A 1 58 ? -7.238  -1.120  -1.178  1.00 12.45 ? 148 LEU A CA  1 
ATOM   398 C C   . LEU A 1 58 ? -7.171  -1.015  -2.688  1.00 11.85 ? 148 LEU A C   1 
ATOM   399 O O   . LEU A 1 58 ? -7.775  -1.830  -3.387  1.00 12.71 ? 148 LEU A O   1 
ATOM   400 C CB  . LEU A 1 58 ? -8.429  -0.304  -0.677  1.00 12.70 ? 148 LEU A CB  1 
ATOM   401 C CG  . LEU A 1 58 ? -8.751  -0.471  0.808   1.00 14.81 ? 148 LEU A CG  1 
ATOM   402 C CD1 . LEU A 1 58 ? -9.843  0.517   1.192   1.00 17.98 ? 148 LEU A CD1 1 
ATOM   403 C CD2 . LEU A 1 58 ? -9.164  -1.895  1.126   1.00 19.88 ? 148 LEU A CD2 1 
ATOM   404 N N   . SER A 1 59 ? -6.493  0.001   -3.209  1.00 12.48 ? 149 SER A N   1 
ATOM   405 C CA  . SER A 1 59 ? -6.415  0.139   -4.652  1.00 11.96 ? 149 SER A CA  1 
ATOM   406 C C   . SER A 1 59 ? -5.175  0.924   -5.022  1.00 12.87 ? 149 SER A C   1 
ATOM   407 O O   . SER A 1 59 ? -4.671  1.743   -4.247  1.00 12.75 ? 149 SER A O   1 
ATOM   408 C CB  . SER A 1 59 ? -7.655  0.824   -5.221  1.00 13.97 ? 149 SER A CB  1 
ATOM   409 O OG  . SER A 1 59 ? -7.758  2.156   -4.767  1.00 14.49 ? 149 SER A OG  1 
ATOM   410 N N   . VAL A 1 60 ? -4.727  0.686   -6.256  1.00 12.29 ? 150 VAL A N   1 
ATOM   411 C CA  . VAL A 1 60 ? -3.651  1.427   -6.900  1.00 12.98 ? 150 VAL A CA  1 
ATOM   412 C C   . VAL A 1 60 ? -4.172  1.825   -8.271  1.00 12.66 ? 150 VAL A C   1 
ATOM   413 O O   . VAL A 1 60 ? -4.594  0.961   -9.048  1.00 13.54 ? 150 VAL A O   1 
ATOM   414 C CB  . VAL A 1 60 ? -2.385  0.572   -7.049  1.00 13.50 ? 150 VAL A CB  1 
ATOM   415 C CG1 . VAL A 1 60 ? -1.292  1.361   -7.772  1.00 15.02 ? 150 VAL A CG1 1 
ATOM   416 C CG2 . VAL A 1 60 ? -1.890  0.092   -5.688  1.00 15.08 ? 150 VAL A CG2 1 
ATOM   417 N N   . GLN A 1 61 ? -4.212  3.123   -8.552  1.00 12.85 ? 151 GLN A N   1 
ATOM   418 C CA  . GLN A 1 61 ? -4.759  3.605   -9.830  1.00 14.97 ? 151 GLN A CA  1 
ATOM   419 C C   . GLN A 1 61 ? -6.175  3.089   -10.064 1.00 15.27 ? 151 GLN A C   1 
ATOM   420 O O   . GLN A 1 61 ? -6.576  2.811   -11.200 1.00 16.99 ? 151 GLN A O   1 
ATOM   421 C CB  . GLN A 1 61 ? -3.860  3.279   -11.032 1.00 17.07 ? 151 GLN A CB  1 
ATOM   422 C CG  . GLN A 1 61 ? -2.489  3.941   -11.070 1.00 24.11 ? 151 GLN A CG  1 
ATOM   423 C CD  . GLN A 1 61 ? -2.531  5.456   -10.945 1.00 17.70 ? 151 GLN A CD  1 
ATOM   424 O OE1 . GLN A 1 61 ? -2.875  5.978   -9.897  1.00 24.10 ? 151 GLN A OE1 1 
ATOM   425 N NE2 . GLN A 1 61 ? -2.128  6.165   -11.992 1.00 22.05 ? 151 GLN A NE2 1 
ATOM   426 N N   . GLY A 1 62 ? -6.942  2.943   -8.990  1.00 14.54 ? 152 GLY A N   1 
ATOM   427 C CA  . GLY A 1 62 ? -8.311  2.486   -9.097  1.00 16.01 ? 152 GLY A CA  1 
ATOM   428 C C   . GLY A 1 62 ? -8.491  0.987   -9.185  1.00 15.02 ? 152 GLY A C   1 
ATOM   429 O O   . GLY A 1 62 ? -9.636  0.518   -9.132  1.00 17.64 ? 152 GLY A O   1 
ATOM   430 N N   . GLU A 1 63 ? -7.413  0.218   -9.308  1.00 13.41 ? 153 GLU A N   1 
ATOM   431 C CA  . GLU A 1 63 ? -7.509  -1.226  -9.430  1.00 15.06 ? 153 GLU A CA  1 
ATOM   432 C C   . GLU A 1 63 ? -7.398  -1.861  -8.051  1.00 13.87 ? 153 GLU A C   1 
ATOM   433 O O   . GLU A 1 63 ? -6.560  -1.465  -7.239  1.00 13.44 ? 153 GLU A O   1 
ATOM   434 C CB  . GLU A 1 63 ? -6.373  -1.734  -10.310 1.00 15.73 ? 153 GLU A CB  1 
ATOM   435 C CG  . GLU A 1 63 ? -6.424  -3.203  -10.634 1.00 21.73 ? 153 GLU A CG  1 
ATOM   436 C CD  . GLU A 1 63 ? -5.344  -3.615  -11.614 1.00 26.52 ? 153 GLU A CD  1 
ATOM   437 O OE1 . GLU A 1 63 ? -5.316  -4.810  -11.988 1.00 28.83 ? 153 GLU A OE1 1 
ATOM   438 O OE2 . GLU A 1 63 ? -4.516  -2.754  -11.992 1.00 27.56 ? 153 GLU A OE2 1 
ATOM   439 N N   . SER A 1 64 ? -8.223  -2.862  -7.797  1.00 12.81 ? 154 SER A N   1 
ATOM   440 C CA  . SER A 1 64 ? -8.320  -3.402  -6.452  1.00 12.69 ? 154 SER A CA  1 
ATOM   441 C C   . SER A 1 64 ? -7.084  -4.199  -6.051  1.00 12.51 ? 154 SER A C   1 
ATOM   442 O O   . SER A 1 64 ? -6.515  -4.957  -6.849  1.00 15.08 ? 154 SER A O   1 
ATOM   443 C CB  . SER A 1 64 ? -9.543  -4.304  -6.340  1.00 14.07 ? 154 SER A CB  1 
ATOM   444 O OG  . SER A 1 64 ? -9.654  -4.758  -5.003  1.00 14.34 ? 154 SER A OG  1 
ATOM   445 N N   . CYS A 1 65 ? -6.721  -4.078  -4.774  1.00 12.82 ? 155 CYS A N   1 
ATOM   446 C CA  . CYS A 1 65 ? -5.660  -4.878  -4.179  1.00 14.48 ? 155 CYS A CA  1 
ATOM   447 C C   . CYS A 1 65 ? -6.200  -5.903  -3.195  1.00 14.65 ? 155 CYS A C   1 
ATOM   448 O O   . CYS A 1 65 ? -5.431  -6.461  -2.405  1.00 14.68 ? 155 CYS A O   1 
ATOM   449 C CB  . CYS A 1 65 ? -4.617  -4.000  -3.495  1.00 13.25 ? 155 CYS A CB  1 
ATOM   450 S SG  . CYS A 1 65 ? -3.761  -2.909  -4.618  1.00 16.65 ? 155 CYS A SG  1 
ATOM   451 N N   . GLU A 1 66 ? -7.506  -6.160  -3.221  1.00 12.89 ? 156 GLU A N   1 
ATOM   452 C CA  . GLU A 1 66 ? -8.057  -7.247  -2.427  1.00 13.67 ? 156 GLU A CA  1 
ATOM   453 C C   . GLU A 1 66 ? -7.934  -8.550  -3.189  1.00 13.98 ? 156 GLU A C   1 
ATOM   454 O O   . GLU A 1 66 ? -8.254  -8.616  -4.383  1.00 15.10 ? 156 GLU A O   1 
ATOM   455 C CB  . GLU A 1 66 ? -9.522  -6.995  -2.103  1.00 14.06 ? 156 GLU A CB  1 
ATOM   456 C CG  . GLU A 1 66 ? -9.744  -5.912  -1.087  1.00 15.49 ? 156 GLU A CG  1 
ATOM   457 C CD  . GLU A 1 66 ? -11.190 -5.795  -0.681  1.00 13.81 ? 156 GLU A CD  1 
ATOM   458 O OE1 . GLU A 1 66 ? -11.763 -4.706  -0.806  1.00 15.06 ? 156 GLU A OE1 1 
ATOM   459 O OE2 . GLU A 1 66 ? -11.748 -6.815  -0.220  1.00 17.79 ? 156 GLU A OE2 1 
ATOM   460 N N   . LYS A 1 67 ? -7.457  -9.585  -2.494  1.00 15.91 ? 157 LYS A N   1 
ATOM   461 C CA  . LYS A 1 67 ? -7.359  -10.934 -3.043  1.00 17.65 ? 157 LYS A CA  1 
ATOM   462 C C   . LYS A 1 67 ? -6.510  -10.967 -4.312  1.00 19.41 ? 157 LYS A C   1 
ATOM   463 O O   . LYS A 1 67 ? -6.902  -11.530 -5.339  1.00 21.30 ? 157 LYS A O   1 
ATOM   464 C CB  . LYS A 1 67 ? -8.743  -11.561 -3.240  1.00 20.67 ? 157 LYS A CB  1 
ATOM   465 C CG  . LYS A 1 67 ? -9.522  -11.611 -1.938  1.00 22.45 ? 157 LYS A CG  1 
ATOM   466 C CD  . LYS A 1 67 ? -10.834 -12.339 -2.067  1.00 25.53 ? 157 LYS A CD  1 
ATOM   467 C CE  . LYS A 1 67 ? -11.571 -12.313 -0.741  1.00 29.97 ? 157 LYS A CE  1 
ATOM   468 N NZ  . LYS A 1 67 ? -12.918 -12.931 -0.830  1.00 35.01 ? 157 LYS A NZ  1 
ATOM   469 N N   . ILE A 1 68 ? -5.332  -10.343 -4.236  1.00 17.03 ? 158 ILE A N   1 
ATOM   470 C CA  . ILE A 1 68 ? -4.333  -10.404 -5.294  1.00 16.94 ? 158 ILE A CA  1 
ATOM   471 C C   . ILE A 1 68 ? -3.027  -10.919 -4.704  1.00 19.23 ? 158 ILE A C   1 
ATOM   472 O O   . ILE A 1 68 ? -2.803  -10.892 -3.487  1.00 17.55 ? 158 ILE A O   1 
ATOM   473 C CB  . ILE A 1 68 ? -4.111  -9.051  -6.000  1.00 16.10 ? 158 ILE A CB  1 
ATOM   474 C CG1 . ILE A 1 68 ? -3.512  -8.027  -5.037  1.00 16.79 ? 158 ILE A CG1 1 
ATOM   475 C CG2 . ILE A 1 68 ? -5.417  -8.543  -6.604  1.00 17.52 ? 158 ILE A CG2 1 
ATOM   476 C CD1 . ILE A 1 68 ? -3.013  -6.785  -5.737  1.00 15.64 ? 158 ILE A CD1 1 
ATOM   477 N N   . THR A 1 69 ? -2.148  -11.373 -5.588  1.00 17.45 ? 159 THR A N   1 
ATOM   478 C CA  . THR A 1 69 ? -0.848  -11.832 -5.141  1.00 16.89 ? 159 THR A CA  1 
ATOM   479 C C   . THR A 1 69 ? 0.077   -10.651 -4.861  1.00 16.88 ? 159 THR A C   1 
ATOM   480 O O   . THR A 1 69 ? -0.141  -9.521  -5.322  1.00 16.18 ? 159 THR A O   1 
ATOM   481 C CB  . THR A 1 69 ? -0.202  -12.720 -6.200  1.00 19.81 ? 159 THR A CB  1 
ATOM   482 O OG1 . THR A 1 69 ? 0.024   -11.939 -7.381  1.00 19.91 ? 159 THR A OG1 1 
ATOM   483 C CG2 . THR A 1 69 ? -1.108  -13.891 -6.524  1.00 20.60 ? 159 THR A CG2 1 
ATOM   484 N N   . HIS A 1 70 ? 1.138   -10.930 -4.098  1.00 16.92 ? 160 HIS A N   1 
ATOM   485 C CA  . HIS A 1 70 ? 2.166   -9.922  -3.862  1.00 17.65 ? 160 HIS A CA  1 
ATOM   486 C C   . HIS A 1 70 ? 2.757   -9.427  -5.173  1.00 18.09 ? 160 HIS A C   1 
ATOM   487 O O   . HIS A 1 70 ? 2.981   -8.223  -5.352  1.00 18.42 ? 160 HIS A O   1 
ATOM   488 C CB  . HIS A 1 70 ? 3.276   -10.527 -3.008  1.00 18.95 ? 160 HIS A CB  1 
ATOM   489 C CG  . HIS A 1 70 ? 4.172   -9.511  -2.383  1.00 18.65 ? 160 HIS A CG  1 
ATOM   490 N ND1 . HIS A 1 70 ? 5.286   -8.999  -3.011  1.00 20.60 ? 160 HIS A ND1 1 
ATOM   491 C CD2 . HIS A 1 70 ? 4.114   -8.911  -1.173  1.00 17.12 ? 160 HIS A CD2 1 
ATOM   492 C CE1 . HIS A 1 70 ? 5.876   -8.128  -2.211  1.00 17.29 ? 160 HIS A CE1 1 
ATOM   493 N NE2 . HIS A 1 70 ? 5.181   -8.052  -1.092  1.00 23.01 ? 160 HIS A NE2 1 
ATOM   494 N N   . GLU A 1 71 ? 3.022   -10.355 -6.095  1.00 18.51 ? 161 GLU A N   1 
ATOM   495 C CA  . GLU A 1 71 ? 3.600   -10.000 -7.386  1.00 21.36 ? 161 GLU A CA  1 
ATOM   496 C C   . GLU A 1 71 ? 2.698   -9.038  -8.146  1.00 18.51 ? 161 GLU A C   1 
ATOM   497 O O   . GLU A 1 71 ? 3.181   -8.067  -8.745  1.00 18.56 ? 161 GLU A O   1 
ATOM   498 C CB  . GLU A 1 71 ? 3.826   -11.284 -8.187  1.00 23.70 ? 161 GLU A CB  1 
ATOM   499 C CG  . GLU A 1 71 ? 4.678   -11.150 -9.448  1.00 40.99 ? 161 GLU A CG  1 
ATOM   500 C CD  . GLU A 1 71 ? 4.831   -12.485 -10.159 1.00 63.15 ? 161 GLU A CD  1 
ATOM   501 O OE1 . GLU A 1 71 ? 3.899   -13.309 -10.058 1.00 62.49 ? 161 GLU A OE1 1 
ATOM   502 O OE2 . GLU A 1 71 ? 5.876   -12.694 -10.807 1.00 67.62 ? 161 GLU A OE2 1 
ATOM   503 N N   . ARG A 1 72 ? 1.389   -9.291  -8.140  1.00 17.02 ? 162 ARG A N   1 
ATOM   504 C CA  . ARG A 1 72 ? 0.469   -8.395  -8.830  1.00 18.66 ? 162 ARG A CA  1 
ATOM   505 C C   . ARG A 1 72 ? 0.505   -7.005  -8.215  1.00 17.03 ? 162 ARG A C   1 
ATOM   506 O O   . ARG A 1 72 ? 0.501   -5.995  -8.933  1.00 17.14 ? 162 ARG A O   1 
ATOM   507 C CB  . ARG A 1 72 ? -0.947  -8.957  -8.793  1.00 18.47 ? 162 ARG A CB  1 
ATOM   508 C CG  . ARG A 1 72 ? -1.976  -8.059  -9.449  1.00 21.47 ? 162 ARG A CG  1 
ATOM   509 C CD  . ARG A 1 72 ? -1.917  -8.170  -10.959 1.00 29.74 ? 162 ARG A CD  1 
ATOM   510 N NE  . ARG A 1 72 ? -2.753  -7.167  -11.618 1.00 32.78 ? 162 ARG A NE  1 
ATOM   511 C CZ  . ARG A 1 72 ? -2.283  -6.112  -12.280 1.00 33.18 ? 162 ARG A CZ  1 
ATOM   512 N NH1 . ARG A 1 72 ? -3.122  -5.258  -12.844 1.00 34.92 ? 162 ARG A NH1 1 
ATOM   513 N NH2 . ARG A 1 72 ? -0.975  -5.919  -12.394 1.00 34.54 ? 162 ARG A NH2 1 
ATOM   514 N N   . ALA A 1 73 ? 0.553   -6.933  -6.882  1.00 16.28 ? 163 ALA A N   1 
ATOM   515 C CA  . ALA A 1 73 ? 0.625   -5.639  -6.212  1.00 15.21 ? 163 ALA A CA  1 
ATOM   516 C C   . ALA A 1 73 ? 1.891   -4.895  -6.607  1.00 16.43 ? 163 ALA A C   1 
ATOM   517 O O   . ALA A 1 73 ? 1.851   -3.688  -6.874  1.00 16.24 ? 163 ALA A O   1 
ATOM   518 C CB  . ALA A 1 73 ? 0.561   -5.836  -4.698  1.00 15.47 ? 163 ALA A CB  1 
ATOM   519 N N   . VAL A 1 74 ? 3.034   -5.593  -6.640  1.00 16.50 ? 164 VAL A N   1 
ATOM   520 C CA  . VAL A 1 74 ? 4.280   -4.947  -7.051  1.00 19.57 ? 164 VAL A CA  1 
ATOM   521 C C   . VAL A 1 74 ? 4.167   -4.416  -8.475  1.00 19.41 ? 164 VAL A C   1 
ATOM   522 O O   . VAL A 1 74 ? 4.572   -3.282  -8.764  1.00 18.63 ? 164 VAL A O   1 
ATOM   523 C CB  . VAL A 1 74 ? 5.477   -5.899  -6.883  1.00 18.94 ? 164 VAL A CB  1 
ATOM   524 C CG1 . VAL A 1 74 ? 6.750   -5.236  -7.406  1.00 24.29 ? 164 VAL A CG1 1 
ATOM   525 C CG2 . VAL A 1 74 ? 5.652   -6.265  -5.427  1.00 20.35 ? 164 VAL A CG2 1 
ATOM   526 N N   . GLU A 1 75 ? 3.581   -5.209  -9.375  1.00 17.66 ? 165 GLU A N   1 
ATOM   527 C CA  . GLU A 1 75 ? 3.370   -4.753  -10.747 1.00 20.70 ? 165 GLU A CA  1 
ATOM   528 C C   . GLU A 1 75 ? 2.562   -3.461  -10.777 1.00 19.74 ? 165 GLU A C   1 
ATOM   529 O O   . GLU A 1 75 ? 2.927   -2.501  -11.467 1.00 18.79 ? 165 GLU A O   1 
ATOM   530 C CB  . GLU A 1 75 ? 2.654   -5.837  -11.550 1.00 18.27 ? 165 GLU A CB  1 
ATOM   531 C CG  . GLU A 1 75 ? 3.454   -7.096  -11.802 1.00 29.45 ? 165 GLU A CG  1 
ATOM   532 C CD  . GLU A 1 75 ? 2.607   -8.193  -12.419 1.00 39.35 ? 165 GLU A CD  1 
ATOM   533 O OE1 . GLU A 1 75 ? 1.480   -7.887  -12.870 1.00 38.34 ? 165 GLU A OE1 1 
ATOM   534 O OE2 . GLU A 1 75 ? 3.065   -9.356  -12.452 1.00 46.96 ? 165 GLU A OE2 1 
ATOM   535 N N   . MET A 1 76 ? 1.461   -3.411  -10.021 1.00 16.75 ? 166 MET A N   1 
ATOM   536 C CA  . MET A 1 76 ? 0.652   -2.197  -9.992  1.00 17.45 ? 166 MET A CA  1 
ATOM   537 C C   . MET A 1 76 ? 1.457   -1.008  -9.491  1.00 17.55 ? 166 MET A C   1 
ATOM   538 O O   . MET A 1 76 ? 1.334   0.108   -10.018 1.00 16.73 ? 166 MET A O   1 
ATOM   539 C CB  . MET A 1 76 ? -0.567  -2.386  -9.092  1.00 17.68 ? 166 MET A CB  1 
ATOM   540 C CG  . MET A 1 76 ? -1.580  -3.394  -9.539  1.00 15.68 ? 166 MET A CG  1 
ATOM   541 S SD  . MET A 1 76 ? -2.927  -3.347  -8.340  1.00 23.06 ? 166 MET A SD  1 
ATOM   542 C CE  . MET A 1 76 ? -3.772  -4.856  -8.793  1.00 28.03 ? 166 MET A CE  1 
ATOM   543 N N   . LEU A 1 77 ? 2.275   -1.216  -8.463  1.00 16.85 ? 167 LEU A N   1 
ATOM   544 C CA  . LEU A 1 77 ? 2.999   -0.122  -7.831  1.00 18.01 ? 167 LEU A CA  1 
ATOM   545 C C   . LEU A 1 77 ? 4.204   0.348   -8.631  1.00 19.08 ? 167 LEU A C   1 
ATOM   546 O O   . LEU A 1 77 ? 4.759   1.403   -8.304  1.00 20.61 ? 167 LEU A O   1 
ATOM   547 C CB  . LEU A 1 77 ? 3.419   -0.513  -6.417  1.00 18.91 ? 167 LEU A CB  1 
ATOM   548 C CG  . LEU A 1 77 ? 2.223   -0.599  -5.479  1.00 19.56 ? 167 LEU A CG  1 
ATOM   549 C CD1 . LEU A 1 77 ? 2.622   -1.269  -4.188  1.00 20.60 ? 167 LEU A CD1 1 
ATOM   550 C CD2 . LEU A 1 77 ? 1.704   0.799   -5.197  1.00 20.23 ? 167 LEU A CD2 1 
ATOM   551 N N   . ARG A 1 78 ? 4.623   -0.398  -9.651  1.00 16.03 ? 168 ARG A N   1 
ATOM   552 C CA  . ARG A 1 78 ? 5.699   0.037   -10.538 1.00 19.06 ? 168 ARG A CA  1 
ATOM   553 C C   . ARG A 1 78 ? 5.184   0.553   -11.880 1.00 19.13 ? 168 ARG A C   1 
ATOM   554 O O   . ARG A 1 78 ? 5.962   0.696   -12.836 1.00 19.09 ? 168 ARG A O   1 
ATOM   555 C CB  . ARG A 1 78 ? 6.740   -1.068  -10.706 1.00 18.00 ? 168 ARG A CB  1 
ATOM   556 C CG  . ARG A 1 78 ? 7.355   -1.516  -9.381  1.00 22.40 ? 168 ARG A CG  1 
ATOM   557 C CD  . ARG A 1 78 ? 8.702   -2.193  -9.573  1.00 30.05 ? 168 ARG A CD  1 
ATOM   558 N NE  . ARG A 1 78 ? 9.719   -1.272  -10.071 1.00 27.76 ? 168 ARG A NE  1 
ATOM   559 C CZ  . ARG A 1 78 ? 10.870  -1.657  -10.615 1.00 42.96 ? 168 ARG A CZ  1 
ATOM   560 N NH1 . ARG A 1 78 ? 11.143  -2.949  -10.739 1.00 36.17 ? 168 ARG A NH1 1 
ATOM   561 N NH2 . ARG A 1 78 ? 11.748  -0.755  -11.038 1.00 29.33 ? 168 ARG A NH2 1 
ATOM   562 N N   . ASN A 1 79 ? 3.892   0.829   -11.970 1.00 17.55 ? 169 ASN A N   1 
ATOM   563 C CA  . ASN A 1 79 ? 3.346   1.592   -13.080 1.00 15.80 ? 169 ASN A CA  1 
ATOM   564 C C   . ASN A 1 79 ? 4.131   2.898   -13.214 1.00 15.92 ? 169 ASN A C   1 
ATOM   565 O O   . ASN A 1 79 ? 4.269   3.637   -12.233 1.00 15.75 ? 169 ASN A O   1 
ATOM   566 C CB  . ASN A 1 79 ? 1.890   1.891   -12.716 1.00 15.89 ? 169 ASN A CB  1 
ATOM   567 C CG  . ASN A 1 79 ? 1.123   2.630   -13.798 1.00 16.78 ? 169 ASN A CG  1 
ATOM   568 O OD1 . ASN A 1 79 ? 1.697   3.300   -14.662 1.00 16.38 ? 169 ASN A OD1 1 
ATOM   569 N ND2 . ASN A 1 79 ? -0.192  2.538   -13.733 1.00 18.33 ? 169 ASN A ND2 1 
ATOM   570 N N   . PRO A 1 80 ? 4.677   3.206   -14.398 1.00 15.35 ? 170 PRO A N   1 
ATOM   571 C CA  . PRO A 1 80 ? 5.501   4.420   -14.531 1.00 15.59 ? 170 PRO A CA  1 
ATOM   572 C C   . PRO A 1 80 ? 4.713   5.720   -14.465 1.00 17.42 ? 170 PRO A C   1 
ATOM   573 O O   . PRO A 1 80 ? 5.333   6.791   -14.459 1.00 17.73 ? 170 PRO A O   1 
ATOM   574 C CB  . PRO A 1 80 ? 6.166   4.242   -15.905 1.00 17.58 ? 170 PRO A CB  1 
ATOM   575 C CG  . PRO A 1 80 ? 5.192   3.439   -16.669 1.00 15.93 ? 170 PRO A CG  1 
ATOM   576 C CD  . PRO A 1 80 ? 4.613   2.454   -15.664 1.00 16.69 ? 170 PRO A CD  1 
ATOM   577 N N   . ALA A 1 81 ? 3.385   5.667   -14.431 1.00 15.07 ? 171 ALA A N   1 
ATOM   578 C CA  . ALA A 1 81 ? 2.583   6.879   -14.324 1.00 16.45 ? 171 ALA A CA  1 
ATOM   579 C C   . ALA A 1 81 ? 2.887   7.645   -13.033 1.00 17.03 ? 171 ALA A C   1 
ATOM   580 O O   . ALA A 1 81 ? 3.390   7.100   -12.045 1.00 16.02 ? 171 ALA A O   1 
ATOM   581 C CB  . ALA A 1 81 ? 1.098   6.523   -14.359 1.00 19.60 ? 171 ALA A CB  1 
ATOM   582 N N   . SER A 1 82 ? 2.563   8.934   -13.053 1.00 16.75 ? 172 SER A N   1 
ATOM   583 C CA  . SER A 1 82 ? 2.670   9.786   -11.876 1.00 16.70 ? 172 SER A CA  1 
ATOM   584 C C   . SER A 1 82 ? 1.587   10.852  -11.973 1.00 18.97 ? 172 SER A C   1 
ATOM   585 O O   . SER A 1 82 ? 1.391   11.439  -13.035 1.00 21.26 ? 172 SER A O   1 
ATOM   586 C CB  . SER A 1 82 ? 4.049   10.453  -11.794 1.00 20.36 ? 172 SER A CB  1 
ATOM   587 O OG  . SER A 1 82 ? 4.159   11.248  -10.619 1.00 18.61 ? 172 SER A OG  1 
ATOM   588 N N   . PRO A 1 83 ? 0.877   11.115  -10.868 1.00 17.24 ? 173 PRO A N   1 
ATOM   589 C CA  . PRO A 1 83 ? 1.051   10.463  -9.570  1.00 16.18 ? 173 PRO A CA  1 
ATOM   590 C C   . PRO A 1 83 ? 0.440   9.071   -9.556  1.00 15.47 ? 173 PRO A C   1 
ATOM   591 O O   . PRO A 1 83 ? -0.349  8.717   -10.432 1.00 16.94 ? 173 PRO A O   1 
ATOM   592 C CB  . PRO A 1 83 ? 0.272   11.378  -8.620  1.00 17.14 ? 173 PRO A CB  1 
ATOM   593 C CG  . PRO A 1 83 ? -0.801  11.939  -9.465  1.00 20.31 ? 173 PRO A CG  1 
ATOM   594 C CD  . PRO A 1 83 ? -0.194  12.127  -10.835 1.00 18.95 ? 173 PRO A CD  1 
ATOM   595 N N   . ILE A 1 84 ? 0.838   8.280   -8.573  1.00 14.11 ? 174 ILE A N   1 
ATOM   596 C CA  . ILE A 1 84 ? 0.176   7.016   -8.292  1.00 14.15 ? 174 ILE A CA  1 
ATOM   597 C C   . ILE A 1 84 ? -0.844  7.284   -7.195  1.00 13.16 ? 174 ILE A C   1 
ATOM   598 O O   . ILE A 1 84 ? -0.505  7.833   -6.138  1.00 15.14 ? 174 ILE A O   1 
ATOM   599 C CB  . ILE A 1 84 ? 1.192   5.948   -7.874  1.00 13.97 ? 174 ILE A CB  1 
ATOM   600 C CG1 . ILE A 1 84 ? 2.141   5.651   -9.052  1.00 14.77 ? 174 ILE A CG1 1 
ATOM   601 C CG2 . ILE A 1 84 ? 0.459   4.690   -7.396  1.00 15.73 ? 174 ILE A CG2 1 
ATOM   602 C CD1 . ILE A 1 84 ? 1.472   4.973   -10.241 1.00 18.23 ? 174 ILE A CD1 1 
ATOM   603 N N   . VAL A 1 85 ? -2.092  6.940   -7.471  1.00 13.92 ? 175 VAL A N   1 
ATOM   604 C CA  . VAL A 1 85 ? -3.209  7.200   -6.571  1.00 13.47 ? 175 VAL A CA  1 
ATOM   605 C C   . VAL A 1 85 ? -3.478  5.926   -5.784  1.00 14.13 ? 175 VAL A C   1 
ATOM   606 O O   . VAL A 1 85 ? -3.871  4.903   -6.350  1.00 13.32 ? 175 VAL A O   1 
ATOM   607 C CB  . VAL A 1 85 ? -4.460  7.647   -7.332  1.00 15.47 ? 175 VAL A CB  1 
ATOM   608 C CG1 . VAL A 1 85 ? -5.577  7.974   -6.352  1.00 17.90 ? 175 VAL A CG1 1 
ATOM   609 C CG2 . VAL A 1 85 ? -4.142  8.838   -8.229  1.00 18.73 ? 175 VAL A CG2 1 
ATOM   610 N N   . LEU A 1 86 ? -3.240  5.980   -4.482  1.00 12.35 ? 176 LEU A N   1 
ATOM   611 C CA  . LEU A 1 86 ? -3.534  4.881   -3.578  1.00 13.51 ? 176 LEU A CA  1 
ATOM   612 C C   . LEU A 1 86 ? -4.826  5.172   -2.828  1.00 12.71 ? 176 LEU A C   1 
ATOM   613 O O   . LEU A 1 86 ? -5.129  6.326   -2.502  1.00 13.19 ? 176 LEU A O   1 
ATOM   614 C CB  . LEU A 1 86 ? -2.416  4.764   -2.545  1.00 15.51 ? 176 LEU A CB  1 
ATOM   615 C CG  . LEU A 1 86 ? -0.983  4.673   -3.078  1.00 14.66 ? 176 LEU A CG  1 
ATOM   616 C CD1 . LEU A 1 86 ? -0.006  4.713   -1.912  1.00 20.22 ? 176 LEU A CD1 1 
ATOM   617 C CD2 . LEU A 1 86 ? -0.798  3.406   -3.906  1.00 16.72 ? 176 LEU A CD2 1 
ATOM   618 N N   . VAL A 1 87 ? -5.570  4.117   -2.518  1.00 12.43 ? 177 VAL A N   1 
ATOM   619 C CA  . VAL A 1 87 ? -6.607  4.187   -1.491  1.00 12.81 ? 177 VAL A CA  1 
ATOM   620 C C   . VAL A 1 87 ? -6.231  3.181   -0.419  1.00 12.82 ? 177 VAL A C   1 
ATOM   621 O O   . VAL A 1 87 ? -5.930  2.023   -0.730  1.00 12.80 ? 177 VAL A O   1 
ATOM   622 C CB  . VAL A 1 87 ? -8.025  3.954   -2.055  1.00 12.62 ? 177 VAL A CB  1 
ATOM   623 C CG1 . VAL A 1 87 ? -9.046  3.982   -0.931  1.00 14.94 ? 177 VAL A CG1 1 
ATOM   624 C CG2 . VAL A 1 87 ? -8.355  5.022   -3.107  1.00 14.59 ? 177 VAL A CG2 1 
ATOM   625 N N   . VAL A 1 88 ? -6.189  3.638   0.833   1.00 13.52 ? 178 VAL A N   1 
ATOM   626 C CA  . VAL A 1 88 ? -5.743  2.807   1.942   1.00 15.14 ? 178 VAL A CA  1 
ATOM   627 C C   . VAL A 1 88 ? -6.717  2.895   3.106   1.00 15.92 ? 178 VAL A C   1 
ATOM   628 O O   . VAL A 1 88 ? -7.532  3.819   3.211   1.00 14.43 ? 178 VAL A O   1 
ATOM   629 C CB  . VAL A 1 88 ? -4.335  3.200   2.436   1.00 14.09 ? 178 VAL A CB  1 
ATOM   630 C CG1 . VAL A 1 88 ? -3.342  3.219   1.298   1.00 15.26 ? 178 VAL A CG1 1 
ATOM   631 C CG2 . VAL A 1 88 ? -4.372  4.543   3.153   1.00 17.60 ? 178 VAL A CG2 1 
ATOM   632 N N   A GLU A 1 89 ? -6.628  1.887   3.980   0.51 15.67 ? 179 GLU A N   1 
ATOM   633 N N   B GLU A 1 89 ? -6.607  1.928   4.009   0.49 15.69 ? 179 GLU A N   1 
ATOM   634 C CA  A GLU A 1 89 ? -7.242  1.882   5.306   0.51 17.93 ? 179 GLU A CA  1 
ATOM   635 C CA  B GLU A 1 89 ? -7.309  1.962   5.289   0.49 18.00 ? 179 GLU A CA  1 
ATOM   636 C C   A GLU A 1 89 ? -6.134  2.038   6.333   0.51 17.48 ? 179 GLU A C   1 
ATOM   637 C C   B GLU A 1 89 ? -6.266  1.982   6.391   0.49 17.62 ? 179 GLU A C   1 
ATOM   638 O O   A GLU A 1 89 ? -5.227  1.202   6.400   0.51 17.83 ? 179 GLU A O   1 
ATOM   639 O O   B GLU A 1 89 ? -5.519  1.011   6.550   0.49 16.81 ? 179 GLU A O   1 
ATOM   640 C CB  A GLU A 1 89 ? -7.947  0.560   5.592   0.51 20.00 ? 179 GLU A CB  1 
ATOM   641 C CB  B GLU A 1 89 ? -8.219  0.746   5.453   0.49 19.28 ? 179 GLU A CB  1 
ATOM   642 C CG  A GLU A 1 89 ? -9.030  0.167   4.646   0.51 21.92 ? 179 GLU A CG  1 
ATOM   643 C CG  B GLU A 1 89 ? -9.605  0.903   4.863   0.49 22.61 ? 179 GLU A CG  1 
ATOM   644 C CD  A GLU A 1 89 ? -9.747  -1.094  5.098   0.51 24.28 ? 179 GLU A CD  1 
ATOM   645 C CD  B GLU A 1 89 ? -10.563 1.628   5.791   0.49 25.05 ? 179 GLU A CD  1 
ATOM   646 O OE1 A GLU A 1 89 ? -10.892 -1.304  4.655   0.51 31.76 ? 179 GLU A OE1 1 
ATOM   647 O OE1 B GLU A 1 89 ? -10.127 2.089   6.869   0.49 28.99 ? 179 GLU A OE1 1 
ATOM   648 O OE2 A GLU A 1 89 ? -9.173  -1.869  5.904   0.51 25.24 ? 179 GLU A OE2 1 
ATOM   649 O OE2 B GLU A 1 89 ? -11.757 1.726   5.442   0.49 27.98 ? 179 GLU A OE2 1 
ATOM   650 N N   . HIS A 1 90 ? -6.211  3.087   7.137   1.00 19.47 ? 180 HIS A N   1 
ATOM   651 C CA  . HIS A 1 90 ? -5.220  3.258   8.185   1.00 23.91 ? 180 HIS A CA  1 
ATOM   652 C C   . HIS A 1 90 ? -5.506  2.328   9.348   1.00 27.67 ? 180 HIS A C   1 
ATOM   653 O O   . HIS A 1 90 ? -6.634  1.871   9.551   1.00 24.95 ? 180 HIS A O   1 
ATOM   654 C CB  . HIS A 1 90 ? -5.248  4.679   8.736   1.00 24.67 ? 180 HIS A CB  1 
ATOM   655 C CG  . HIS A 1 90 ? -4.558  5.667   7.862   1.00 23.87 ? 180 HIS A CG  1 
ATOM   656 N ND1 . HIS A 1 90 ? -3.330  5.418   7.288   1.00 23.21 ? 180 HIS A ND1 1 
ATOM   657 C CD2 . HIS A 1 90 ? -4.941  6.887   7.420   1.00 27.82 ? 180 HIS A CD2 1 
ATOM   658 C CE1 . HIS A 1 90 ? -2.978  6.452   6.547   1.00 23.94 ? 180 HIS A CE1 1 
ATOM   659 N NE2 . HIS A 1 90 ? -3.939  7.358   6.610   1.00 26.27 ? 180 HIS A NE2 1 
ATOM   660 N N   . ASN A 1 91 ? -4.451  2.067   10.122  1.00 33.48 ? 181 ASN A N   1 
ATOM   661 C CA  . ASN A 1 91 ? -4.521  1.254   11.328  1.00 42.20 ? 181 ASN A CA  1 
ATOM   662 C C   . ASN A 1 91 ? -5.059  -0.136  11.041  1.00 44.65 ? 181 ASN A C   1 
ATOM   663 O O   . ASN A 1 91 ? -5.510  -0.832  11.958  1.00 46.05 ? 181 ASN A O   1 
ATOM   664 C CB  . ASN A 1 91 ? -5.343  1.946   12.420  1.00 43.76 ? 181 ASN A CB  1 
ATOM   665 C CG  . ASN A 1 91 ? -4.701  1.849   13.781  1.00 61.13 ? 181 ASN A CG  1 
ATOM   666 O OD1 . ASN A 1 91 ? -3.521  1.520   13.905  1.00 68.00 ? 181 ASN A OD1 1 
ATOM   667 N ND2 . ASN A 1 91 ? -5.477  2.139   14.819  1.00 70.62 ? 181 ASN A ND2 1 
ATOM   668 N N   . ALA A 1 92 ? -5.019  -0.537  9.768   1.00 35.97 ? 182 ALA A N   1 
ATOM   669 C CA  . ALA A 1 92 ? -5.673  -1.769  9.351   1.00 34.42 ? 182 ALA A CA  1 
ATOM   670 C C   . ALA A 1 92 ? -5.037  -2.979  10.012  1.00 43.75 ? 182 ALA A C   1 
ATOM   671 O O   . ALA A 1 92 ? -5.742  -3.897  10.443  1.00 38.45 ? 182 ALA A O   1 
ATOM   672 C CB  . ALA A 1 92 ? -5.600  -1.897  7.833   1.00 26.60 ? 182 ALA A CB  1 
ATOM   673 N N   . PHE A 1 93 ? -3.704  -3.003  10.091  1.00 39.57 ? 183 PHE A N   1 
ATOM   674 C CA  . PHE A 1 93 ? -3.024  -4.096  10.776  1.00 43.50 ? 183 PHE A CA  1 
ATOM   675 C C   . PHE A 1 93 ? -3.430  -4.147  12.244  1.00 51.11 ? 183 PHE A C   1 
ATOM   676 O O   . PHE A 1 93 ? -3.811  -5.204  12.758  1.00 49.83 ? 183 PHE A O   1 
ATOM   677 C CB  . PHE A 1 93 ? -1.506  -3.948  10.629  1.00 42.20 ? 183 PHE A CB  1 
ATOM   678 C CG  . PHE A 1 93 ? -0.719  -5.022  11.337  1.00 51.27 ? 183 PHE A CG  1 
ATOM   679 C CD1 . PHE A 1 93 ? -0.389  -6.201  10.688  1.00 47.33 ? 183 PHE A CD1 1 
ATOM   680 C CD2 . PHE A 1 93 ? -0.306  -4.850  12.653  1.00 52.40 ? 183 PHE A CD2 1 
ATOM   681 C CE1 . PHE A 1 93 ? 0.330   -7.193  11.337  1.00 46.02 ? 183 PHE A CE1 1 
ATOM   682 C CE2 . PHE A 1 93 ? 0.414   -5.837  13.307  1.00 49.20 ? 183 PHE A CE2 1 
ATOM   683 C CZ  . PHE A 1 93 ? 0.732   -7.010  12.648  1.00 45.69 ? 183 PHE A CZ  1 
ATOM   684 N N   . HIS A 1 94 ? -3.364  -3.001  12.932  1.00 53.67 ? 184 HIS A N   1 
ATOM   685 C CA  . HIS A 1 94 ? -3.787  -2.946  14.329  1.00 54.97 ? 184 HIS A CA  1 
ATOM   686 C C   . HIS A 1 94 ? -5.268  -3.278  14.478  1.00 54.60 ? 184 HIS A C   1 
ATOM   687 O O   . HIS A 1 94 ? -5.657  -3.996  15.407  1.00 51.63 ? 184 HIS A O   1 
ATOM   688 C CB  . HIS A 1 94 ? -3.473  -1.573  14.927  1.00 60.01 ? 184 HIS A CB  1 
ATOM   689 C CG  . HIS A 1 94 ? -2.013  -1.331  15.154  1.00 70.64 ? 184 HIS A CG  1 
ATOM   690 N ND1 . HIS A 1 94 ? -1.465  -0.067  15.189  1.00 75.48 ? 184 HIS A ND1 1 
ATOM   691 C CD2 . HIS A 1 94 ? -0.989  -2.192  15.365  1.00 69.30 ? 184 HIS A CD2 1 
ATOM   692 C CE1 . HIS A 1 94 ? -0.165  -0.159  15.408  1.00 71.76 ? 184 HIS A CE1 1 
ATOM   693 N NE2 . HIS A 1 94 ? 0.150   -1.437  15.517  1.00 70.08 ? 184 HIS A NE2 1 
ATOM   694 N N   . LYS A 1 95 ? -6.113  -2.762  13.574  1.00 51.28 ? 185 LYS A N   1 
ATOM   695 C CA  . LYS A 1 95 ? -7.524  -3.147  13.573  1.00 50.08 ? 185 LYS A CA  1 
ATOM   696 C C   . LYS A 1 95 ? -7.700  -4.649  13.388  1.00 50.52 ? 185 LYS A C   1 
ATOM   697 O O   . LYS A 1 95 ? -8.567  -5.263  14.022  1.00 48.44 ? 185 LYS A O   1 
ATOM   698 C CB  . LYS A 1 95 ? -8.308  -2.382  12.504  1.00 47.18 ? 185 LYS A CB  1 
ATOM   699 C CG  . LYS A 1 95 ? -8.613  -0.932  12.843  1.00 48.09 ? 185 LYS A CG  1 
ATOM   700 C CD  . LYS A 1 95 ? -9.213  -0.207  11.651  1.00 45.40 ? 185 LYS A CD  1 
ATOM   701 C CE  . LYS A 1 95 ? -8.758  1.242   11.599  1.00 48.93 ? 185 LYS A CE  1 
ATOM   702 N NZ  . LYS A 1 95 ? -8.944  1.804   10.231  1.00 43.85 ? 185 LYS A NZ  1 
ATOM   703 N N   . ALA A 1 96 ? -6.896  -5.258  12.515  1.00 46.63 ? 186 ALA A N   1 
ATOM   704 C CA  . ALA A 1 96 ? -7.019  -6.686  12.251  1.00 51.13 ? 186 ALA A CA  1 
ATOM   705 C C   . ALA A 1 96 ? -6.430  -7.546  13.361  1.00 55.97 ? 186 ALA A C   1 
ATOM   706 O O   . ALA A 1 96 ? -6.786  -8.725  13.471  1.00 56.74 ? 186 ALA A O   1 
ATOM   707 C CB  . ALA A 1 96 ? -6.356  -7.041  10.917  1.00 40.20 ? 186 ALA A CB  1 
ATOM   708 N N   . THR A 1 97 ? -5.546  -6.988  14.183  1.00 52.95 ? 187 THR A N   1 
ATOM   709 C CA  . THR A 1 97 ? -4.896  -7.750  15.240  1.00 50.51 ? 187 THR A CA  1 
ATOM   710 C C   . THR A 1 97 ? -5.157  -7.108  16.603  1.00 52.98 ? 187 THR A C   1 
ATOM   711 O O   . THR A 1 97 ? -4.401  -7.305  17.559  1.00 48.99 ? 187 THR A O   1 
ATOM   712 C CB  . THR A 1 97 ? -3.379  -7.847  15.007  1.00 51.47 ? 187 THR A CB  1 
ATOM   713 O OG1 . THR A 1 97 ? -2.828  -6.528  14.906  1.00 51.38 ? 187 THR A OG1 1 
ATOM   714 C CG2 . THR A 1 97 ? -3.079  -8.621  13.724  1.00 44.43 ? 187 THR A CG2 1 
HETATM 715 C C1  . GOL B 2 .  ? -4.564  15.522  -6.192  1.00 37.46 ? 201 GOL A C1  1 
HETATM 716 O O1  . GOL B 2 .  ? -5.079  15.249  -7.474  1.00 66.78 ? 201 GOL A O1  1 
HETATM 717 C C2  . GOL B 2 .  ? -3.131  15.010  -6.097  1.00 40.49 ? 201 GOL A C2  1 
HETATM 718 O O2  . GOL B 2 .  ? -2.585  14.826  -7.383  1.00 35.25 ? 201 GOL A O2  1 
HETATM 719 C C3  . GOL B 2 .  ? -2.283  15.997  -5.305  1.00 32.58 ? 201 GOL A C3  1 
HETATM 720 O O3  . GOL B 2 .  ? -0.914  15.725  -5.495  1.00 57.21 ? 201 GOL A O3  1 
HETATM 721 O O   . HOH C 3 .  ? -1.730  15.663  -9.449  1.00 41.17 ? 301 HOH A O   1 
HETATM 722 O O   . HOH C 3 .  ? -2.433  -3.175  -13.830 1.00 39.66 ? 302 HOH A O   1 
HETATM 723 O O   . HOH C 3 .  ? 12.775  14.224  2.381   1.00 38.58 ? 303 HOH A O   1 
HETATM 724 O O   . HOH C 3 .  ? -4.222  9.703   5.672   1.00 24.30 ? 304 HOH A O   1 
HETATM 725 O O   . HOH C 3 .  ? -2.944  -16.815 1.071   1.00 31.91 ? 305 HOH A O   1 
HETATM 726 O O   . HOH C 3 .  ? -13.936 -12.445 1.459   1.00 36.30 ? 306 HOH A O   1 
HETATM 727 O O   . HOH C 3 .  ? 3.596   13.732  -10.998 1.00 25.96 ? 307 HOH A O   1 
HETATM 728 O O   . HOH C 3 .  ? -14.312 1.547   5.734   1.00 30.45 ? 308 HOH A O   1 
HETATM 729 O O   . HOH C 3 .  ? -2.154  9.500   -12.127 1.00 32.42 ? 309 HOH A O   1 
HETATM 730 O O   . HOH C 3 .  ? 1.699   -13.498 -2.972  1.00 21.48 ? 310 HOH A O   1 
HETATM 731 O O   . HOH C 3 .  ? -1.569  -10.422 4.010   1.00 18.68 ? 311 HOH A O   1 
HETATM 732 O O   . HOH C 3 .  ? 8.565   17.888  -0.005  1.00 31.14 ? 312 HOH A O   1 
HETATM 733 O O   . HOH C 3 .  ? -7.716  -9.672  9.348   1.00 32.84 ? 313 HOH A O   1 
HETATM 734 O O   . HOH C 3 .  ? 3.039   -15.812 4.625   1.00 29.38 ? 314 HOH A O   1 
HETATM 735 O O   . HOH C 3 .  ? -1.657  2.080   9.713   1.00 27.14 ? 315 HOH A O   1 
HETATM 736 O O   . HOH C 3 .  ? -2.545  6.581   -14.566 1.00 30.15 ? 316 HOH A O   1 
HETATM 737 O O   . HOH C 3 .  ? -8.108  5.242   7.074   1.00 24.04 ? 317 HOH A O   1 
HETATM 738 O O   . HOH C 3 .  ? -4.303  -16.362 4.058   1.00 38.49 ? 318 HOH A O   1 
HETATM 739 O O   . HOH C 3 .  ? -7.892  -4.261  8.918   1.00 30.01 ? 319 HOH A O   1 
HETATM 740 O O   . HOH C 3 .  ? 4.230   8.835   5.560   1.00 21.82 ? 320 HOH A O   1 
HETATM 741 O O   . HOH C 3 .  ? -4.337  12.420  -7.977  1.00 23.53 ? 321 HOH A O   1 
HETATM 742 O O   . HOH C 3 .  ? -10.562 -9.044  0.658   1.00 22.56 ? 322 HOH A O   1 
HETATM 743 O O   . HOH C 3 .  ? -6.798  9.393   9.261   1.00 29.04 ? 323 HOH A O   1 
HETATM 744 O O   . HOH C 3 .  ? 1.118   3.911   -17.208 1.00 31.15 ? 324 HOH A O   1 
HETATM 745 O O   . HOH C 3 .  ? 6.879   13.792  6.966   1.00 33.25 ? 325 HOH A O   1 
HETATM 746 O O   . HOH C 3 .  ? 5.688   9.389   -15.054 1.00 36.99 ? 326 HOH A O   1 
HETATM 747 O O   . HOH C 3 .  ? 6.321   17.382  4.325   1.00 24.84 ? 327 HOH A O   1 
HETATM 748 O O   . HOH C 3 .  ? -8.435  -10.732 -7.409  1.00 31.36 ? 328 HOH A O   1 
HETATM 749 O O   . HOH C 3 .  ? 9.471   9.683   -6.292  1.00 41.67 ? 329 HOH A O   1 
HETATM 750 O O   . HOH C 3 .  ? 7.697   -6.165  3.207   1.00 33.10 ? 330 HOH A O   1 
HETATM 751 O O   . HOH C 3 .  ? -10.153 3.232   -5.426  1.00 16.91 ? 331 HOH A O   1 
HETATM 752 O O   . HOH C 3 .  ? -1.657  9.344   8.415   1.00 24.96 ? 332 HOH A O   1 
HETATM 753 O O   . HOH C 3 .  ? -6.463  3.941   -6.356  1.00 14.79 ? 333 HOH A O   1 
HETATM 754 O O   . HOH C 3 .  ? 2.008   2.438   12.100  1.00 38.43 ? 334 HOH A O   1 
HETATM 755 O O   . HOH C 3 .  ? -2.040  -0.786  12.032  1.00 42.83 ? 335 HOH A O   1 
HETATM 756 O O   . HOH C 3 .  ? -9.446  -7.784  -6.707  1.00 16.75 ? 336 HOH A O   1 
HETATM 757 O O   . HOH C 3 .  ? 1.576   13.892  -2.416  1.00 19.87 ? 337 HOH A O   1 
HETATM 758 O O   . HOH C 3 .  ? -6.072  -15.084 -7.605  1.00 36.46 ? 338 HOH A O   1 
HETATM 759 O O   . HOH C 3 .  ? -5.176  -5.429  0.152   1.00 14.51 ? 339 HOH A O   1 
HETATM 760 O O   . HOH C 3 .  ? -7.916  -14.002 -6.017  1.00 31.06 ? 340 HOH A O   1 
HETATM 761 O O   . HOH C 3 .  ? 10.786  6.519   7.830   1.00 35.43 ? 341 HOH A O   1 
HETATM 762 O O   . HOH C 3 .  ? -0.120  13.407  -14.250 1.00 42.24 ? 342 HOH A O   1 
HETATM 763 O O   . HOH C 3 .  ? 2.217   9.338   2.325   1.00 17.22 ? 343 HOH A O   1 
HETATM 764 O O   . HOH C 3 .  ? 3.717   7.346   8.762   1.00 31.80 ? 344 HOH A O   1 
HETATM 765 O O   . HOH C 3 .  ? -7.803  -6.579  -8.710  1.00 27.05 ? 345 HOH A O   1 
HETATM 766 O O   . HOH C 3 .  ? 10.396  8.533   -3.017  1.00 27.74 ? 346 HOH A O   1 
HETATM 767 O O   . HOH C 3 .  ? 0.849   -13.490 -9.551  1.00 30.88 ? 347 HOH A O   1 
HETATM 768 O O   . HOH C 3 .  ? -3.223  -0.443  -11.035 1.00 18.93 ? 348 HOH A O   1 
HETATM 769 O O   . HOH C 3 .  ? 4.779   -11.089 5.972   1.00 33.72 ? 349 HOH A O   1 
HETATM 770 O O   . HOH C 3 .  ? -7.663  -13.428 3.177   1.00 36.31 ? 350 HOH A O   1 
HETATM 771 O O   . HOH C 3 .  ? 2.010   -10.671 11.282  1.00 31.78 ? 351 HOH A O   1 
HETATM 772 O O   . HOH C 3 .  ? -0.864  0.548   -11.731 1.00 20.86 ? 352 HOH A O   1 
HETATM 773 O O   . HOH C 3 .  ? 16.266  6.622   2.122   1.00 40.14 ? 353 HOH A O   1 
HETATM 774 O O   . HOH C 3 .  ? 3.958   -11.586 9.231   1.00 38.03 ? 354 HOH A O   1 
HETATM 775 O O   . HOH C 3 .  ? -10.515 7.700   7.754   1.00 33.15 ? 355 HOH A O   1 
HETATM 776 O O   . HOH C 3 .  ? 4.086   -11.437 3.506   1.00 29.34 ? 356 HOH A O   1 
HETATM 777 O O   . HOH C 3 .  ? 4.836   15.167  6.428   1.00 33.76 ? 357 HOH A O   1 
HETATM 778 O O   . HOH C 3 .  ? 7.344   2.405   -7.645  1.00 21.11 ? 358 HOH A O   1 
HETATM 779 O O   . HOH C 3 .  ? 11.868  12.458  -1.989  1.00 40.82 ? 359 HOH A O   1 
HETATM 780 O O   . HOH C 3 .  ? 8.148   7.321   -14.626 1.00 34.17 ? 360 HOH A O   1 
HETATM 781 O O   . HOH C 3 .  ? -4.694  -9.144  -1.562  1.00 17.35 ? 361 HOH A O   1 
HETATM 782 O O   . HOH C 3 .  ? -2.043  4.436   -14.858 1.00 27.83 ? 362 HOH A O   1 
HETATM 783 O O   . HOH C 3 .  ? 0.231   10.557  9.594   1.00 35.24 ? 363 HOH A O   1 
HETATM 784 O O   . HOH C 3 .  ? -8.718  1.735   -12.797 1.00 40.67 ? 364 HOH A O   1 
HETATM 785 O O   . HOH C 3 .  ? 5.803   13.466  -1.718  1.00 27.72 ? 365 HOH A O   1 
HETATM 786 O O   . HOH C 3 .  ? 3.933   13.327  -3.694  1.00 22.98 ? 366 HOH A O   1 
HETATM 787 O O   . HOH C 3 .  ? 6.162   1.810   -3.065  1.00 30.36 ? 367 HOH A O   1 
HETATM 788 O O   . HOH C 3 .  ? -10.187 -15.315 7.468   1.00 46.76 ? 368 HOH A O   1 
HETATM 789 O O   . HOH C 3 .  ? 4.657   -2.876  -13.754 1.00 36.14 ? 369 HOH A O   1 
HETATM 790 O O   . HOH C 3 .  ? -7.286  -6.498  1.687   1.00 15.52 ? 370 HOH A O   1 
HETATM 791 O O   . HOH C 3 .  ? 7.208   15.259  -8.879  1.00 41.28 ? 371 HOH A O   1 
HETATM 792 O O   . HOH C 3 .  ? -13.804 -12.256 -3.504  1.00 27.47 ? 372 HOH A O   1 
HETATM 793 O O   . HOH C 3 .  ? -6.523  -5.057  -14.627 1.00 45.01 ? 373 HOH A O   1 
HETATM 794 O O   . HOH C 3 .  ? 17.754  13.989  -0.673  1.00 56.24 ? 374 HOH A O   1 
HETATM 795 O O   . HOH C 3 .  ? -3.300  -11.486 -8.270  1.00 20.98 ? 375 HOH A O   1 
HETATM 796 O O   . HOH C 3 .  ? 8.734   2.786   8.507   1.00 24.87 ? 376 HOH A O   1 
HETATM 797 O O   . HOH C 3 .  ? 4.363   4.701   9.697   1.00 24.90 ? 377 HOH A O   1 
HETATM 798 O O   . HOH C 3 .  ? 15.798  15.901  1.109   1.00 37.53 ? 378 HOH A O   1 
HETATM 799 O O   . HOH C 3 .  ? -3.181  -17.725 6.499   1.00 30.37 ? 379 HOH A O   1 
HETATM 800 O O   . HOH C 3 .  ? 3.271   -13.236 -5.453  1.00 24.25 ? 380 HOH A O   1 
HETATM 801 O O   . HOH C 3 .  ? -14.858 5.712   8.502   1.00 55.57 ? 381 HOH A O   1 
HETATM 802 O O   . HOH C 3 .  ? -6.625  -1.842  -13.945 1.00 44.35 ? 382 HOH A O   1 
HETATM 803 O O   . HOH C 3 .  ? 5.166   -10.249 1.703   1.00 29.98 ? 383 HOH A O   1 
HETATM 804 O O   . HOH C 3 .  ? 9.720   1.468   -8.684  1.00 27.87 ? 384 HOH A O   1 
HETATM 805 O O   . HOH C 3 .  ? 1.321   9.789   -15.757 1.00 29.86 ? 385 HOH A O   1 
HETATM 806 O O   . HOH C 3 .  ? 6.549   -10.147 -5.596  1.00 37.36 ? 386 HOH A O   1 
HETATM 807 O O   . HOH C 3 .  ? -7.792  -9.027  0.536   1.00 20.03 ? 387 HOH A O   1 
HETATM 808 O O   . HOH C 3 .  ? -5.516  7.159   -11.013 1.00 33.41 ? 388 HOH A O   1 
HETATM 809 O O   . HOH C 3 .  ? 10.092  12.690  -3.557  1.00 41.83 ? 389 HOH A O   1 
HETATM 810 O O   . HOH C 3 .  ? -1.160  -17.323 -4.867  1.00 31.96 ? 390 HOH A O   1 
HETATM 811 O O   . HOH C 3 .  ? 3.416   11.988  9.317   1.00 39.59 ? 391 HOH A O   1 
HETATM 812 O O   . HOH C 3 .  ? 10.985  3.847   -9.485  1.00 29.80 ? 392 HOH A O   1 
HETATM 813 O O   . HOH C 3 .  ? 0.900   -11.581 -11.599 1.00 43.75 ? 393 HOH A O   1 
HETATM 814 O O   . HOH C 3 .  ? 2.567   -15.114 -7.714  1.00 41.39 ? 394 HOH A O   1 
HETATM 815 O O   . HOH C 3 .  ? 0.727   -1.167  12.281  1.00 44.55 ? 395 HOH A O   1 
HETATM 816 O O   . HOH C 3 .  ? -6.385  5.482   -13.150 1.00 41.18 ? 396 HOH A O   1 
HETATM 817 O O   . HOH C 3 .  ? 7.750   -8.617  1.245   1.00 41.79 ? 397 HOH A O   1 
HETATM 818 O O   . HOH C 3 .  ? -2.784  7.466   10.087  1.00 38.62 ? 398 HOH A O   1 
HETATM 819 O O   . HOH C 3 .  ? 7.633   7.359   8.732   1.00 35.75 ? 399 HOH A O   1 
HETATM 820 O O   . HOH C 3 .  ? 2.075   8.492   9.905   1.00 42.80 ? 400 HOH A O   1 
HETATM 821 O O   . HOH C 3 .  ? -7.069  12.236  -7.994  1.00 35.34 ? 401 HOH A O   1 
HETATM 822 O O   . HOH C 3 .  ? 5.938   11.967  8.609   1.00 37.88 ? 402 HOH A O   1 
HETATM 823 O O   . HOH C 3 .  ? -4.478  0.889   -13.775 1.00 39.76 ? 403 HOH A O   1 
HETATM 824 O O   . HOH C 3 .  ? -8.765  5.481   -6.647  1.00 23.28 ? 404 HOH A O   1 
HETATM 825 O O   . HOH C 3 .  ? -0.451  -1.360  -13.894 1.00 34.23 ? 405 HOH A O   1 
HETATM 826 O O   . HOH C 3 .  ? 2.352   -3.617  10.547  1.00 42.75 ? 406 HOH A O   1 
HETATM 827 O O   . HOH C 3 .  ? -1.950  4.910   11.136  1.00 39.33 ? 407 HOH A O   1 
HETATM 828 O O   . HOH C 3 .  ? -5.023  7.021   -14.518 1.00 43.83 ? 408 HOH A O   1 
HETATM 829 O O   . HOH C 3 .  ? 13.571  3.570   -8.667  1.00 40.87 ? 409 HOH A O   1 
HETATM 830 O O   . HOH C 3 .  ? -9.592  5.368   -11.491 1.00 41.99 ? 410 HOH A O   1 
HETATM 831 O O   . HOH C 3 .  ? -1.430  9.550   -15.107 1.00 36.08 ? 411 HOH A O   1 
HETATM 832 O O   . HOH C 3 .  ? 6.081   -12.859 -5.251  1.00 39.79 ? 412 HOH A O   1 
HETATM 833 O O   . HOH C 3 .  ? 5.652   9.265   7.778   1.00 30.73 ? 413 HOH A O   1 
HETATM 834 O O   . HOH C 3 .  ? 10.306  -5.708  2.848   1.00 43.32 ? 414 HOH A O   1 
HETATM 835 O O   . HOH C 3 .  ? 11.413  0.754   -6.839  1.00 40.52 ? 415 HOH A O   1 
HETATM 836 O O   . HOH C 3 .  ? 3.370   4.352   12.081  1.00 38.56 ? 416 HOH A O   1 
HETATM 837 O O   . HOH C 3 .  ? -4.625  2.861   -15.087 1.00 41.39 ? 417 HOH A O   1 
HETATM 838 O O   . HOH C 3 .  ? 5.200   -15.750 2.863   1.00 42.03 ? 418 HOH A O   1 
HETATM 839 O O   . HOH C 3 .  ? 7.648   10.419  -13.436 1.00 38.41 ? 419 HOH A O   1 
HETATM 840 O O   . HOH C 3 .  ? 7.149   4.748   9.652   1.00 32.96 ? 420 HOH A O   1 
HETATM 841 O O   . HOH C 3 .  ? -4.498  11.853  -10.591 1.00 35.57 ? 421 HOH A O   1 
HETATM 842 O O   . HOH C 3 .  ? 5.678   -13.236 8.193   1.00 44.09 ? 422 HOH A O   1 
HETATM 843 O O   . HOH C 3 .  ? 8.633   4.133   12.097  1.00 54.12 ? 423 HOH A O   1 
# 
loop_
_pdbx_poly_seq_scheme.asym_id 
_pdbx_poly_seq_scheme.entity_id 
_pdbx_poly_seq_scheme.seq_id 
_pdbx_poly_seq_scheme.mon_id 
_pdbx_poly_seq_scheme.ndb_seq_num 
_pdbx_poly_seq_scheme.pdb_seq_num 
_pdbx_poly_seq_scheme.auth_seq_num 
_pdbx_poly_seq_scheme.pdb_mon_id 
_pdbx_poly_seq_scheme.auth_mon_id 
_pdbx_poly_seq_scheme.pdb_strand_id 
_pdbx_poly_seq_scheme.pdb_ins_code 
_pdbx_poly_seq_scheme.hetero 
A 1 1   GLY 1   91  91  GLY GLY A . n 
A 1 2   PRO 2   92  92  PRO PRO A . n 
A 1 3   GLU 3   93  93  GLU GLU A . n 
A 1 4   THR 4   94  94  THR THR A . n 
A 1 5   ILE 5   95  95  ILE ILE A . n 
A 1 6   SER 6   96  96  SER SER A . n 
A 1 7   LEU 7   97  97  LEU LEU A . n 
A 1 8   HIS 8   98  98  HIS HIS A . n 
A 1 9   ARG 9   99  99  ARG ARG A . n 
A 1 10  GLN 10  100 100 GLN GLN A . n 
A 1 11  HIS 11  101 ?   ?   ?   A . n 
A 1 12  GLY 12  102 ?   ?   ?   A . n 
A 1 13  ARG 13  103 ?   ?   ?   A . n 
A 1 14  GLY 14  104 104 GLY GLY A . n 
A 1 15  LEU 15  105 105 LEU LEU A . n 
A 1 16  GLY 16  106 106 GLY GLY A . n 
A 1 17  PHE 17  107 107 PHE PHE A . n 
A 1 18  THR 18  108 108 THR THR A . n 
A 1 19  ILE 19  109 109 ILE ILE A . n 
A 1 20  ALA 20  110 110 ALA ALA A . n 
A 1 21  GLY 21  111 111 GLY GLY A . n 
A 1 22  GLY 22  112 112 GLY GLY A . n 
A 1 23  GLN 23  113 113 GLN GLN A . n 
A 1 24  GLY 24  114 114 GLY GLY A . n 
A 1 25  SER 25  115 115 SER SER A . n 
A 1 26  PRO 26  116 116 PRO PRO A . n 
A 1 27  HIS 27  117 117 HIS HIS A . n 
A 1 28  ILE 28  118 118 ILE ILE A . n 
A 1 29  ALA 29  119 119 ALA ALA A . n 
A 1 30  GLY 30  120 120 GLY GLY A . n 
A 1 31  ASP 31  121 121 ASP ASP A . n 
A 1 32  ASP 32  122 122 ASP ASP A . n 
A 1 33  GLY 33  123 123 GLY GLY A . n 
A 1 34  ILE 34  124 124 ILE ILE A . n 
A 1 35  PHE 35  125 125 PHE PHE A . n 
A 1 36  ILE 36  126 126 ILE ILE A . n 
A 1 37  SER 37  127 127 SER SER A . n 
A 1 38  LYS 38  128 128 LYS LYS A . n 
A 1 39  ILE 39  129 129 ILE ILE A . n 
A 1 40  ILE 40  130 130 ILE ILE A . n 
A 1 41  PRO 41  131 131 PRO PRO A . n 
A 1 42  ASP 42  132 132 ASP ASP A . n 
A 1 43  SER 43  133 133 SER SER A . n 
A 1 44  ALA 44  134 134 ALA ALA A . n 
A 1 45  ALA 45  135 135 ALA ALA A . n 
A 1 46  LYS 46  136 136 LYS LYS A . n 
A 1 47  GLU 47  137 137 GLU GLU A . n 
A 1 48  ASP 48  138 138 ASP ASP A . n 
A 1 49  GLY 49  139 139 GLY GLY A . n 
A 1 50  ARG 50  140 140 ARG ARG A . n 
A 1 51  LEU 51  141 141 LEU LEU A . n 
A 1 52  ALA 52  142 142 ALA ALA A . n 
A 1 53  VAL 53  143 143 VAL VAL A . n 
A 1 54  GLY 54  144 144 GLY GLY A . n 
A 1 55  ASP 55  145 145 ASP ASP A . n 
A 1 56  ARG 56  146 146 ARG ARG A . n 
A 1 57  VAL 57  147 147 VAL VAL A . n 
A 1 58  LEU 58  148 148 LEU LEU A . n 
A 1 59  SER 59  149 149 SER SER A . n 
A 1 60  VAL 60  150 150 VAL VAL A . n 
A 1 61  GLN 61  151 151 GLN GLN A . n 
A 1 62  GLY 62  152 152 GLY GLY A . n 
A 1 63  GLU 63  153 153 GLU GLU A . n 
A 1 64  SER 64  154 154 SER SER A . n 
A 1 65  CYS 65  155 155 CYS CYS A . n 
A 1 66  GLU 66  156 156 GLU GLU A . n 
A 1 67  LYS 67  157 157 LYS LYS A . n 
A 1 68  ILE 68  158 158 ILE ILE A . n 
A 1 69  THR 69  159 159 THR THR A . n 
A 1 70  HIS 70  160 160 HIS HIS A . n 
A 1 71  GLU 71  161 161 GLU GLU A . n 
A 1 72  ARG 72  162 162 ARG ARG A . n 
A 1 73  ALA 73  163 163 ALA ALA A . n 
A 1 74  VAL 74  164 164 VAL VAL A . n 
A 1 75  GLU 75  165 165 GLU GLU A . n 
A 1 76  MET 76  166 166 MET MET A . n 
A 1 77  LEU 77  167 167 LEU LEU A . n 
A 1 78  ARG 78  168 168 ARG ARG A . n 
A 1 79  ASN 79  169 169 ASN ASN A . n 
A 1 80  PRO 80  170 170 PRO PRO A . n 
A 1 81  ALA 81  171 171 ALA ALA A . n 
A 1 82  SER 82  172 172 SER SER A . n 
A 1 83  PRO 83  173 173 PRO PRO A . n 
A 1 84  ILE 84  174 174 ILE ILE A . n 
A 1 85  VAL 85  175 175 VAL VAL A . n 
A 1 86  LEU 86  176 176 LEU LEU A . n 
A 1 87  VAL 87  177 177 VAL VAL A . n 
A 1 88  VAL 88  178 178 VAL VAL A . n 
A 1 89  GLU 89  179 179 GLU GLU A . n 
A 1 90  HIS 90  180 180 HIS HIS A . n 
A 1 91  ASN 91  181 181 ASN ASN A . n 
A 1 92  ALA 92  182 182 ALA ALA A . n 
A 1 93  PHE 93  183 183 PHE PHE A . n 
A 1 94  HIS 94  184 184 HIS HIS A . n 
A 1 95  LYS 95  185 185 LYS LYS A . n 
A 1 96  ALA 96  186 186 ALA ALA A . n 
A 1 97  THR 97  187 187 THR THR A . n 
A 1 98  ALA 98  188 ?   ?   ?   A . n 
A 1 99  GLU 99  189 ?   ?   ?   A . n 
A 1 100 LEU 100 190 ?   ?   ?   A . n 
A 1 101 SER 101 191 ?   ?   ?   A . n 
A 1 102 ARG 102 192 ?   ?   ?   A . n 
# 
loop_
_pdbx_nonpoly_scheme.asym_id 
_pdbx_nonpoly_scheme.entity_id 
_pdbx_nonpoly_scheme.mon_id 
_pdbx_nonpoly_scheme.ndb_seq_num 
_pdbx_nonpoly_scheme.pdb_seq_num 
_pdbx_nonpoly_scheme.auth_seq_num 
_pdbx_nonpoly_scheme.pdb_mon_id 
_pdbx_nonpoly_scheme.auth_mon_id 
_pdbx_nonpoly_scheme.pdb_strand_id 
_pdbx_nonpoly_scheme.pdb_ins_code 
B 2 GOL 1   201 197 GOL GOL A . 
C 3 HOH 1   301 147 HOH HOH A . 
C 3 HOH 2   302 38  HOH HOH A . 
C 3 HOH 3   303 41  HOH HOH A . 
C 3 HOH 4   304 21  HOH HOH A . 
C 3 HOH 5   305 42  HOH HOH A . 
C 3 HOH 6   306 77  HOH HOH A . 
C 3 HOH 7   307 17  HOH HOH A . 
C 3 HOH 8   308 129 HOH HOH A . 
C 3 HOH 9   309 46  HOH HOH A . 
C 3 HOH 10  310 101 HOH HOH A . 
C 3 HOH 11  311 7   HOH HOH A . 
C 3 HOH 12  312 53  HOH HOH A . 
C 3 HOH 13  313 54  HOH HOH A . 
C 3 HOH 14  314 26  HOH HOH A . 
C 3 HOH 15  315 28  HOH HOH A . 
C 3 HOH 16  316 45  HOH HOH A . 
C 3 HOH 17  317 18  HOH HOH A . 
C 3 HOH 18  318 50  HOH HOH A . 
C 3 HOH 19  319 87  HOH HOH A . 
C 3 HOH 20  320 11  HOH HOH A . 
C 3 HOH 21  321 16  HOH HOH A . 
C 3 HOH 22  322 20  HOH HOH A . 
C 3 HOH 23  323 44  HOH HOH A . 
C 3 HOH 24  324 37  HOH HOH A . 
C 3 HOH 25  325 43  HOH HOH A . 
C 3 HOH 26  326 67  HOH HOH A . 
C 3 HOH 27  327 23  HOH HOH A . 
C 3 HOH 28  328 108 HOH HOH A . 
C 3 HOH 29  329 55  HOH HOH A . 
C 3 HOH 30  330 110 HOH HOH A . 
C 3 HOH 31  331 12  HOH HOH A . 
C 3 HOH 32  332 35  HOH HOH A . 
C 3 HOH 33  333 1   HOH HOH A . 
C 3 HOH 34  334 89  HOH HOH A . 
C 3 HOH 35  335 84  HOH HOH A . 
C 3 HOH 36  336 5   HOH HOH A . 
C 3 HOH 37  337 10  HOH HOH A . 
C 3 HOH 38  338 58  HOH HOH A . 
C 3 HOH 39  339 3   HOH HOH A . 
C 3 HOH 40  340 34  HOH HOH A . 
C 3 HOH 41  341 66  HOH HOH A . 
C 3 HOH 42  342 88  HOH HOH A . 
C 3 HOH 43  343 2   HOH HOH A . 
C 3 HOH 44  344 120 HOH HOH A . 
C 3 HOH 45  345 32  HOH HOH A . 
C 3 HOH 46  346 81  HOH HOH A . 
C 3 HOH 47  347 52  HOH HOH A . 
C 3 HOH 48  348 6   HOH HOH A . 
C 3 HOH 49  349 111 HOH HOH A . 
C 3 HOH 50  350 64  HOH HOH A . 
C 3 HOH 51  351 36  HOH HOH A . 
C 3 HOH 52  352 9   HOH HOH A . 
C 3 HOH 53  353 146 HOH HOH A . 
C 3 HOH 54  354 114 HOH HOH A . 
C 3 HOH 55  355 83  HOH HOH A . 
C 3 HOH 56  356 106 HOH HOH A . 
C 3 HOH 57  357 62  HOH HOH A . 
C 3 HOH 58  358 19  HOH HOH A . 
C 3 HOH 59  359 148 HOH HOH A . 
C 3 HOH 60  360 74  HOH HOH A . 
C 3 HOH 61  361 8   HOH HOH A . 
C 3 HOH 62  362 39  HOH HOH A . 
C 3 HOH 63  363 40  HOH HOH A . 
C 3 HOH 64  364 90  HOH HOH A . 
C 3 HOH 65  365 31  HOH HOH A . 
C 3 HOH 66  366 15  HOH HOH A . 
C 3 HOH 67  367 126 HOH HOH A . 
C 3 HOH 68  368 142 HOH HOH A . 
C 3 HOH 69  369 60  HOH HOH A . 
C 3 HOH 70  370 4   HOH HOH A . 
C 3 HOH 71  371 94  HOH HOH A . 
C 3 HOH 72  372 25  HOH HOH A . 
C 3 HOH 73  373 133 HOH HOH A . 
C 3 HOH 74  374 150 HOH HOH A . 
C 3 HOH 75  375 24  HOH HOH A . 
C 3 HOH 76  376 29  HOH HOH A . 
C 3 HOH 77  377 14  HOH HOH A . 
C 3 HOH 78  378 85  HOH HOH A . 
C 3 HOH 79  379 76  HOH HOH A . 
C 3 HOH 80  380 102 HOH HOH A . 
C 3 HOH 81  381 151 HOH HOH A . 
C 3 HOH 82  382 116 HOH HOH A . 
C 3 HOH 83  383 107 HOH HOH A . 
C 3 HOH 84  384 98  HOH HOH A . 
C 3 HOH 85  385 30  HOH HOH A . 
C 3 HOH 86  386 134 HOH HOH A . 
C 3 HOH 87  387 13  HOH HOH A . 
C 3 HOH 88  388 119 HOH HOH A . 
C 3 HOH 89  389 152 HOH HOH A . 
C 3 HOH 90  390 27  HOH HOH A . 
C 3 HOH 91  391 132 HOH HOH A . 
C 3 HOH 92  392 75  HOH HOH A . 
C 3 HOH 93  393 140 HOH HOH A . 
C 3 HOH 94  394 121 HOH HOH A . 
C 3 HOH 95  395 82  HOH HOH A . 
C 3 HOH 96  396 122 HOH HOH A . 
C 3 HOH 97  397 155 HOH HOH A . 
C 3 HOH 98  398 47  HOH HOH A . 
C 3 HOH 99  399 56  HOH HOH A . 
C 3 HOH 100 400 99  HOH HOH A . 
C 3 HOH 101 401 73  HOH HOH A . 
C 3 HOH 102 402 92  HOH HOH A . 
C 3 HOH 103 403 130 HOH HOH A . 
C 3 HOH 104 404 104 HOH HOH A . 
C 3 HOH 105 405 63  HOH HOH A . 
C 3 HOH 106 406 78  HOH HOH A . 
C 3 HOH 107 407 72  HOH HOH A . 
C 3 HOH 108 408 100 HOH HOH A . 
C 3 HOH 109 409 86  HOH HOH A . 
C 3 HOH 110 410 137 HOH HOH A . 
C 3 HOH 111 411 65  HOH HOH A . 
C 3 HOH 112 412 96  HOH HOH A . 
C 3 HOH 113 413 22  HOH HOH A . 
C 3 HOH 114 414 115 HOH HOH A . 
C 3 HOH 115 415 97  HOH HOH A . 
C 3 HOH 116 416 93  HOH HOH A . 
C 3 HOH 117 417 135 HOH HOH A . 
C 3 HOH 118 418 149 HOH HOH A . 
C 3 HOH 119 419 136 HOH HOH A . 
C 3 HOH 120 420 51  HOH HOH A . 
C 3 HOH 121 421 68  HOH HOH A . 
C 3 HOH 122 422 131 HOH HOH A . 
C 3 HOH 123 423 141 HOH HOH A . 
# 
_pdbx_struct_assembly.id                   1 
_pdbx_struct_assembly.details              author_and_software_defined_assembly 
_pdbx_struct_assembly.method_details       PISA 
_pdbx_struct_assembly.oligomeric_details   monomeric 
_pdbx_struct_assembly.oligomeric_count     1 
# 
_pdbx_struct_assembly_gen.assembly_id       1 
_pdbx_struct_assembly_gen.oper_expression   1 
_pdbx_struct_assembly_gen.asym_id_list      A,B,C 
# 
loop_
_pdbx_struct_assembly_prop.biol_id 
_pdbx_struct_assembly_prop.type 
_pdbx_struct_assembly_prop.value 
_pdbx_struct_assembly_prop.details 
1 'ABSA (A^2)' 140  ? 
1 MORE         -0   ? 
1 'SSA (A^2)'  5340 ? 
# 
_pdbx_struct_oper_list.id                   1 
_pdbx_struct_oper_list.type                 'identity operation' 
_pdbx_struct_oper_list.name                 1_555 
_pdbx_struct_oper_list.symmetry_operation   x,y,z 
_pdbx_struct_oper_list.matrix[1][1]         1.0000000000 
_pdbx_struct_oper_list.matrix[1][2]         0.0000000000 
_pdbx_struct_oper_list.matrix[1][3]         0.0000000000 
_pdbx_struct_oper_list.vector[1]            0.0000000000 
_pdbx_struct_oper_list.matrix[2][1]         0.0000000000 
_pdbx_struct_oper_list.matrix[2][2]         1.0000000000 
_pdbx_struct_oper_list.matrix[2][3]         0.0000000000 
_pdbx_struct_oper_list.vector[2]            0.0000000000 
_pdbx_struct_oper_list.matrix[3][1]         0.0000000000 
_pdbx_struct_oper_list.matrix[3][2]         0.0000000000 
_pdbx_struct_oper_list.matrix[3][3]         1.0000000000 
_pdbx_struct_oper_list.vector[3]            0.0000000000 
# 
loop_
_pdbx_audit_revision_history.ordinal 
_pdbx_audit_revision_history.data_content_type 
_pdbx_audit_revision_history.major_revision 
_pdbx_audit_revision_history.minor_revision 
_pdbx_audit_revision_history.revision_date 
1 'Structure model' 1 0 2020-11-25 
2 'Structure model' 1 1 2023-10-18 
# 
_pdbx_audit_revision_details.ordinal             1 
_pdbx_audit_revision_details.revision_ordinal    1 
_pdbx_audit_revision_details.data_content_type   'Structure model' 
_pdbx_audit_revision_details.provider            repository 
_pdbx_audit_revision_details.type                'Initial release' 
_pdbx_audit_revision_details.description         ? 
_pdbx_audit_revision_details.details             ? 
# 
loop_
_pdbx_audit_revision_group.ordinal 
_pdbx_audit_revision_group.revision_ordinal 
_pdbx_audit_revision_group.data_content_type 
_pdbx_audit_revision_group.group 
1 2 'Structure model' 'Data collection'        
2 2 'Structure model' 'Database references'    
3 2 'Structure model' 'Refinement description' 
# 
loop_
_pdbx_audit_revision_category.ordinal 
_pdbx_audit_revision_category.revision_ordinal 
_pdbx_audit_revision_category.data_content_type 
_pdbx_audit_revision_category.category 
1 2 'Structure model' chem_comp_atom                
2 2 'Structure model' chem_comp_bond                
3 2 'Structure model' database_2                    
4 2 'Structure model' pdbx_initial_refinement_model 
# 
loop_
_pdbx_audit_revision_item.ordinal 
_pdbx_audit_revision_item.revision_ordinal 
_pdbx_audit_revision_item.data_content_type 
_pdbx_audit_revision_item.item 
1 2 'Structure model' '_database_2.pdbx_DOI'                
2 2 'Structure model' '_database_2.pdbx_database_accession' 
# 
loop_
_software.citation_id 
_software.classification 
_software.compiler_name 
_software.compiler_version 
_software.contact_author 
_software.contact_author_email 
_software.date 
_software.description 
_software.dependencies 
_software.hardware 
_software.language 
_software.location 
_software.mods 
_software.name 
_software.os 
_software.os_version 
_software.type 
_software.version 
_software.pdbx_ordinal 
? 'data scaling'    ? ? ? ? ? ? ? ? ? ? ? Aimless     ? ? ? 0.7.4       1 
? refinement        ? ? ? ? ? ? ? ? ? ? ? PHENIX      ? ? ? 1.10.1_2155 2 
? 'data extraction' ? ? ? ? ? ? ? ? ? ? ? PDB_EXTRACT ? ? ? 3.25        3 
? 'data reduction'  ? ? ? ? ? ? ? ? ? ? ? XDS         ? ? ? .           4 
? phasing           ? ? ? ? ? ? ? ? ? ? ? PHENIX      ? ? ? .           5 
# 
_pdbx_entry_details.entry_id                 6X1R 
_pdbx_entry_details.has_ligand_of_interest   N 
_pdbx_entry_details.compound_details         ? 
_pdbx_entry_details.source_details           ? 
_pdbx_entry_details.nonpolymer_details       ? 
_pdbx_entry_details.sequence_details         ? 
# 
loop_
_pdbx_validate_torsion.id 
_pdbx_validate_torsion.PDB_model_num 
_pdbx_validate_torsion.auth_comp_id 
_pdbx_validate_torsion.auth_asym_id 
_pdbx_validate_torsion.auth_seq_id 
_pdbx_validate_torsion.PDB_ins_code 
_pdbx_validate_torsion.label_alt_id 
_pdbx_validate_torsion.phi 
_pdbx_validate_torsion.psi 
1 1 SER A 115 ? ? -145.35 57.54 
2 1 ASN A 181 ? ? 57.51   18.49 
# 
_pdbx_distant_solvent_atoms.id                                1 
_pdbx_distant_solvent_atoms.PDB_model_num                     1 
_pdbx_distant_solvent_atoms.auth_atom_id                      O 
_pdbx_distant_solvent_atoms.label_alt_id                      ? 
_pdbx_distant_solvent_atoms.auth_asym_id                      A 
_pdbx_distant_solvent_atoms.auth_comp_id                      HOH 
_pdbx_distant_solvent_atoms.auth_seq_id                       423 
_pdbx_distant_solvent_atoms.PDB_ins_code                      ? 
_pdbx_distant_solvent_atoms.neighbor_macromolecule_distance   6.34 
_pdbx_distant_solvent_atoms.neighbor_ligand_distance          . 
# 
loop_
_pdbx_unobs_or_zero_occ_residues.id 
_pdbx_unobs_or_zero_occ_residues.PDB_model_num 
_pdbx_unobs_or_zero_occ_residues.polymer_flag 
_pdbx_unobs_or_zero_occ_residues.occupancy_flag 
_pdbx_unobs_or_zero_occ_residues.auth_asym_id 
_pdbx_unobs_or_zero_occ_residues.auth_comp_id 
_pdbx_unobs_or_zero_occ_residues.auth_seq_id 
_pdbx_unobs_or_zero_occ_residues.PDB_ins_code 
_pdbx_unobs_or_zero_occ_residues.label_asym_id 
_pdbx_unobs_or_zero_occ_residues.label_comp_id 
_pdbx_unobs_or_zero_occ_residues.label_seq_id 
1 1 Y 1 A HIS 101 ? A HIS 11  
2 1 Y 1 A GLY 102 ? A GLY 12  
3 1 Y 1 A ARG 103 ? A ARG 13  
4 1 Y 1 A ALA 188 ? A ALA 98  
5 1 Y 1 A GLU 189 ? A GLU 99  
6 1 Y 1 A LEU 190 ? A LEU 100 
7 1 Y 1 A SER 191 ? A SER 101 
8 1 Y 1 A ARG 192 ? A ARG 102 
# 
loop_
_chem_comp_atom.comp_id 
_chem_comp_atom.atom_id 
_chem_comp_atom.type_symbol 
_chem_comp_atom.pdbx_aromatic_flag 
_chem_comp_atom.pdbx_stereo_config 
_chem_comp_atom.pdbx_ordinal 
ALA N    N N N 1   
ALA CA   C N S 2   
ALA C    C N N 3   
ALA O    O N N 4   
ALA CB   C N N 5   
ALA OXT  O N N 6   
ALA H    H N N 7   
ALA H2   H N N 8   
ALA HA   H N N 9   
ALA HB1  H N N 10  
ALA HB2  H N N 11  
ALA HB3  H N N 12  
ALA HXT  H N N 13  
ARG N    N N N 14  
ARG CA   C N S 15  
ARG C    C N N 16  
ARG O    O N N 17  
ARG CB   C N N 18  
ARG CG   C N N 19  
ARG CD   C N N 20  
ARG NE   N N N 21  
ARG CZ   C N N 22  
ARG NH1  N N N 23  
ARG NH2  N N N 24  
ARG OXT  O N N 25  
ARG H    H N N 26  
ARG H2   H N N 27  
ARG HA   H N N 28  
ARG HB2  H N N 29  
ARG HB3  H N N 30  
ARG HG2  H N N 31  
ARG HG3  H N N 32  
ARG HD2  H N N 33  
ARG HD3  H N N 34  
ARG HE   H N N 35  
ARG HH11 H N N 36  
ARG HH12 H N N 37  
ARG HH21 H N N 38  
ARG HH22 H N N 39  
ARG HXT  H N N 40  
ASN N    N N N 41  
ASN CA   C N S 42  
ASN C    C N N 43  
ASN O    O N N 44  
ASN CB   C N N 45  
ASN CG   C N N 46  
ASN OD1  O N N 47  
ASN ND2  N N N 48  
ASN OXT  O N N 49  
ASN H    H N N 50  
ASN H2   H N N 51  
ASN HA   H N N 52  
ASN HB2  H N N 53  
ASN HB3  H N N 54  
ASN HD21 H N N 55  
ASN HD22 H N N 56  
ASN HXT  H N N 57  
ASP N    N N N 58  
ASP CA   C N S 59  
ASP C    C N N 60  
ASP O    O N N 61  
ASP CB   C N N 62  
ASP CG   C N N 63  
ASP OD1  O N N 64  
ASP OD2  O N N 65  
ASP OXT  O N N 66  
ASP H    H N N 67  
ASP H2   H N N 68  
ASP HA   H N N 69  
ASP HB2  H N N 70  
ASP HB3  H N N 71  
ASP HD2  H N N 72  
ASP HXT  H N N 73  
CYS N    N N N 74  
CYS CA   C N R 75  
CYS C    C N N 76  
CYS O    O N N 77  
CYS CB   C N N 78  
CYS SG   S N N 79  
CYS OXT  O N N 80  
CYS H    H N N 81  
CYS H2   H N N 82  
CYS HA   H N N 83  
CYS HB2  H N N 84  
CYS HB3  H N N 85  
CYS HG   H N N 86  
CYS HXT  H N N 87  
GLN N    N N N 88  
GLN CA   C N S 89  
GLN C    C N N 90  
GLN O    O N N 91  
GLN CB   C N N 92  
GLN CG   C N N 93  
GLN CD   C N N 94  
GLN OE1  O N N 95  
GLN NE2  N N N 96  
GLN OXT  O N N 97  
GLN H    H N N 98  
GLN H2   H N N 99  
GLN HA   H N N 100 
GLN HB2  H N N 101 
GLN HB3  H N N 102 
GLN HG2  H N N 103 
GLN HG3  H N N 104 
GLN HE21 H N N 105 
GLN HE22 H N N 106 
GLN HXT  H N N 107 
GLU N    N N N 108 
GLU CA   C N S 109 
GLU C    C N N 110 
GLU O    O N N 111 
GLU CB   C N N 112 
GLU CG   C N N 113 
GLU CD   C N N 114 
GLU OE1  O N N 115 
GLU OE2  O N N 116 
GLU OXT  O N N 117 
GLU H    H N N 118 
GLU H2   H N N 119 
GLU HA   H N N 120 
GLU HB2  H N N 121 
GLU HB3  H N N 122 
GLU HG2  H N N 123 
GLU HG3  H N N 124 
GLU HE2  H N N 125 
GLU HXT  H N N 126 
GLY N    N N N 127 
GLY CA   C N N 128 
GLY C    C N N 129 
GLY O    O N N 130 
GLY OXT  O N N 131 
GLY H    H N N 132 
GLY H2   H N N 133 
GLY HA2  H N N 134 
GLY HA3  H N N 135 
GLY HXT  H N N 136 
GOL C1   C N N 137 
GOL O1   O N N 138 
GOL C2   C N N 139 
GOL O2   O N N 140 
GOL C3   C N N 141 
GOL O3   O N N 142 
GOL H11  H N N 143 
GOL H12  H N N 144 
GOL HO1  H N N 145 
GOL H2   H N N 146 
GOL HO2  H N N 147 
GOL H31  H N N 148 
GOL H32  H N N 149 
GOL HO3  H N N 150 
HIS N    N N N 151 
HIS CA   C N S 152 
HIS C    C N N 153 
HIS O    O N N 154 
HIS CB   C N N 155 
HIS CG   C Y N 156 
HIS ND1  N Y N 157 
HIS CD2  C Y N 158 
HIS CE1  C Y N 159 
HIS NE2  N Y N 160 
HIS OXT  O N N 161 
HIS H    H N N 162 
HIS H2   H N N 163 
HIS HA   H N N 164 
HIS HB2  H N N 165 
HIS HB3  H N N 166 
HIS HD1  H N N 167 
HIS HD2  H N N 168 
HIS HE1  H N N 169 
HIS HE2  H N N 170 
HIS HXT  H N N 171 
HOH O    O N N 172 
HOH H1   H N N 173 
HOH H2   H N N 174 
ILE N    N N N 175 
ILE CA   C N S 176 
ILE C    C N N 177 
ILE O    O N N 178 
ILE CB   C N S 179 
ILE CG1  C N N 180 
ILE CG2  C N N 181 
ILE CD1  C N N 182 
ILE OXT  O N N 183 
ILE H    H N N 184 
ILE H2   H N N 185 
ILE HA   H N N 186 
ILE HB   H N N 187 
ILE HG12 H N N 188 
ILE HG13 H N N 189 
ILE HG21 H N N 190 
ILE HG22 H N N 191 
ILE HG23 H N N 192 
ILE HD11 H N N 193 
ILE HD12 H N N 194 
ILE HD13 H N N 195 
ILE HXT  H N N 196 
LEU N    N N N 197 
LEU CA   C N S 198 
LEU C    C N N 199 
LEU O    O N N 200 
LEU CB   C N N 201 
LEU CG   C N N 202 
LEU CD1  C N N 203 
LEU CD2  C N N 204 
LEU OXT  O N N 205 
LEU H    H N N 206 
LEU H2   H N N 207 
LEU HA   H N N 208 
LEU HB2  H N N 209 
LEU HB3  H N N 210 
LEU HG   H N N 211 
LEU HD11 H N N 212 
LEU HD12 H N N 213 
LEU HD13 H N N 214 
LEU HD21 H N N 215 
LEU HD22 H N N 216 
LEU HD23 H N N 217 
LEU HXT  H N N 218 
LYS N    N N N 219 
LYS CA   C N S 220 
LYS C    C N N 221 
LYS O    O N N 222 
LYS CB   C N N 223 
LYS CG   C N N 224 
LYS CD   C N N 225 
LYS CE   C N N 226 
LYS NZ   N N N 227 
LYS OXT  O N N 228 
LYS H    H N N 229 
LYS H2   H N N 230 
LYS HA   H N N 231 
LYS HB2  H N N 232 
LYS HB3  H N N 233 
LYS HG2  H N N 234 
LYS HG3  H N N 235 
LYS HD2  H N N 236 
LYS HD3  H N N 237 
LYS HE2  H N N 238 
LYS HE3  H N N 239 
LYS HZ1  H N N 240 
LYS HZ2  H N N 241 
LYS HZ3  H N N 242 
LYS HXT  H N N 243 
MET N    N N N 244 
MET CA   C N S 245 
MET C    C N N 246 
MET O    O N N 247 
MET CB   C N N 248 
MET CG   C N N 249 
MET SD   S N N 250 
MET CE   C N N 251 
MET OXT  O N N 252 
MET H    H N N 253 
MET H2   H N N 254 
MET HA   H N N 255 
MET HB2  H N N 256 
MET HB3  H N N 257 
MET HG2  H N N 258 
MET HG3  H N N 259 
MET HE1  H N N 260 
MET HE2  H N N 261 
MET HE3  H N N 262 
MET HXT  H N N 263 
PHE N    N N N 264 
PHE CA   C N S 265 
PHE C    C N N 266 
PHE O    O N N 267 
PHE CB   C N N 268 
PHE CG   C Y N 269 
PHE CD1  C Y N 270 
PHE CD2  C Y N 271 
PHE CE1  C Y N 272 
PHE CE2  C Y N 273 
PHE CZ   C Y N 274 
PHE OXT  O N N 275 
PHE H    H N N 276 
PHE H2   H N N 277 
PHE HA   H N N 278 
PHE HB2  H N N 279 
PHE HB3  H N N 280 
PHE HD1  H N N 281 
PHE HD2  H N N 282 
PHE HE1  H N N 283 
PHE HE2  H N N 284 
PHE HZ   H N N 285 
PHE HXT  H N N 286 
PRO N    N N N 287 
PRO CA   C N S 288 
PRO C    C N N 289 
PRO O    O N N 290 
PRO CB   C N N 291 
PRO CG   C N N 292 
PRO CD   C N N 293 
PRO OXT  O N N 294 
PRO H    H N N 295 
PRO HA   H N N 296 
PRO HB2  H N N 297 
PRO HB3  H N N 298 
PRO HG2  H N N 299 
PRO HG3  H N N 300 
PRO HD2  H N N 301 
PRO HD3  H N N 302 
PRO HXT  H N N 303 
SER N    N N N 304 
SER CA   C N S 305 
SER C    C N N 306 
SER O    O N N 307 
SER CB   C N N 308 
SER OG   O N N 309 
SER OXT  O N N 310 
SER H    H N N 311 
SER H2   H N N 312 
SER HA   H N N 313 
SER HB2  H N N 314 
SER HB3  H N N 315 
SER HG   H N N 316 
SER HXT  H N N 317 
THR N    N N N 318 
THR CA   C N S 319 
THR C    C N N 320 
THR O    O N N 321 
THR CB   C N R 322 
THR OG1  O N N 323 
THR CG2  C N N 324 
THR OXT  O N N 325 
THR H    H N N 326 
THR H2   H N N 327 
THR HA   H N N 328 
THR HB   H N N 329 
THR HG1  H N N 330 
THR HG21 H N N 331 
THR HG22 H N N 332 
THR HG23 H N N 333 
THR HXT  H N N 334 
VAL N    N N N 335 
VAL CA   C N S 336 
VAL C    C N N 337 
VAL O    O N N 338 
VAL CB   C N N 339 
VAL CG1  C N N 340 
VAL CG2  C N N 341 
VAL OXT  O N N 342 
VAL H    H N N 343 
VAL H2   H N N 344 
VAL HA   H N N 345 
VAL HB   H N N 346 
VAL HG11 H N N 347 
VAL HG12 H N N 348 
VAL HG13 H N N 349 
VAL HG21 H N N 350 
VAL HG22 H N N 351 
VAL HG23 H N N 352 
VAL HXT  H N N 353 
# 
loop_
_chem_comp_bond.comp_id 
_chem_comp_bond.atom_id_1 
_chem_comp_bond.atom_id_2 
_chem_comp_bond.value_order 
_chem_comp_bond.pdbx_aromatic_flag 
_chem_comp_bond.pdbx_stereo_config 
_chem_comp_bond.pdbx_ordinal 
ALA N   CA   sing N N 1   
ALA N   H    sing N N 2   
ALA N   H2   sing N N 3   
ALA CA  C    sing N N 4   
ALA CA  CB   sing N N 5   
ALA CA  HA   sing N N 6   
ALA C   O    doub N N 7   
ALA C   OXT  sing N N 8   
ALA CB  HB1  sing N N 9   
ALA CB  HB2  sing N N 10  
ALA CB  HB3  sing N N 11  
ALA OXT HXT  sing N N 12  
ARG N   CA   sing N N 13  
ARG N   H    sing N N 14  
ARG N   H2   sing N N 15  
ARG CA  C    sing N N 16  
ARG CA  CB   sing N N 17  
ARG CA  HA   sing N N 18  
ARG C   O    doub N N 19  
ARG C   OXT  sing N N 20  
ARG CB  CG   sing N N 21  
ARG CB  HB2  sing N N 22  
ARG CB  HB3  sing N N 23  
ARG CG  CD   sing N N 24  
ARG CG  HG2  sing N N 25  
ARG CG  HG3  sing N N 26  
ARG CD  NE   sing N N 27  
ARG CD  HD2  sing N N 28  
ARG CD  HD3  sing N N 29  
ARG NE  CZ   sing N N 30  
ARG NE  HE   sing N N 31  
ARG CZ  NH1  sing N N 32  
ARG CZ  NH2  doub N N 33  
ARG NH1 HH11 sing N N 34  
ARG NH1 HH12 sing N N 35  
ARG NH2 HH21 sing N N 36  
ARG NH2 HH22 sing N N 37  
ARG OXT HXT  sing N N 38  
ASN N   CA   sing N N 39  
ASN N   H    sing N N 40  
ASN N   H2   sing N N 41  
ASN CA  C    sing N N 42  
ASN CA  CB   sing N N 43  
ASN CA  HA   sing N N 44  
ASN C   O    doub N N 45  
ASN C   OXT  sing N N 46  
ASN CB  CG   sing N N 47  
ASN CB  HB2  sing N N 48  
ASN CB  HB3  sing N N 49  
ASN CG  OD1  doub N N 50  
ASN CG  ND2  sing N N 51  
ASN ND2 HD21 sing N N 52  
ASN ND2 HD22 sing N N 53  
ASN OXT HXT  sing N N 54  
ASP N   CA   sing N N 55  
ASP N   H    sing N N 56  
ASP N   H2   sing N N 57  
ASP CA  C    sing N N 58  
ASP CA  CB   sing N N 59  
ASP CA  HA   sing N N 60  
ASP C   O    doub N N 61  
ASP C   OXT  sing N N 62  
ASP CB  CG   sing N N 63  
ASP CB  HB2  sing N N 64  
ASP CB  HB3  sing N N 65  
ASP CG  OD1  doub N N 66  
ASP CG  OD2  sing N N 67  
ASP OD2 HD2  sing N N 68  
ASP OXT HXT  sing N N 69  
CYS N   CA   sing N N 70  
CYS N   H    sing N N 71  
CYS N   H2   sing N N 72  
CYS CA  C    sing N N 73  
CYS CA  CB   sing N N 74  
CYS CA  HA   sing N N 75  
CYS C   O    doub N N 76  
CYS C   OXT  sing N N 77  
CYS CB  SG   sing N N 78  
CYS CB  HB2  sing N N 79  
CYS CB  HB3  sing N N 80  
CYS SG  HG   sing N N 81  
CYS OXT HXT  sing N N 82  
GLN N   CA   sing N N 83  
GLN N   H    sing N N 84  
GLN N   H2   sing N N 85  
GLN CA  C    sing N N 86  
GLN CA  CB   sing N N 87  
GLN CA  HA   sing N N 88  
GLN C   O    doub N N 89  
GLN C   OXT  sing N N 90  
GLN CB  CG   sing N N 91  
GLN CB  HB2  sing N N 92  
GLN CB  HB3  sing N N 93  
GLN CG  CD   sing N N 94  
GLN CG  HG2  sing N N 95  
GLN CG  HG3  sing N N 96  
GLN CD  OE1  doub N N 97  
GLN CD  NE2  sing N N 98  
GLN NE2 HE21 sing N N 99  
GLN NE2 HE22 sing N N 100 
GLN OXT HXT  sing N N 101 
GLU N   CA   sing N N 102 
GLU N   H    sing N N 103 
GLU N   H2   sing N N 104 
GLU CA  C    sing N N 105 
GLU CA  CB   sing N N 106 
GLU CA  HA   sing N N 107 
GLU C   O    doub N N 108 
GLU C   OXT  sing N N 109 
GLU CB  CG   sing N N 110 
GLU CB  HB2  sing N N 111 
GLU CB  HB3  sing N N 112 
GLU CG  CD   sing N N 113 
GLU CG  HG2  sing N N 114 
GLU CG  HG3  sing N N 115 
GLU CD  OE1  doub N N 116 
GLU CD  OE2  sing N N 117 
GLU OE2 HE2  sing N N 118 
GLU OXT HXT  sing N N 119 
GLY N   CA   sing N N 120 
GLY N   H    sing N N 121 
GLY N   H2   sing N N 122 
GLY CA  C    sing N N 123 
GLY CA  HA2  sing N N 124 
GLY CA  HA3  sing N N 125 
GLY C   O    doub N N 126 
GLY C   OXT  sing N N 127 
GLY OXT HXT  sing N N 128 
GOL C1  O1   sing N N 129 
GOL C1  C2   sing N N 130 
GOL C1  H11  sing N N 131 
GOL C1  H12  sing N N 132 
GOL O1  HO1  sing N N 133 
GOL C2  O2   sing N N 134 
GOL C2  C3   sing N N 135 
GOL C2  H2   sing N N 136 
GOL O2  HO2  sing N N 137 
GOL C3  O3   sing N N 138 
GOL C3  H31  sing N N 139 
GOL C3  H32  sing N N 140 
GOL O3  HO3  sing N N 141 
HIS N   CA   sing N N 142 
HIS N   H    sing N N 143 
HIS N   H2   sing N N 144 
HIS CA  C    sing N N 145 
HIS CA  CB   sing N N 146 
HIS CA  HA   sing N N 147 
HIS C   O    doub N N 148 
HIS C   OXT  sing N N 149 
HIS CB  CG   sing N N 150 
HIS CB  HB2  sing N N 151 
HIS CB  HB3  sing N N 152 
HIS CG  ND1  sing Y N 153 
HIS CG  CD2  doub Y N 154 
HIS ND1 CE1  doub Y N 155 
HIS ND1 HD1  sing N N 156 
HIS CD2 NE2  sing Y N 157 
HIS CD2 HD2  sing N N 158 
HIS CE1 NE2  sing Y N 159 
HIS CE1 HE1  sing N N 160 
HIS NE2 HE2  sing N N 161 
HIS OXT HXT  sing N N 162 
HOH O   H1   sing N N 163 
HOH O   H2   sing N N 164 
ILE N   CA   sing N N 165 
ILE N   H    sing N N 166 
ILE N   H2   sing N N 167 
ILE CA  C    sing N N 168 
ILE CA  CB   sing N N 169 
ILE CA  HA   sing N N 170 
ILE C   O    doub N N 171 
ILE C   OXT  sing N N 172 
ILE CB  CG1  sing N N 173 
ILE CB  CG2  sing N N 174 
ILE CB  HB   sing N N 175 
ILE CG1 CD1  sing N N 176 
ILE CG1 HG12 sing N N 177 
ILE CG1 HG13 sing N N 178 
ILE CG2 HG21 sing N N 179 
ILE CG2 HG22 sing N N 180 
ILE CG2 HG23 sing N N 181 
ILE CD1 HD11 sing N N 182 
ILE CD1 HD12 sing N N 183 
ILE CD1 HD13 sing N N 184 
ILE OXT HXT  sing N N 185 
LEU N   CA   sing N N 186 
LEU N   H    sing N N 187 
LEU N   H2   sing N N 188 
LEU CA  C    sing N N 189 
LEU CA  CB   sing N N 190 
LEU CA  HA   sing N N 191 
LEU C   O    doub N N 192 
LEU C   OXT  sing N N 193 
LEU CB  CG   sing N N 194 
LEU CB  HB2  sing N N 195 
LEU CB  HB3  sing N N 196 
LEU CG  CD1  sing N N 197 
LEU CG  CD2  sing N N 198 
LEU CG  HG   sing N N 199 
LEU CD1 HD11 sing N N 200 
LEU CD1 HD12 sing N N 201 
LEU CD1 HD13 sing N N 202 
LEU CD2 HD21 sing N N 203 
LEU CD2 HD22 sing N N 204 
LEU CD2 HD23 sing N N 205 
LEU OXT HXT  sing N N 206 
LYS N   CA   sing N N 207 
LYS N   H    sing N N 208 
LYS N   H2   sing N N 209 
LYS CA  C    sing N N 210 
LYS CA  CB   sing N N 211 
LYS CA  HA   sing N N 212 
LYS C   O    doub N N 213 
LYS C   OXT  sing N N 214 
LYS CB  CG   sing N N 215 
LYS CB  HB2  sing N N 216 
LYS CB  HB3  sing N N 217 
LYS CG  CD   sing N N 218 
LYS CG  HG2  sing N N 219 
LYS CG  HG3  sing N N 220 
LYS CD  CE   sing N N 221 
LYS CD  HD2  sing N N 222 
LYS CD  HD3  sing N N 223 
LYS CE  NZ   sing N N 224 
LYS CE  HE2  sing N N 225 
LYS CE  HE3  sing N N 226 
LYS NZ  HZ1  sing N N 227 
LYS NZ  HZ2  sing N N 228 
LYS NZ  HZ3  sing N N 229 
LYS OXT HXT  sing N N 230 
MET N   CA   sing N N 231 
MET N   H    sing N N 232 
MET N   H2   sing N N 233 
MET CA  C    sing N N 234 
MET CA  CB   sing N N 235 
MET CA  HA   sing N N 236 
MET C   O    doub N N 237 
MET C   OXT  sing N N 238 
MET CB  CG   sing N N 239 
MET CB  HB2  sing N N 240 
MET CB  HB3  sing N N 241 
MET CG  SD   sing N N 242 
MET CG  HG2  sing N N 243 
MET CG  HG3  sing N N 244 
MET SD  CE   sing N N 245 
MET CE  HE1  sing N N 246 
MET CE  HE2  sing N N 247 
MET CE  HE3  sing N N 248 
MET OXT HXT  sing N N 249 
PHE N   CA   sing N N 250 
PHE N   H    sing N N 251 
PHE N   H2   sing N N 252 
PHE CA  C    sing N N 253 
PHE CA  CB   sing N N 254 
PHE CA  HA   sing N N 255 
PHE C   O    doub N N 256 
PHE C   OXT  sing N N 257 
PHE CB  CG   sing N N 258 
PHE CB  HB2  sing N N 259 
PHE CB  HB3  sing N N 260 
PHE CG  CD1  doub Y N 261 
PHE CG  CD2  sing Y N 262 
PHE CD1 CE1  sing Y N 263 
PHE CD1 HD1  sing N N 264 
PHE CD2 CE2  doub Y N 265 
PHE CD2 HD2  sing N N 266 
PHE CE1 CZ   doub Y N 267 
PHE CE1 HE1  sing N N 268 
PHE CE2 CZ   sing Y N 269 
PHE CE2 HE2  sing N N 270 
PHE CZ  HZ   sing N N 271 
PHE OXT HXT  sing N N 272 
PRO N   CA   sing N N 273 
PRO N   CD   sing N N 274 
PRO N   H    sing N N 275 
PRO CA  C    sing N N 276 
PRO CA  CB   sing N N 277 
PRO CA  HA   sing N N 278 
PRO C   O    doub N N 279 
PRO C   OXT  sing N N 280 
PRO CB  CG   sing N N 281 
PRO CB  HB2  sing N N 282 
PRO CB  HB3  sing N N 283 
PRO CG  CD   sing N N 284 
PRO CG  HG2  sing N N 285 
PRO CG  HG3  sing N N 286 
PRO CD  HD2  sing N N 287 
PRO CD  HD3  sing N N 288 
PRO OXT HXT  sing N N 289 
SER N   CA   sing N N 290 
SER N   H    sing N N 291 
SER N   H2   sing N N 292 
SER CA  C    sing N N 293 
SER CA  CB   sing N N 294 
SER CA  HA   sing N N 295 
SER C   O    doub N N 296 
SER C   OXT  sing N N 297 
SER CB  OG   sing N N 298 
SER CB  HB2  sing N N 299 
SER CB  HB3  sing N N 300 
SER OG  HG   sing N N 301 
SER OXT HXT  sing N N 302 
THR N   CA   sing N N 303 
THR N   H    sing N N 304 
THR N   H2   sing N N 305 
THR CA  C    sing N N 306 
THR CA  CB   sing N N 307 
THR CA  HA   sing N N 308 
THR C   O    doub N N 309 
THR C   OXT  sing N N 310 
THR CB  OG1  sing N N 311 
THR CB  CG2  sing N N 312 
THR CB  HB   sing N N 313 
THR OG1 HG1  sing N N 314 
THR CG2 HG21 sing N N 315 
THR CG2 HG22 sing N N 316 
THR CG2 HG23 sing N N 317 
THR OXT HXT  sing N N 318 
VAL N   CA   sing N N 319 
VAL N   H    sing N N 320 
VAL N   H2   sing N N 321 
VAL CA  C    sing N N 322 
VAL CA  CB   sing N N 323 
VAL CA  HA   sing N N 324 
VAL C   O    doub N N 325 
VAL C   OXT  sing N N 326 
VAL CB  CG1  sing N N 327 
VAL CB  CG2  sing N N 328 
VAL CB  HB   sing N N 329 
VAL CG1 HG11 sing N N 330 
VAL CG1 HG12 sing N N 331 
VAL CG1 HG13 sing N N 332 
VAL CG2 HG21 sing N N 333 
VAL CG2 HG22 sing N N 334 
VAL CG2 HG23 sing N N 335 
VAL OXT HXT  sing N N 336 
# 
_pdbx_audit_support.funding_organization   'National Science Foundation (NSF, United States)' 
_pdbx_audit_support.country                'United States' 
_pdbx_audit_support.grant_number           CHE-1904711 
_pdbx_audit_support.ordinal                1 
# 
loop_
_pdbx_entity_nonpoly.entity_id 
_pdbx_entity_nonpoly.name 
_pdbx_entity_nonpoly.comp_id 
2 GLYCEROL GOL 
3 water    HOH 
# 
_pdbx_initial_refinement_model.id               1 
_pdbx_initial_refinement_model.entity_id_list   ? 
_pdbx_initial_refinement_model.type             'experimental model' 
_pdbx_initial_refinement_model.source_name      PDB 
_pdbx_initial_refinement_model.accession_code   2BYG 
_pdbx_initial_refinement_model.details          'PDB entry 2BYG' 
# 
_pdbx_struct_assembly_auth_evidence.id                     1 
_pdbx_struct_assembly_auth_evidence.assembly_id            1 
_pdbx_struct_assembly_auth_evidence.experimental_support   'gel filtration' 
_pdbx_struct_assembly_auth_evidence.details                ? 
# 
